data_2F3N
# 
_entry.id   2F3N 
# 
_audit_conform.dict_name       mmcif_pdbx.dic 
_audit_conform.dict_version    5.387 
_audit_conform.dict_location   http://mmcif.pdb.org/dictionaries/ascii/mmcif_pdbx.dic 
# 
loop_
_database_2.database_id 
_database_2.database_code 
_database_2.pdbx_database_accession 
_database_2.pdbx_DOI 
PDB   2F3N         pdb_00002f3n 10.2210/pdb2f3n/pdb 
RCSB  RCSB035411   ?            ?                   
WWPDB D_1000035411 ?            ?                   
# 
loop_
_pdbx_audit_revision_history.ordinal 
_pdbx_audit_revision_history.data_content_type 
_pdbx_audit_revision_history.major_revision 
_pdbx_audit_revision_history.minor_revision 
_pdbx_audit_revision_history.revision_date 
1 'Structure model' 1 0 2006-02-07 
2 'Structure model' 1 1 2008-05-01 
3 'Structure model' 1 2 2011-07-13 
4 'Structure model' 1 3 2021-10-20 
5 'Structure model' 1 4 2024-02-14 
# 
_pdbx_audit_revision_details.ordinal             1 
_pdbx_audit_revision_details.revision_ordinal    1 
_pdbx_audit_revision_details.data_content_type   'Structure model' 
_pdbx_audit_revision_details.provider            repository 
_pdbx_audit_revision_details.type                'Initial release' 
_pdbx_audit_revision_details.description         ? 
_pdbx_audit_revision_details.details             ? 
# 
loop_
_pdbx_audit_revision_group.ordinal 
_pdbx_audit_revision_group.revision_ordinal 
_pdbx_audit_revision_group.data_content_type 
_pdbx_audit_revision_group.group 
1 2 'Structure model' 'Version format compliance' 
2 3 'Structure model' 'Version format compliance' 
3 4 'Structure model' 'Database references'       
4 5 'Structure model' 'Data collection'           
# 
loop_
_pdbx_audit_revision_category.ordinal 
_pdbx_audit_revision_category.revision_ordinal 
_pdbx_audit_revision_category.data_content_type 
_pdbx_audit_revision_category.category 
1 4 'Structure model' database_2         
2 4 'Structure model' struct_ref_seq_dif 
3 5 'Structure model' chem_comp_atom     
4 5 'Structure model' chem_comp_bond     
# 
loop_
_pdbx_audit_revision_item.ordinal 
_pdbx_audit_revision_item.revision_ordinal 
_pdbx_audit_revision_item.data_content_type 
_pdbx_audit_revision_item.item 
1 4 'Structure model' '_database_2.pdbx_DOI'                
2 4 'Structure model' '_database_2.pdbx_database_accession' 
3 4 'Structure model' '_struct_ref_seq_dif.details'         
# 
_pdbx_database_status.status_code                     REL 
_pdbx_database_status.entry_id                        2F3N 
_pdbx_database_status.recvd_initial_deposition_date   2005-11-22 
_pdbx_database_status.deposit_site                    RCSB 
_pdbx_database_status.process_site                    RCSB 
_pdbx_database_status.status_code_sf                  ? 
_pdbx_database_status.status_code_mr                  ? 
_pdbx_database_status.SG_entry                        ? 
_pdbx_database_status.pdb_format_compatible           Y 
_pdbx_database_status.status_code_cs                  ? 
_pdbx_database_status.status_code_nmr_data            ? 
_pdbx_database_status.methods_development_category    ? 
# 
loop_
_audit_author.name 
_audit_author.pdbx_ordinal 
'Baron, M.K.' 1 
'Bowie, J.U.' 2 
'Faham, S.'   3 
# 
_citation.id                        primary 
_citation.title                     'An architectural framework that may lie at the core of the postsynaptic density.' 
_citation.journal_abbrev            Science 
_citation.journal_volume            311 
_citation.page_first                531 
_citation.page_last                 535 
_citation.year                      2006 
_citation.journal_id_ASTM           SCIEAS 
_citation.country                   US 
_citation.journal_id_ISSN           0036-8075 
_citation.journal_id_CSD            0038 
_citation.book_publisher            ? 
_citation.pdbx_database_id_PubMed   16439662 
_citation.pdbx_database_id_DOI      10.1126/science.1118995 
# 
loop_
_citation_author.citation_id 
_citation_author.name 
_citation_author.ordinal 
_citation_author.identifier_ORCID 
primary 'Baron, M.K.'        1 ? 
primary 'Boeckers, T.M.'     2 ? 
primary 'Vaida, B.'          3 ? 
primary 'Faham, S.'          4 ? 
primary 'Gingery, M.'        5 ? 
primary 'Sawaya, M.R.'       6 ? 
primary 'Salyer, D.'         7 ? 
primary 'Gundelfinger, E.D.' 8 ? 
primary 'Bowie, J.U.'        9 ? 
# 
loop_
_entity.id 
_entity.type 
_entity.src_method 
_entity.pdbx_description 
_entity.formula_weight 
_entity.pdbx_number_of_molecules 
_entity.pdbx_ec 
_entity.pdbx_mutation 
_entity.pdbx_fragment 
_entity.details 
1 polymer man 'SH3 and multiple ankyrin repeat domains 3' 9092.104 3   ? M55E 'SAM Domain' ? 
2 water   nat water                                       18.015   162 ? ?    ?            ? 
# 
_entity_name_com.entity_id   1 
_entity_name_com.name        'Shank3, Proline-rich synapse associated protein 2, ProSAP2, SPANK-2' 
# 
_entity_poly.entity_id                      1 
_entity_poly.type                           'polypeptide(L)' 
_entity_poly.nstd_linkage                   no 
_entity_poly.nstd_monomer                   no 
_entity_poly.pdbx_seq_one_letter_code       MLQLWSKFDVGDWLESIHLGEHRDRFEDHEIEGAHLPALTKEDFVELGVTRVGHRENIERALRQLDGSRRHHHHHH 
_entity_poly.pdbx_seq_one_letter_code_can   MLQLWSKFDVGDWLESIHLGEHRDRFEDHEIEGAHLPALTKEDFVELGVTRVGHRENIERALRQLDGSRRHHHHHH 
_entity_poly.pdbx_strand_id                 A,B,C 
_entity_poly.pdbx_target_identifier         ? 
# 
_pdbx_entity_nonpoly.entity_id   2 
_pdbx_entity_nonpoly.name        water 
_pdbx_entity_nonpoly.comp_id     HOH 
# 
loop_
_entity_poly_seq.entity_id 
_entity_poly_seq.num 
_entity_poly_seq.mon_id 
_entity_poly_seq.hetero 
1 1  MET n 
1 2  LEU n 
1 3  GLN n 
1 4  LEU n 
1 5  TRP n 
1 6  SER n 
1 7  LYS n 
1 8  PHE n 
1 9  ASP n 
1 10 VAL n 
1 11 GLY n 
1 12 ASP n 
1 13 TRP n 
1 14 LEU n 
1 15 GLU n 
1 16 SER n 
1 17 ILE n 
1 18 HIS n 
1 19 LEU n 
1 20 GLY n 
1 21 GLU n 
1 22 HIS n 
1 23 ARG n 
1 24 ASP n 
1 25 ARG n 
1 26 PHE n 
1 27 GLU n 
1 28 ASP n 
1 29 HIS n 
1 30 GLU n 
1 31 ILE n 
1 32 GLU n 
1 33 GLY n 
1 34 ALA n 
1 35 HIS n 
1 36 LEU n 
1 37 PRO n 
1 38 ALA n 
1 39 LEU n 
1 40 THR n 
1 41 LYS n 
1 42 GLU n 
1 43 ASP n 
1 44 PHE n 
1 45 VAL n 
1 46 GLU n 
1 47 LEU n 
1 48 GLY n 
1 49 VAL n 
1 50 THR n 
1 51 ARG n 
1 52 VAL n 
1 53 GLY n 
1 54 HIS n 
1 55 ARG n 
1 56 GLU n 
1 57 ASN n 
1 58 ILE n 
1 59 GLU n 
1 60 ARG n 
1 61 ALA n 
1 62 LEU n 
1 63 ARG n 
1 64 GLN n 
1 65 LEU n 
1 66 ASP n 
1 67 GLY n 
1 68 SER n 
1 69 ARG n 
1 70 ARG n 
1 71 HIS n 
1 72 HIS n 
1 73 HIS n 
1 74 HIS n 
1 75 HIS n 
1 76 HIS n 
# 
_entity_src_gen.entity_id                          1 
_entity_src_gen.pdbx_src_id                        1 
_entity_src_gen.pdbx_alt_source_flag               sample 
_entity_src_gen.pdbx_seq_type                      ? 
_entity_src_gen.pdbx_beg_seq_num                   ? 
_entity_src_gen.pdbx_end_seq_num                   ? 
_entity_src_gen.gene_src_common_name               'Norway rat' 
_entity_src_gen.gene_src_genus                     Rattus 
_entity_src_gen.pdbx_gene_src_gene                 Shank3 
_entity_src_gen.gene_src_species                   ? 
_entity_src_gen.gene_src_strain                    ? 
_entity_src_gen.gene_src_tissue                    ? 
_entity_src_gen.gene_src_tissue_fraction           ? 
_entity_src_gen.gene_src_details                   ? 
_entity_src_gen.pdbx_gene_src_fragment             ? 
_entity_src_gen.pdbx_gene_src_scientific_name      'Rattus norvegicus' 
_entity_src_gen.pdbx_gene_src_ncbi_taxonomy_id     10116 
_entity_src_gen.pdbx_gene_src_variant              ? 
_entity_src_gen.pdbx_gene_src_cell_line            ? 
_entity_src_gen.pdbx_gene_src_atcc                 ? 
_entity_src_gen.pdbx_gene_src_organ                ? 
_entity_src_gen.pdbx_gene_src_organelle            ? 
_entity_src_gen.pdbx_gene_src_cell                 ? 
_entity_src_gen.pdbx_gene_src_cellular_location    ? 
_entity_src_gen.host_org_common_name               ? 
_entity_src_gen.pdbx_host_org_scientific_name      'Escherichia coli BL21' 
_entity_src_gen.pdbx_host_org_ncbi_taxonomy_id     511693 
_entity_src_gen.host_org_genus                     Escherichia 
_entity_src_gen.pdbx_host_org_gene                 ? 
_entity_src_gen.pdbx_host_org_organ                ? 
_entity_src_gen.host_org_species                   'Escherichia coli' 
_entity_src_gen.pdbx_host_org_tissue               ? 
_entity_src_gen.pdbx_host_org_tissue_fraction      ? 
_entity_src_gen.pdbx_host_org_strain               BL21 
_entity_src_gen.pdbx_host_org_variant              ? 
_entity_src_gen.pdbx_host_org_cell_line            ? 
_entity_src_gen.pdbx_host_org_atcc                 ? 
_entity_src_gen.pdbx_host_org_culture_collection   ? 
_entity_src_gen.pdbx_host_org_cell                 ? 
_entity_src_gen.pdbx_host_org_organelle            ? 
_entity_src_gen.pdbx_host_org_cellular_location    ? 
_entity_src_gen.pdbx_host_org_vector_type          plasmid 
_entity_src_gen.pdbx_host_org_vector               ? 
_entity_src_gen.host_org_details                   ? 
_entity_src_gen.expression_system_id               ? 
_entity_src_gen.plasmid_name                       Pet3c 
_entity_src_gen.plasmid_details                    ? 
_entity_src_gen.pdbx_description                   ? 
# 
loop_
_chem_comp.id 
_chem_comp.type 
_chem_comp.mon_nstd_flag 
_chem_comp.name 
_chem_comp.pdbx_synonyms 
_chem_comp.formula 
_chem_comp.formula_weight 
ALA 'L-peptide linking' y ALANINE         ? 'C3 H7 N O2'     89.093  
ARG 'L-peptide linking' y ARGININE        ? 'C6 H15 N4 O2 1' 175.209 
ASN 'L-peptide linking' y ASPARAGINE      ? 'C4 H8 N2 O3'    132.118 
ASP 'L-peptide linking' y 'ASPARTIC ACID' ? 'C4 H7 N O4'     133.103 
GLN 'L-peptide linking' y GLUTAMINE       ? 'C5 H10 N2 O3'   146.144 
GLU 'L-peptide linking' y 'GLUTAMIC ACID' ? 'C5 H9 N O4'     147.129 
GLY 'peptide linking'   y GLYCINE         ? 'C2 H5 N O2'     75.067  
HIS 'L-peptide linking' y HISTIDINE       ? 'C6 H10 N3 O2 1' 156.162 
HOH non-polymer         . WATER           ? 'H2 O'           18.015  
ILE 'L-peptide linking' y ISOLEUCINE      ? 'C6 H13 N O2'    131.173 
LEU 'L-peptide linking' y LEUCINE         ? 'C6 H13 N O2'    131.173 
LYS 'L-peptide linking' y LYSINE          ? 'C6 H15 N2 O2 1' 147.195 
MET 'L-peptide linking' y METHIONINE      ? 'C5 H11 N O2 S'  149.211 
PHE 'L-peptide linking' y PHENYLALANINE   ? 'C9 H11 N O2'    165.189 
PRO 'L-peptide linking' y PROLINE         ? 'C5 H9 N O2'     115.130 
SER 'L-peptide linking' y SERINE          ? 'C3 H7 N O3'     105.093 
THR 'L-peptide linking' y THREONINE       ? 'C4 H9 N O3'     119.119 
TRP 'L-peptide linking' y TRYPTOPHAN      ? 'C11 H12 N2 O2'  204.225 
VAL 'L-peptide linking' y VALINE          ? 'C5 H11 N O2'    117.146 
# 
loop_
_pdbx_poly_seq_scheme.asym_id 
_pdbx_poly_seq_scheme.entity_id 
_pdbx_poly_seq_scheme.seq_id 
_pdbx_poly_seq_scheme.mon_id 
_pdbx_poly_seq_scheme.ndb_seq_num 
_pdbx_poly_seq_scheme.pdb_seq_num 
_pdbx_poly_seq_scheme.auth_seq_num 
_pdbx_poly_seq_scheme.pdb_mon_id 
_pdbx_poly_seq_scheme.auth_mon_id 
_pdbx_poly_seq_scheme.pdb_strand_id 
_pdbx_poly_seq_scheme.pdb_ins_code 
_pdbx_poly_seq_scheme.hetero 
A 1 1  MET 1  1  1  MET MET A . n 
A 1 2  LEU 2  2  2  LEU LEU A . n 
A 1 3  GLN 3  3  3  GLN GLN A . n 
A 1 4  LEU 4  4  4  LEU LEU A . n 
A 1 5  TRP 5  5  5  TRP TRP A . n 
A 1 6  SER 6  6  6  SER SER A . n 
A 1 7  LYS 7  7  7  LYS LYS A . n 
A 1 8  PHE 8  8  8  PHE PHE A . n 
A 1 9  ASP 9  9  9  ASP ASP A . n 
A 1 10 VAL 10 10 10 VAL VAL A . n 
A 1 11 GLY 11 11 11 GLY GLY A . n 
A 1 12 ASP 12 12 12 ASP ASP A . n 
A 1 13 TRP 13 13 13 TRP TRP A . n 
A 1 14 LEU 14 14 14 LEU LEU A . n 
A 1 15 GLU 15 15 15 GLU GLU A . n 
A 1 16 SER 16 16 16 SER SER A . n 
A 1 17 ILE 17 17 17 ILE ILE A . n 
A 1 18 HIS 18 18 18 HIS HIS A . n 
A 1 19 LEU 19 19 19 LEU LEU A . n 
A 1 20 GLY 20 20 20 GLY GLY A . n 
A 1 21 GLU 21 21 21 GLU GLU A . n 
A 1 22 HIS 22 22 22 HIS HIS A . n 
A 1 23 ARG 23 23 23 ARG ARG A . n 
A 1 24 ASP 24 24 24 ASP ASP A . n 
A 1 25 ARG 25 25 25 ARG ARG A . n 
A 1 26 PHE 26 26 26 PHE PHE A . n 
A 1 27 GLU 27 27 27 GLU GLU A . n 
A 1 28 ASP 28 28 28 ASP ASP A . n 
A 1 29 HIS 29 29 29 HIS HIS A . n 
A 1 30 GLU 30 30 30 GLU GLU A . n 
A 1 31 ILE 31 31 31 ILE ILE A . n 
A 1 32 GLU 32 32 32 GLU GLU A . n 
A 1 33 GLY 33 33 33 GLY GLY A . n 
A 1 34 ALA 34 34 34 ALA ALA A . n 
A 1 35 HIS 35 35 35 HIS HIS A . n 
A 1 36 LEU 36 36 36 LEU LEU A . n 
A 1 37 PRO 37 37 37 PRO PRO A . n 
A 1 38 ALA 38 38 38 ALA ALA A . n 
A 1 39 LEU 39 39 39 LEU LEU A . n 
A 1 40 THR 40 40 40 THR THR A . n 
A 1 41 LYS 41 41 41 LYS LYS A . n 
A 1 42 GLU 42 42 42 GLU GLU A . n 
A 1 43 ASP 43 43 43 ASP ASP A . n 
A 1 44 PHE 44 44 44 PHE PHE A . n 
A 1 45 VAL 45 45 45 VAL VAL A . n 
A 1 46 GLU 46 46 46 GLU GLU A . n 
A 1 47 LEU 47 47 47 LEU LEU A . n 
A 1 48 GLY 48 48 48 GLY GLY A . n 
A 1 49 VAL 49 49 49 VAL VAL A . n 
A 1 50 THR 50 50 50 THR THR A . n 
A 1 51 ARG 51 51 51 ARG ARG A . n 
A 1 52 VAL 52 52 52 VAL VAL A . n 
A 1 53 GLY 53 53 53 GLY GLY A . n 
A 1 54 HIS 54 54 54 HIS HIS A . n 
A 1 55 ARG 55 55 55 ARG ARG A . n 
A 1 56 GLU 56 56 56 GLU GLU A . n 
A 1 57 ASN 57 57 57 ASN ASN A . n 
A 1 58 ILE 58 58 58 ILE ILE A . n 
A 1 59 GLU 59 59 59 GLU GLU A . n 
A 1 60 ARG 60 60 60 ARG ARG A . n 
A 1 61 ALA 61 61 61 ALA ALA A . n 
A 1 62 LEU 62 62 62 LEU LEU A . n 
A 1 63 ARG 63 63 63 ARG ARG A . n 
A 1 64 GLN 64 64 64 GLN GLN A . n 
A 1 65 LEU 65 65 65 LEU LEU A . n 
A 1 66 ASP 66 66 ?  ?   ?   A . n 
A 1 67 GLY 67 67 ?  ?   ?   A . n 
A 1 68 SER 68 68 ?  ?   ?   A . n 
A 1 69 ARG 69 69 ?  ?   ?   A . n 
A 1 70 ARG 70 70 ?  ?   ?   A . n 
A 1 71 HIS 71 71 ?  ?   ?   A . n 
A 1 72 HIS 72 72 ?  ?   ?   A . n 
A 1 73 HIS 73 73 ?  ?   ?   A . n 
A 1 74 HIS 74 74 ?  ?   ?   A . n 
A 1 75 HIS 75 75 ?  ?   ?   A . n 
A 1 76 HIS 76 76 ?  ?   ?   A . n 
B 1 1  MET 1  1  ?  ?   ?   B . n 
B 1 2  LEU 2  2  2  LEU LEU B . n 
B 1 3  GLN 3  3  3  GLN GLN B . n 
B 1 4  LEU 4  4  4  LEU LEU B . n 
B 1 5  TRP 5  5  5  TRP TRP B . n 
B 1 6  SER 6  6  6  SER SER B . n 
B 1 7  LYS 7  7  7  LYS LYS B . n 
B 1 8  PHE 8  8  8  PHE PHE B . n 
B 1 9  ASP 9  9  9  ASP ASP B . n 
B 1 10 VAL 10 10 10 VAL VAL B . n 
B 1 11 GLY 11 11 11 GLY GLY B . n 
B 1 12 ASP 12 12 12 ASP ASP B . n 
B 1 13 TRP 13 13 13 TRP TRP B . n 
B 1 14 LEU 14 14 14 LEU LEU B . n 
B 1 15 GLU 15 15 15 GLU GLU B . n 
B 1 16 SER 16 16 16 SER SER B . n 
B 1 17 ILE 17 17 17 ILE ILE B . n 
B 1 18 HIS 18 18 18 HIS HIS B . n 
B 1 19 LEU 19 19 19 LEU LEU B . n 
B 1 20 GLY 20 20 20 GLY GLY B . n 
B 1 21 GLU 21 21 21 GLU GLU B . n 
B 1 22 HIS 22 22 22 HIS HIS B . n 
B 1 23 ARG 23 23 23 ARG ARG B . n 
B 1 24 ASP 24 24 24 ASP ASP B . n 
B 1 25 ARG 25 25 25 ARG ARG B . n 
B 1 26 PHE 26 26 26 PHE PHE B . n 
B 1 27 GLU 27 27 27 GLU GLU B . n 
B 1 28 ASP 28 28 28 ASP ASP B . n 
B 1 29 HIS 29 29 29 HIS HIS B . n 
B 1 30 GLU 30 30 30 GLU GLU B . n 
B 1 31 ILE 31 31 31 ILE ILE B . n 
B 1 32 GLU 32 32 32 GLU GLU B . n 
B 1 33 GLY 33 33 33 GLY GLY B . n 
B 1 34 ALA 34 34 34 ALA ALA B . n 
B 1 35 HIS 35 35 35 HIS HIS B . n 
B 1 36 LEU 36 36 36 LEU LEU B . n 
B 1 37 PRO 37 37 37 PRO PRO B . n 
B 1 38 ALA 38 38 38 ALA ALA B . n 
B 1 39 LEU 39 39 39 LEU LEU B . n 
B 1 40 THR 40 40 40 THR THR B . n 
B 1 41 LYS 41 41 41 LYS LYS B . n 
B 1 42 GLU 42 42 42 GLU GLU B . n 
B 1 43 ASP 43 43 43 ASP ASP B . n 
B 1 44 PHE 44 44 44 PHE PHE B . n 
B 1 45 VAL 45 45 45 VAL VAL B . n 
B 1 46 GLU 46 46 46 GLU GLU B . n 
B 1 47 LEU 47 47 47 LEU LEU B . n 
B 1 48 GLY 48 48 48 GLY GLY B . n 
B 1 49 VAL 49 49 49 VAL VAL B . n 
B 1 50 THR 50 50 50 THR THR B . n 
B 1 51 ARG 51 51 51 ARG ARG B . n 
B 1 52 VAL 52 52 52 VAL VAL B . n 
B 1 53 GLY 53 53 53 GLY GLY B . n 
B 1 54 HIS 54 54 54 HIS HIS B . n 
B 1 55 ARG 55 55 55 ARG ARG B . n 
B 1 56 GLU 56 56 56 GLU GLU B . n 
B 1 57 ASN 57 57 57 ASN ASN B . n 
B 1 58 ILE 58 58 58 ILE ILE B . n 
B 1 59 GLU 59 59 59 GLU GLU B . n 
B 1 60 ARG 60 60 60 ARG ARG B . n 
B 1 61 ALA 61 61 61 ALA ALA B . n 
B 1 62 LEU 62 62 62 LEU LEU B . n 
B 1 63 ARG 63 63 63 ARG ARG B . n 
B 1 64 GLN 64 64 64 GLN GLN B . n 
B 1 65 LEU 65 65 65 LEU LEU B . n 
B 1 66 ASP 66 66 ?  ?   ?   B . n 
B 1 67 GLY 67 67 ?  ?   ?   B . n 
B 1 68 SER 68 68 ?  ?   ?   B . n 
B 1 69 ARG 69 69 ?  ?   ?   B . n 
B 1 70 ARG 70 70 ?  ?   ?   B . n 
B 1 71 HIS 71 71 ?  ?   ?   B . n 
B 1 72 HIS 72 72 ?  ?   ?   B . n 
B 1 73 HIS 73 73 ?  ?   ?   B . n 
B 1 74 HIS 74 74 ?  ?   ?   B . n 
B 1 75 HIS 75 75 ?  ?   ?   B . n 
B 1 76 HIS 76 76 ?  ?   ?   B . n 
C 1 1  MET 1  1  ?  ?   ?   C . n 
C 1 2  LEU 2  2  2  LEU LEU C . n 
C 1 3  GLN 3  3  3  GLN GLN C . n 
C 1 4  LEU 4  4  4  LEU LEU C . n 
C 1 5  TRP 5  5  5  TRP TRP C . n 
C 1 6  SER 6  6  6  SER SER C . n 
C 1 7  LYS 7  7  7  LYS LYS C . n 
C 1 8  PHE 8  8  8  PHE PHE C . n 
C 1 9  ASP 9  9  9  ASP ASP C . n 
C 1 10 VAL 10 10 10 VAL VAL C . n 
C 1 11 GLY 11 11 11 GLY GLY C . n 
C 1 12 ASP 12 12 12 ASP ASP C . n 
C 1 13 TRP 13 13 13 TRP TRP C . n 
C 1 14 LEU 14 14 14 LEU LEU C . n 
C 1 15 GLU 15 15 15 GLU GLU C . n 
C 1 16 SER 16 16 16 SER SER C . n 
C 1 17 ILE 17 17 17 ILE ILE C . n 
C 1 18 HIS 18 18 18 HIS HIS C . n 
C 1 19 LEU 19 19 19 LEU LEU C . n 
C 1 20 GLY 20 20 20 GLY GLY C . n 
C 1 21 GLU 21 21 21 GLU GLU C . n 
C 1 22 HIS 22 22 22 HIS HIS C . n 
C 1 23 ARG 23 23 23 ARG ARG C . n 
C 1 24 ASP 24 24 24 ASP ASP C . n 
C 1 25 ARG 25 25 25 ARG ARG C . n 
C 1 26 PHE 26 26 26 PHE PHE C . n 
C 1 27 GLU 27 27 27 GLU GLU C . n 
C 1 28 ASP 28 28 28 ASP ASP C . n 
C 1 29 HIS 29 29 29 HIS HIS C . n 
C 1 30 GLU 30 30 30 GLU GLU C . n 
C 1 31 ILE 31 31 31 ILE ILE C . n 
C 1 32 GLU 32 32 32 GLU GLU C . n 
C 1 33 GLY 33 33 33 GLY GLY C . n 
C 1 34 ALA 34 34 34 ALA ALA C . n 
C 1 35 HIS 35 35 35 HIS HIS C . n 
C 1 36 LEU 36 36 36 LEU LEU C . n 
C 1 37 PRO 37 37 37 PRO PRO C . n 
C 1 38 ALA 38 38 38 ALA ALA C . n 
C 1 39 LEU 39 39 39 LEU LEU C . n 
C 1 40 THR 40 40 40 THR THR C . n 
C 1 41 LYS 41 41 41 LYS LYS C . n 
C 1 42 GLU 42 42 42 GLU GLU C . n 
C 1 43 ASP 43 43 43 ASP ASP C . n 
C 1 44 PHE 44 44 44 PHE PHE C . n 
C 1 45 VAL 45 45 45 VAL VAL C . n 
C 1 46 GLU 46 46 46 GLU GLU C . n 
C 1 47 LEU 47 47 47 LEU LEU C . n 
C 1 48 GLY 48 48 48 GLY GLY C . n 
C 1 49 VAL 49 49 49 VAL VAL C . n 
C 1 50 THR 50 50 50 THR THR C . n 
C 1 51 ARG 51 51 51 ARG ARG C . n 
C 1 52 VAL 52 52 52 VAL VAL C . n 
C 1 53 GLY 53 53 53 GLY GLY C . n 
C 1 54 HIS 54 54 54 HIS HIS C . n 
C 1 55 ARG 55 55 55 ARG ARG C . n 
C 1 56 GLU 56 56 56 GLU GLU C . n 
C 1 57 ASN 57 57 57 ASN ASN C . n 
C 1 58 ILE 58 58 58 ILE ILE C . n 
C 1 59 GLU 59 59 59 GLU GLU C . n 
C 1 60 ARG 60 60 60 ARG ARG C . n 
C 1 61 ALA 61 61 61 ALA ALA C . n 
C 1 62 LEU 62 62 62 LEU LEU C . n 
C 1 63 ARG 63 63 63 ARG ARG C . n 
C 1 64 GLN 64 64 ?  ?   ?   C . n 
C 1 65 LEU 65 65 ?  ?   ?   C . n 
C 1 66 ASP 66 66 ?  ?   ?   C . n 
C 1 67 GLY 67 67 ?  ?   ?   C . n 
C 1 68 SER 68 68 ?  ?   ?   C . n 
C 1 69 ARG 69 69 ?  ?   ?   C . n 
C 1 70 ARG 70 70 ?  ?   ?   C . n 
C 1 71 HIS 71 71 ?  ?   ?   C . n 
C 1 72 HIS 72 72 ?  ?   ?   C . n 
C 1 73 HIS 73 73 ?  ?   ?   C . n 
C 1 74 HIS 74 74 ?  ?   ?   C . n 
C 1 75 HIS 75 75 ?  ?   ?   C . n 
C 1 76 HIS 76 76 ?  ?   ?   C . n 
# 
loop_
_pdbx_nonpoly_scheme.asym_id 
_pdbx_nonpoly_scheme.entity_id 
_pdbx_nonpoly_scheme.mon_id 
_pdbx_nonpoly_scheme.ndb_seq_num 
_pdbx_nonpoly_scheme.pdb_seq_num 
_pdbx_nonpoly_scheme.auth_seq_num 
_pdbx_nonpoly_scheme.pdb_mon_id 
_pdbx_nonpoly_scheme.auth_mon_id 
_pdbx_nonpoly_scheme.pdb_strand_id 
_pdbx_nonpoly_scheme.pdb_ins_code 
D 2 HOH 1  77  1   HOH HOH A . 
D 2 HOH 2  78  3   HOH HOH A . 
D 2 HOH 3  79  4   HOH HOH A . 
D 2 HOH 4  80  7   HOH HOH A . 
D 2 HOH 5  81  8   HOH HOH A . 
D 2 HOH 6  82  11  HOH HOH A . 
D 2 HOH 7  83  13  HOH HOH A . 
D 2 HOH 8  84  14  HOH HOH A . 
D 2 HOH 9  85  15  HOH HOH A . 
D 2 HOH 10 86  16  HOH HOH A . 
D 2 HOH 11 87  18  HOH HOH A . 
D 2 HOH 12 88  21  HOH HOH A . 
D 2 HOH 13 89  27  HOH HOH A . 
D 2 HOH 14 90  29  HOH HOH A . 
D 2 HOH 15 91  35  HOH HOH A . 
D 2 HOH 16 92  37  HOH HOH A . 
D 2 HOH 17 93  39  HOH HOH A . 
D 2 HOH 18 94  44  HOH HOH A . 
D 2 HOH 19 95  47  HOH HOH A . 
D 2 HOH 20 96  48  HOH HOH A . 
D 2 HOH 21 97  53  HOH HOH A . 
D 2 HOH 22 98  54  HOH HOH A . 
D 2 HOH 23 99  58  HOH HOH A . 
D 2 HOH 24 100 61  HOH HOH A . 
D 2 HOH 25 101 62  HOH HOH A . 
D 2 HOH 26 102 65  HOH HOH A . 
D 2 HOH 27 103 71  HOH HOH A . 
D 2 HOH 28 104 72  HOH HOH A . 
D 2 HOH 29 105 74  HOH HOH A . 
D 2 HOH 30 106 77  HOH HOH A . 
D 2 HOH 31 107 79  HOH HOH A . 
D 2 HOH 32 108 80  HOH HOH A . 
D 2 HOH 33 109 82  HOH HOH A . 
D 2 HOH 34 110 83  HOH HOH A . 
D 2 HOH 35 111 90  HOH HOH A . 
D 2 HOH 36 112 94  HOH HOH A . 
D 2 HOH 37 113 105 HOH HOH A . 
D 2 HOH 38 114 109 HOH HOH A . 
D 2 HOH 39 115 115 HOH HOH A . 
D 2 HOH 40 116 118 HOH HOH A . 
D 2 HOH 41 117 127 HOH HOH A . 
D 2 HOH 42 118 144 HOH HOH A . 
D 2 HOH 43 119 147 HOH HOH A . 
D 2 HOH 44 120 155 HOH HOH A . 
D 2 HOH 45 121 179 HOH HOH A . 
D 2 HOH 46 122 182 HOH HOH A . 
D 2 HOH 47 123 183 HOH HOH A . 
D 2 HOH 48 124 189 HOH HOH A . 
D 2 HOH 49 125 192 HOH HOH A . 
D 2 HOH 50 126 196 HOH HOH A . 
D 2 HOH 51 127 201 HOH HOH A . 
D 2 HOH 52 128 206 HOH HOH A . 
D 2 HOH 53 129 212 HOH HOH A . 
D 2 HOH 54 130 220 HOH HOH A . 
D 2 HOH 55 131 225 HOH HOH A . 
D 2 HOH 56 132 233 HOH HOH A . 
D 2 HOH 57 133 245 HOH HOH A . 
D 2 HOH 58 134 249 HOH HOH A . 
E 2 HOH 1  77  2   HOH HOH B . 
E 2 HOH 2  78  5   HOH HOH B . 
E 2 HOH 3  79  9   HOH HOH B . 
E 2 HOH 4  80  10  HOH HOH B . 
E 2 HOH 5  81  19  HOH HOH B . 
E 2 HOH 6  82  23  HOH HOH B . 
E 2 HOH 7  83  24  HOH HOH B . 
E 2 HOH 8  84  25  HOH HOH B . 
E 2 HOH 9  85  28  HOH HOH B . 
E 2 HOH 10 86  33  HOH HOH B . 
E 2 HOH 11 87  34  HOH HOH B . 
E 2 HOH 12 88  36  HOH HOH B . 
E 2 HOH 13 89  40  HOH HOH B . 
E 2 HOH 14 90  42  HOH HOH B . 
E 2 HOH 15 91  43  HOH HOH B . 
E 2 HOH 16 92  52  HOH HOH B . 
E 2 HOH 17 93  66  HOH HOH B . 
E 2 HOH 18 94  67  HOH HOH B . 
E 2 HOH 19 95  70  HOH HOH B . 
E 2 HOH 20 96  75  HOH HOH B . 
E 2 HOH 21 97  81  HOH HOH B . 
E 2 HOH 22 98  85  HOH HOH B . 
E 2 HOH 23 99  87  HOH HOH B . 
E 2 HOH 24 100 95  HOH HOH B . 
E 2 HOH 25 101 96  HOH HOH B . 
E 2 HOH 26 102 98  HOH HOH B . 
E 2 HOH 27 103 104 HOH HOH B . 
E 2 HOH 28 104 108 HOH HOH B . 
E 2 HOH 29 105 117 HOH HOH B . 
E 2 HOH 30 106 126 HOH HOH B . 
E 2 HOH 31 107 128 HOH HOH B . 
E 2 HOH 32 108 145 HOH HOH B . 
E 2 HOH 33 109 146 HOH HOH B . 
E 2 HOH 34 110 164 HOH HOH B . 
E 2 HOH 35 111 176 HOH HOH B . 
E 2 HOH 36 112 177 HOH HOH B . 
E 2 HOH 37 113 180 HOH HOH B . 
E 2 HOH 38 114 188 HOH HOH B . 
E 2 HOH 39 115 193 HOH HOH B . 
E 2 HOH 40 116 195 HOH HOH B . 
E 2 HOH 41 117 198 HOH HOH B . 
E 2 HOH 42 118 199 HOH HOH B . 
E 2 HOH 43 119 202 HOH HOH B . 
E 2 HOH 44 120 204 HOH HOH B . 
E 2 HOH 45 121 215 HOH HOH B . 
E 2 HOH 46 122 217 HOH HOH B . 
E 2 HOH 47 123 219 HOH HOH B . 
E 2 HOH 48 124 221 HOH HOH B . 
E 2 HOH 49 125 222 HOH HOH B . 
E 2 HOH 50 126 223 HOH HOH B . 
E 2 HOH 51 127 228 HOH HOH B . 
E 2 HOH 52 128 230 HOH HOH B . 
E 2 HOH 53 129 232 HOH HOH B . 
E 2 HOH 54 130 235 HOH HOH B . 
E 2 HOH 55 131 242 HOH HOH B . 
E 2 HOH 56 132 254 HOH HOH B . 
F 2 HOH 1  77  6   HOH HOH C . 
F 2 HOH 2  78  12  HOH HOH C . 
F 2 HOH 3  79  17  HOH HOH C . 
F 2 HOH 4  80  20  HOH HOH C . 
F 2 HOH 5  81  26  HOH HOH C . 
F 2 HOH 6  82  31  HOH HOH C . 
F 2 HOH 7  83  38  HOH HOH C . 
F 2 HOH 8  84  45  HOH HOH C . 
F 2 HOH 9  85  46  HOH HOH C . 
F 2 HOH 10 86  49  HOH HOH C . 
F 2 HOH 11 87  50  HOH HOH C . 
F 2 HOH 12 88  51  HOH HOH C . 
F 2 HOH 13 89  55  HOH HOH C . 
F 2 HOH 14 90  59  HOH HOH C . 
F 2 HOH 15 91  60  HOH HOH C . 
F 2 HOH 16 92  63  HOH HOH C . 
F 2 HOH 17 93  64  HOH HOH C . 
F 2 HOH 18 94  84  HOH HOH C . 
F 2 HOH 19 95  102 HOH HOH C . 
F 2 HOH 20 96  110 HOH HOH C . 
F 2 HOH 21 97  112 HOH HOH C . 
F 2 HOH 22 98  113 HOH HOH C . 
F 2 HOH 23 99  116 HOH HOH C . 
F 2 HOH 24 100 124 HOH HOH C . 
F 2 HOH 25 101 137 HOH HOH C . 
F 2 HOH 26 102 140 HOH HOH C . 
F 2 HOH 27 103 142 HOH HOH C . 
F 2 HOH 28 104 143 HOH HOH C . 
F 2 HOH 29 105 153 HOH HOH C . 
F 2 HOH 30 106 174 HOH HOH C . 
F 2 HOH 31 107 175 HOH HOH C . 
F 2 HOH 32 108 178 HOH HOH C . 
F 2 HOH 33 109 184 HOH HOH C . 
F 2 HOH 34 110 186 HOH HOH C . 
F 2 HOH 35 111 194 HOH HOH C . 
F 2 HOH 36 112 203 HOH HOH C . 
F 2 HOH 37 113 205 HOH HOH C . 
F 2 HOH 38 114 209 HOH HOH C . 
F 2 HOH 39 115 210 HOH HOH C . 
F 2 HOH 40 116 213 HOH HOH C . 
F 2 HOH 41 117 216 HOH HOH C . 
F 2 HOH 42 118 218 HOH HOH C . 
F 2 HOH 43 119 227 HOH HOH C . 
F 2 HOH 44 120 229 HOH HOH C . 
F 2 HOH 45 121 238 HOH HOH C . 
F 2 HOH 46 122 240 HOH HOH C . 
F 2 HOH 47 123 243 HOH HOH C . 
F 2 HOH 48 124 251 HOH HOH C . 
# 
loop_
_software.name 
_software.classification 
_software.version 
_software.citation_id 
_software.pdbx_ordinal 
DENZO     'data reduction' . ? 1 
SCALEPACK 'data scaling'   . ? 2 
MLPHARE   phasing          . ? 3 
CNS       refinement       . ? 4 
# 
_cell.entry_id           2F3N 
_cell.length_a           104.715 
_cell.length_b           104.715 
_cell.length_c           40.188 
_cell.angle_alpha        90.00 
_cell.angle_beta         90.00 
_cell.angle_gamma        120.00 
_cell.Z_PDB              18 
_cell.pdbx_unique_axis   ? 
# 
_symmetry.entry_id                         2F3N 
_symmetry.space_group_name_H-M             'P 65' 
_symmetry.pdbx_full_space_group_name_H-M   ? 
_symmetry.cell_setting                     ? 
_symmetry.Int_Tables_number                170 
_symmetry.space_group_name_Hall            ? 
# 
_exptl.entry_id          2F3N 
_exptl.method            'X-RAY DIFFRACTION' 
_exptl.crystals_number   1 
# 
_exptl_crystal.id                    1 
_exptl_crystal.density_meas          ? 
_exptl_crystal.density_Matthews      2.33 
_exptl_crystal.density_percent_sol   47.25 
_exptl_crystal.description           ? 
_exptl_crystal.F_000                 ? 
_exptl_crystal.preparation           ? 
# 
_exptl_crystal_grow.crystal_id      1 
_exptl_crystal_grow.method          'VAPOR DIFFUSION, HANGING DROP' 
_exptl_crystal_grow.temp            277. 
_exptl_crystal_grow.temp_details    ? 
_exptl_crystal_grow.pH              7.2 
_exptl_crystal_grow.pdbx_details    
;Well solution: 0.1 M HEPES pH 7.2, 0.4M Ammonium Formate, 6.5 mM N-nonyl BD Glucoside. Protein Buffer: 5mM tris pH 8.0, 50 mM NaCl, 20% Glycerol, VAPOR DIFFUSION, HANGING DROP, temperature 277.K
;
_exptl_crystal_grow.pdbx_pH_range   . 
# 
_diffrn.id                     1 
_diffrn.ambient_temp           110 
_diffrn.ambient_temp_details   ? 
_diffrn.crystal_id             1 
# 
_diffrn_detector.diffrn_id              1 
_diffrn_detector.detector               CCD 
_diffrn_detector.type                   'ADSC QUANTUM 315' 
_diffrn_detector.pdbx_collection_date   2002-12-05 
_diffrn_detector.details                ? 
# 
_diffrn_radiation.diffrn_id                        1 
_diffrn_radiation.wavelength_id                    1 
_diffrn_radiation.pdbx_monochromatic_or_laue_m_l   M 
_diffrn_radiation.monochromator                    ? 
_diffrn_radiation.pdbx_diffrn_protocol             'SINGLE WAVELENGTH' 
_diffrn_radiation.pdbx_scattering_type             x-ray 
# 
_diffrn_radiation_wavelength.id           1 
_diffrn_radiation_wavelength.wavelength   0.96000 
_diffrn_radiation_wavelength.wt           1.0 
# 
_diffrn_source.diffrn_id                   1 
_diffrn_source.source                      SYNCHROTRON 
_diffrn_source.type                        'ALS BEAMLINE 8.2.2' 
_diffrn_source.pdbx_synchrotron_site       ALS 
_diffrn_source.pdbx_synchrotron_beamline   8.2.2 
_diffrn_source.pdbx_wavelength             ? 
_diffrn_source.pdbx_wavelength_list        0.96000 
# 
_reflns.entry_id                     2F3N 
_reflns.observed_criterion_sigma_I   0.0 
_reflns.observed_criterion_sigma_F   0.0 
_reflns.d_resolution_low             30. 
_reflns.d_resolution_high            2.1 
_reflns.number_obs                   14919 
_reflns.number_all                   14919 
_reflns.percent_possible_obs         99.7 
_reflns.pdbx_Rmerge_I_obs            ? 
_reflns.pdbx_Rsym_value              0.087 
_reflns.pdbx_netI_over_sigmaI        34.6 
_reflns.B_iso_Wilson_estimate        ? 
_reflns.pdbx_redundancy              ? 
_reflns.R_free_details               ? 
_reflns.limit_h_max                  ? 
_reflns.limit_h_min                  ? 
_reflns.limit_k_max                  ? 
_reflns.limit_k_min                  ? 
_reflns.limit_l_max                  ? 
_reflns.limit_l_min                  ? 
_reflns.observed_criterion_F_max     ? 
_reflns.observed_criterion_F_min     ? 
_reflns.pdbx_chi_squared             ? 
_reflns.pdbx_scaling_rejects         ? 
_reflns.pdbx_diffrn_id               1 
_reflns.pdbx_ordinal                 1 
# 
_reflns_shell.d_res_high             2.1 
_reflns_shell.d_res_low              2.2 
_reflns_shell.percent_possible_all   100 
_reflns_shell.Rmerge_I_obs           ? 
_reflns_shell.pdbx_Rsym_value        0.364 
_reflns_shell.meanI_over_sigI_obs    9.6 
_reflns_shell.pdbx_redundancy        ? 
_reflns_shell.percent_possible_obs   ? 
_reflns_shell.number_unique_all      ? 
_reflns_shell.number_measured_all    ? 
_reflns_shell.number_measured_obs    ? 
_reflns_shell.number_unique_obs      ? 
_reflns_shell.pdbx_chi_squared       ? 
_reflns_shell.pdbx_diffrn_id         ? 
_reflns_shell.pdbx_ordinal           1 
# 
_refine.entry_id                                 2F3N 
_refine.ls_number_reflns_obs                     14682 
_refine.ls_number_reflns_all                     14682 
_refine.pdbx_ls_sigma_I                          ? 
_refine.pdbx_ls_sigma_F                          0.0 
_refine.pdbx_data_cutoff_high_absF               ? 
_refine.pdbx_data_cutoff_low_absF                ? 
_refine.pdbx_data_cutoff_high_rms_absF           ? 
_refine.ls_d_res_low                             30. 
_refine.ls_d_res_high                            2.1 
_refine.ls_percent_reflns_obs                    98.3 
_refine.ls_R_factor_obs                          0.206 
_refine.ls_R_factor_all                          0.208 
_refine.ls_R_factor_R_work                       0.206 
_refine.ls_R_factor_R_free                       0.251 
_refine.ls_R_factor_R_free_error                 ? 
_refine.ls_R_factor_R_free_error_details         ? 
_refine.ls_percent_reflns_R_free                 ? 
_refine.ls_number_reflns_R_free                  728 
_refine.ls_number_parameters                     ? 
_refine.ls_number_restraints                     ? 
_refine.occupancy_min                            ? 
_refine.occupancy_max                            ? 
_refine.correlation_coeff_Fo_to_Fc               ? 
_refine.correlation_coeff_Fo_to_Fc_free          ? 
_refine.B_iso_mean                               ? 
_refine.aniso_B[1][1]                            ? 
_refine.aniso_B[2][2]                            ? 
_refine.aniso_B[3][3]                            ? 
_refine.aniso_B[1][2]                            ? 
_refine.aniso_B[1][3]                            ? 
_refine.aniso_B[2][3]                            ? 
_refine.solvent_model_details                    ? 
_refine.solvent_model_param_ksol                 ? 
_refine.solvent_model_param_bsol                 ? 
_refine.pdbx_solvent_vdw_probe_radii             ? 
_refine.pdbx_solvent_ion_probe_radii             ? 
_refine.pdbx_solvent_shrinkage_radii             ? 
_refine.pdbx_ls_cross_valid_method               THROUGHOUT 
_refine.details                                  ? 
_refine.pdbx_starting_model                      ? 
_refine.pdbx_method_to_determine_struct          'SIR and MAD' 
_refine.pdbx_isotropic_thermal_model             ? 
_refine.pdbx_stereochemistry_target_values       'Engh & Huber' 
_refine.pdbx_stereochem_target_val_spec_case     ? 
_refine.pdbx_R_Free_selection_details            RANDOM 
_refine.pdbx_overall_ESU_R                       ? 
_refine.pdbx_overall_ESU_R_Free                  ? 
_refine.overall_SU_ML                            ? 
_refine.overall_SU_B                             ? 
_refine.ls_redundancy_reflns_obs                 ? 
_refine.B_iso_min                                ? 
_refine.B_iso_max                                ? 
_refine.overall_SU_R_Cruickshank_DPI             ? 
_refine.overall_SU_R_free                        ? 
_refine.ls_wR_factor_R_free                      ? 
_refine.ls_wR_factor_R_work                      ? 
_refine.overall_FOM_free_R_set                   ? 
_refine.overall_FOM_work_R_set                   ? 
_refine.pdbx_refine_id                           'X-RAY DIFFRACTION' 
_refine.pdbx_diffrn_id                           1 
_refine.pdbx_TLS_residual_ADP_flag               ? 
_refine.pdbx_overall_phase_error                 ? 
_refine.pdbx_overall_SU_R_free_Cruickshank_DPI   ? 
_refine.pdbx_overall_SU_R_Blow_DPI               ? 
_refine.pdbx_overall_SU_R_free_Blow_DPI          ? 
# 
_refine_hist.pdbx_refine_id                   'X-RAY DIFFRACTION' 
_refine_hist.cycle_id                         LAST 
_refine_hist.pdbx_number_atoms_protein        1593 
_refine_hist.pdbx_number_atoms_nucleic_acid   0 
_refine_hist.pdbx_number_atoms_ligand         0 
_refine_hist.number_atoms_solvent             162 
_refine_hist.number_atoms_total               1755 
_refine_hist.d_res_high                       2.1 
_refine_hist.d_res_low                        30. 
# 
loop_
_refine_ls_restr.type 
_refine_ls_restr.dev_ideal 
_refine_ls_restr.dev_ideal_target 
_refine_ls_restr.weight 
_refine_ls_restr.number 
_refine_ls_restr.pdbx_refine_id 
_refine_ls_restr.pdbx_restraint_function 
c_angle_deg 1.39611  ? ? ? 'X-RAY DIFFRACTION' ? 
c_bond_d    0.010305 ? ? ? 'X-RAY DIFFRACTION' ? 
# 
_struct.entry_id                  2F3N 
_struct.title                     'Crystal Structure of the native Shank SAM domain.' 
_struct.pdbx_model_details        ? 
_struct.pdbx_CASP_flag            ? 
_struct.pdbx_model_type_details   ? 
# 
_struct_keywords.entry_id        2F3N 
_struct_keywords.pdbx_keywords   'STRUCTURAL PROTEIN' 
_struct_keywords.text            'Postsynaptic density, SAM domain, shank, scaffolding protein, STRUCTURAL PROTEIN' 
# 
loop_
_struct_asym.id 
_struct_asym.pdbx_blank_PDB_chainid_flag 
_struct_asym.pdbx_modified 
_struct_asym.entity_id 
_struct_asym.details 
A N N 1 ? 
B N N 1 ? 
C N N 1 ? 
D N N 2 ? 
E N N 2 ? 
F N N 2 ? 
# 
_struct_ref.id                         1 
_struct_ref.db_name                    UNP 
_struct_ref.db_code                    SHAN3_RAT 
_struct_ref.pdbx_db_accession          Q9JLU4 
_struct_ref.entity_id                  1 
_struct_ref.pdbx_seq_one_letter_code   LQLWSKFDVGDWLESIHLGEHRDRFEDHEIEGAHLPALTKEDFVELGVTRVGHRMNIERALRQLDGS 
_struct_ref.pdbx_align_begin           1749 
_struct_ref.pdbx_db_isoform            ? 
# 
loop_
_struct_ref_seq.align_id 
_struct_ref_seq.ref_id 
_struct_ref_seq.pdbx_PDB_id_code 
_struct_ref_seq.pdbx_strand_id 
_struct_ref_seq.seq_align_beg 
_struct_ref_seq.pdbx_seq_align_beg_ins_code 
_struct_ref_seq.seq_align_end 
_struct_ref_seq.pdbx_seq_align_end_ins_code 
_struct_ref_seq.pdbx_db_accession 
_struct_ref_seq.db_align_beg 
_struct_ref_seq.pdbx_db_align_beg_ins_code 
_struct_ref_seq.db_align_end 
_struct_ref_seq.pdbx_db_align_end_ins_code 
_struct_ref_seq.pdbx_auth_seq_align_beg 
_struct_ref_seq.pdbx_auth_seq_align_end 
1 1 2F3N A 2 ? 68 ? Q9JLU4 1749 ? 1815 ? 2 68 
2 1 2F3N B 2 ? 68 ? Q9JLU4 1749 ? 1815 ? 2 68 
3 1 2F3N C 2 ? 68 ? Q9JLU4 1749 ? 1815 ? 2 68 
# 
loop_
_struct_ref_seq_dif.align_id 
_struct_ref_seq_dif.pdbx_pdb_id_code 
_struct_ref_seq_dif.mon_id 
_struct_ref_seq_dif.pdbx_pdb_strand_id 
_struct_ref_seq_dif.seq_num 
_struct_ref_seq_dif.pdbx_pdb_ins_code 
_struct_ref_seq_dif.pdbx_seq_db_name 
_struct_ref_seq_dif.pdbx_seq_db_accession_code 
_struct_ref_seq_dif.db_mon_id 
_struct_ref_seq_dif.pdbx_seq_db_seq_num 
_struct_ref_seq_dif.details 
_struct_ref_seq_dif.pdbx_auth_seq_num 
_struct_ref_seq_dif.pdbx_ordinal 
1 2F3N MET A 1  ? UNP Q9JLU4 ?   ?    'initiating methionine' 1  1  
1 2F3N GLU A 56 ? UNP Q9JLU4 MET 1803 'engineered mutation'   56 2  
1 2F3N ARG A 69 ? UNP Q9JLU4 ?   ?    'cloning artifact'      69 3  
1 2F3N ARG A 70 ? UNP Q9JLU4 ?   ?    'cloning artifact'      70 4  
1 2F3N HIS A 71 ? UNP Q9JLU4 ?   ?    'expression tag'        71 5  
1 2F3N HIS A 72 ? UNP Q9JLU4 ?   ?    'expression tag'        72 6  
1 2F3N HIS A 73 ? UNP Q9JLU4 ?   ?    'expression tag'        73 7  
1 2F3N HIS A 74 ? UNP Q9JLU4 ?   ?    'expression tag'        74 8  
1 2F3N HIS A 75 ? UNP Q9JLU4 ?   ?    'expression tag'        75 9  
1 2F3N HIS A 76 ? UNP Q9JLU4 ?   ?    'expression tag'        76 10 
2 2F3N MET B 1  ? UNP Q9JLU4 ?   ?    'initiating methionine' 1  11 
2 2F3N GLU B 56 ? UNP Q9JLU4 MET 1803 'engineered mutation'   56 12 
2 2F3N ARG B 69 ? UNP Q9JLU4 ?   ?    'cloning artifact'      69 13 
2 2F3N ARG B 70 ? UNP Q9JLU4 ?   ?    'cloning artifact'      70 14 
2 2F3N HIS B 71 ? UNP Q9JLU4 ?   ?    'expression tag'        71 15 
2 2F3N HIS B 72 ? UNP Q9JLU4 ?   ?    'expression tag'        72 16 
2 2F3N HIS B 73 ? UNP Q9JLU4 ?   ?    'expression tag'        73 17 
2 2F3N HIS B 74 ? UNP Q9JLU4 ?   ?    'expression tag'        74 18 
2 2F3N HIS B 75 ? UNP Q9JLU4 ?   ?    'expression tag'        75 19 
2 2F3N HIS B 76 ? UNP Q9JLU4 ?   ?    'expression tag'        76 20 
3 2F3N MET C 1  ? UNP Q9JLU4 ?   ?    'initiating methionine' 1  21 
3 2F3N GLU C 56 ? UNP Q9JLU4 MET 1803 'engineered mutation'   56 22 
3 2F3N ARG C 69 ? UNP Q9JLU4 ?   ?    'cloning artifact'      69 23 
3 2F3N ARG C 70 ? UNP Q9JLU4 ?   ?    'cloning artifact'      70 24 
3 2F3N HIS C 71 ? UNP Q9JLU4 ?   ?    'expression tag'        71 25 
3 2F3N HIS C 72 ? UNP Q9JLU4 ?   ?    'expression tag'        72 26 
3 2F3N HIS C 73 ? UNP Q9JLU4 ?   ?    'expression tag'        73 27 
3 2F3N HIS C 74 ? UNP Q9JLU4 ?   ?    'expression tag'        74 28 
3 2F3N HIS C 75 ? UNP Q9JLU4 ?   ?    'expression tag'        75 29 
3 2F3N HIS C 76 ? UNP Q9JLU4 ?   ?    'expression tag'        76 30 
# 
loop_
_pdbx_struct_assembly.id 
_pdbx_struct_assembly.details 
_pdbx_struct_assembly.method_details 
_pdbx_struct_assembly.oligomeric_details 
_pdbx_struct_assembly.oligomeric_count 
1 author_defined_assembly ? monomeric 1 
2 author_defined_assembly ? monomeric 1 
3 author_defined_assembly ? monomeric 1 
# 
loop_
_pdbx_struct_assembly_gen.assembly_id 
_pdbx_struct_assembly_gen.oper_expression 
_pdbx_struct_assembly_gen.asym_id_list 
1 1 A,D 
2 1 B,E 
3 1 C,F 
# 
_pdbx_struct_oper_list.id                   1 
_pdbx_struct_oper_list.type                 'identity operation' 
_pdbx_struct_oper_list.name                 1_555 
_pdbx_struct_oper_list.symmetry_operation   x,y,z 
_pdbx_struct_oper_list.matrix[1][1]         1.0000000000 
_pdbx_struct_oper_list.matrix[1][2]         0.0000000000 
_pdbx_struct_oper_list.matrix[1][3]         0.0000000000 
_pdbx_struct_oper_list.vector[1]            0.0000000000 
_pdbx_struct_oper_list.matrix[2][1]         0.0000000000 
_pdbx_struct_oper_list.matrix[2][2]         1.0000000000 
_pdbx_struct_oper_list.matrix[2][3]         0.0000000000 
_pdbx_struct_oper_list.vector[2]            0.0000000000 
_pdbx_struct_oper_list.matrix[3][1]         0.0000000000 
_pdbx_struct_oper_list.matrix[3][2]         0.0000000000 
_pdbx_struct_oper_list.matrix[3][3]         1.0000000000 
_pdbx_struct_oper_list.vector[3]            0.0000000000 
# 
loop_
_struct_conf.conf_type_id 
_struct_conf.id 
_struct_conf.pdbx_PDB_helix_id 
_struct_conf.beg_label_comp_id 
_struct_conf.beg_label_asym_id 
_struct_conf.beg_label_seq_id 
_struct_conf.pdbx_beg_PDB_ins_code 
_struct_conf.end_label_comp_id 
_struct_conf.end_label_asym_id 
_struct_conf.end_label_seq_id 
_struct_conf.pdbx_end_PDB_ins_code 
_struct_conf.beg_auth_comp_id 
_struct_conf.beg_auth_asym_id 
_struct_conf.beg_auth_seq_id 
_struct_conf.end_auth_comp_id 
_struct_conf.end_auth_asym_id 
_struct_conf.end_auth_seq_id 
_struct_conf.pdbx_PDB_helix_class 
_struct_conf.details 
_struct_conf.pdbx_PDB_helix_length 
HELX_P HELX_P1  1  MET A 1  ? TRP A 5  ? MET A 1  TRP A 5  5 ? 5  
HELX_P HELX_P2  2  SER A 6  ? ILE A 17 ? SER A 6  ILE A 17 1 ? 12 
HELX_P HELX_P3  3  HIS A 18 ? GLU A 21 ? HIS A 18 GLU A 21 5 ? 4  
HELX_P HELX_P4  4  HIS A 22 ? HIS A 29 ? HIS A 22 HIS A 29 1 ? 8  
HELX_P HELX_P5  5  GLU A 32 ? LEU A 39 ? GLU A 32 LEU A 39 5 ? 8  
HELX_P HELX_P6  6  THR A 40 ? LEU A 47 ? THR A 40 LEU A 47 1 ? 8  
HELX_P HELX_P7  7  ARG A 51 ? GLN A 64 ? ARG A 51 GLN A 64 1 ? 14 
HELX_P HELX_P8  8  SER B 6  ? ILE B 17 ? SER B 6  ILE B 17 1 ? 12 
HELX_P HELX_P9  9  HIS B 18 ? GLU B 21 ? HIS B 18 GLU B 21 5 ? 4  
HELX_P HELX_P10 10 HIS B 22 ? HIS B 29 ? HIS B 22 HIS B 29 1 ? 8  
HELX_P HELX_P11 11 GLU B 32 ? LEU B 39 ? GLU B 32 LEU B 39 5 ? 8  
HELX_P HELX_P12 12 THR B 40 ? LEU B 47 ? THR B 40 LEU B 47 1 ? 8  
HELX_P HELX_P13 13 ARG B 51 ? GLN B 64 ? ARG B 51 GLN B 64 1 ? 14 
HELX_P HELX_P14 14 SER C 6  ? ILE C 17 ? SER C 6  ILE C 17 1 ? 12 
HELX_P HELX_P15 15 LEU C 19 ? GLU C 21 ? LEU C 19 GLU C 21 5 ? 3  
HELX_P HELX_P16 16 HIS C 22 ? HIS C 29 ? HIS C 22 HIS C 29 1 ? 8  
HELX_P HELX_P17 17 GLU C 32 ? LEU C 39 ? GLU C 32 LEU C 39 5 ? 8  
HELX_P HELX_P18 18 THR C 40 ? LEU C 47 ? THR C 40 LEU C 47 1 ? 8  
HELX_P HELX_P19 19 ARG C 51 ? ARG C 63 ? ARG C 51 ARG C 63 1 ? 13 
# 
_struct_conf_type.id          HELX_P 
_struct_conf_type.criteria    ? 
_struct_conf_type.reference   ? 
# 
_pdbx_validate_torsion.id              1 
_pdbx_validate_torsion.PDB_model_num   1 
_pdbx_validate_torsion.auth_comp_id    GLN 
_pdbx_validate_torsion.auth_asym_id    B 
_pdbx_validate_torsion.auth_seq_id     64 
_pdbx_validate_torsion.PDB_ins_code    ? 
_pdbx_validate_torsion.label_alt_id    ? 
_pdbx_validate_torsion.phi             -79.43 
_pdbx_validate_torsion.psi             25.44 
# 
loop_
_pdbx_unobs_or_zero_occ_residues.id 
_pdbx_unobs_or_zero_occ_residues.PDB_model_num 
_pdbx_unobs_or_zero_occ_residues.polymer_flag 
_pdbx_unobs_or_zero_occ_residues.occupancy_flag 
_pdbx_unobs_or_zero_occ_residues.auth_asym_id 
_pdbx_unobs_or_zero_occ_residues.auth_comp_id 
_pdbx_unobs_or_zero_occ_residues.auth_seq_id 
_pdbx_unobs_or_zero_occ_residues.PDB_ins_code 
_pdbx_unobs_or_zero_occ_residues.label_asym_id 
_pdbx_unobs_or_zero_occ_residues.label_comp_id 
_pdbx_unobs_or_zero_occ_residues.label_seq_id 
1  1 Y 1 A ASP 66 ? A ASP 66 
2  1 Y 1 A GLY 67 ? A GLY 67 
3  1 Y 1 A SER 68 ? A SER 68 
4  1 Y 1 A ARG 69 ? A ARG 69 
5  1 Y 1 A ARG 70 ? A ARG 70 
6  1 Y 1 A HIS 71 ? A HIS 71 
7  1 Y 1 A HIS 72 ? A HIS 72 
8  1 Y 1 A HIS 73 ? A HIS 73 
9  1 Y 1 A HIS 74 ? A HIS 74 
10 1 Y 1 A HIS 75 ? A HIS 75 
11 1 Y 1 A HIS 76 ? A HIS 76 
12 1 Y 1 B MET 1  ? B MET 1  
13 1 Y 1 B ASP 66 ? B ASP 66 
14 1 Y 1 B GLY 67 ? B GLY 67 
15 1 Y 1 B SER 68 ? B SER 68 
16 1 Y 1 B ARG 69 ? B ARG 69 
17 1 Y 1 B ARG 70 ? B ARG 70 
18 1 Y 1 B HIS 71 ? B HIS 71 
19 1 Y 1 B HIS 72 ? B HIS 72 
20 1 Y 1 B HIS 73 ? B HIS 73 
21 1 Y 1 B HIS 74 ? B HIS 74 
22 1 Y 1 B HIS 75 ? B HIS 75 
23 1 Y 1 B HIS 76 ? B HIS 76 
24 1 Y 1 C MET 1  ? C MET 1  
25 1 Y 1 C GLN 64 ? C GLN 64 
26 1 Y 1 C LEU 65 ? C LEU 65 
27 1 Y 1 C ASP 66 ? C ASP 66 
28 1 Y 1 C GLY 67 ? C GLY 67 
29 1 Y 1 C SER 68 ? C SER 68 
30 1 Y 1 C ARG 69 ? C ARG 69 
31 1 Y 1 C ARG 70 ? C ARG 70 
32 1 Y 1 C HIS 71 ? C HIS 71 
33 1 Y 1 C HIS 72 ? C HIS 72 
34 1 Y 1 C HIS 73 ? C HIS 73 
35 1 Y 1 C HIS 74 ? C HIS 74 
36 1 Y 1 C HIS 75 ? C HIS 75 
37 1 Y 1 C HIS 76 ? C HIS 76 
# 
loop_
_chem_comp_atom.comp_id 
_chem_comp_atom.atom_id 
_chem_comp_atom.type_symbol 
_chem_comp_atom.pdbx_aromatic_flag 
_chem_comp_atom.pdbx_stereo_config 
_chem_comp_atom.pdbx_ordinal 
ALA N    N N N 1   
ALA CA   C N S 2   
ALA C    C N N 3   
ALA O    O N N 4   
ALA CB   C N N 5   
ALA OXT  O N N 6   
ALA H    H N N 7   
ALA H2   H N N 8   
ALA HA   H N N 9   
ALA HB1  H N N 10  
ALA HB2  H N N 11  
ALA HB3  H N N 12  
ALA HXT  H N N 13  
ARG N    N N N 14  
ARG CA   C N S 15  
ARG C    C N N 16  
ARG O    O N N 17  
ARG CB   C N N 18  
ARG CG   C N N 19  
ARG CD   C N N 20  
ARG NE   N N N 21  
ARG CZ   C N N 22  
ARG NH1  N N N 23  
ARG NH2  N N N 24  
ARG OXT  O N N 25  
ARG H    H N N 26  
ARG H2   H N N 27  
ARG HA   H N N 28  
ARG HB2  H N N 29  
ARG HB3  H N N 30  
ARG HG2  H N N 31  
ARG HG3  H N N 32  
ARG HD2  H N N 33  
ARG HD3  H N N 34  
ARG HE   H N N 35  
ARG HH11 H N N 36  
ARG HH12 H N N 37  
ARG HH21 H N N 38  
ARG HH22 H N N 39  
ARG HXT  H N N 40  
ASN N    N N N 41  
ASN CA   C N S 42  
ASN C    C N N 43  
ASN O    O N N 44  
ASN CB   C N N 45  
ASN CG   C N N 46  
ASN OD1  O N N 47  
ASN ND2  N N N 48  
ASN OXT  O N N 49  
ASN H    H N N 50  
ASN H2   H N N 51  
ASN HA   H N N 52  
ASN HB2  H N N 53  
ASN HB3  H N N 54  
ASN HD21 H N N 55  
ASN HD22 H N N 56  
ASN HXT  H N N 57  
ASP N    N N N 58  
ASP CA   C N S 59  
ASP C    C N N 60  
ASP O    O N N 61  
ASP CB   C N N 62  
ASP CG   C N N 63  
ASP OD1  O N N 64  
ASP OD2  O N N 65  
ASP OXT  O N N 66  
ASP H    H N N 67  
ASP H2   H N N 68  
ASP HA   H N N 69  
ASP HB2  H N N 70  
ASP HB3  H N N 71  
ASP HD2  H N N 72  
ASP HXT  H N N 73  
GLN N    N N N 74  
GLN CA   C N S 75  
GLN C    C N N 76  
GLN O    O N N 77  
GLN CB   C N N 78  
GLN CG   C N N 79  
GLN CD   C N N 80  
GLN OE1  O N N 81  
GLN NE2  N N N 82  
GLN OXT  O N N 83  
GLN H    H N N 84  
GLN H2   H N N 85  
GLN HA   H N N 86  
GLN HB2  H N N 87  
GLN HB3  H N N 88  
GLN HG2  H N N 89  
GLN HG3  H N N 90  
GLN HE21 H N N 91  
GLN HE22 H N N 92  
GLN HXT  H N N 93  
GLU N    N N N 94  
GLU CA   C N S 95  
GLU C    C N N 96  
GLU O    O N N 97  
GLU CB   C N N 98  
GLU CG   C N N 99  
GLU CD   C N N 100 
GLU OE1  O N N 101 
GLU OE2  O N N 102 
GLU OXT  O N N 103 
GLU H    H N N 104 
GLU H2   H N N 105 
GLU HA   H N N 106 
GLU HB2  H N N 107 
GLU HB3  H N N 108 
GLU HG2  H N N 109 
GLU HG3  H N N 110 
GLU HE2  H N N 111 
GLU HXT  H N N 112 
GLY N    N N N 113 
GLY CA   C N N 114 
GLY C    C N N 115 
GLY O    O N N 116 
GLY OXT  O N N 117 
GLY H    H N N 118 
GLY H2   H N N 119 
GLY HA2  H N N 120 
GLY HA3  H N N 121 
GLY HXT  H N N 122 
HIS N    N N N 123 
HIS CA   C N S 124 
HIS C    C N N 125 
HIS O    O N N 126 
HIS CB   C N N 127 
HIS CG   C Y N 128 
HIS ND1  N Y N 129 
HIS CD2  C Y N 130 
HIS CE1  C Y N 131 
HIS NE2  N Y N 132 
HIS OXT  O N N 133 
HIS H    H N N 134 
HIS H2   H N N 135 
HIS HA   H N N 136 
HIS HB2  H N N 137 
HIS HB3  H N N 138 
HIS HD1  H N N 139 
HIS HD2  H N N 140 
HIS HE1  H N N 141 
HIS HE2  H N N 142 
HIS HXT  H N N 143 
HOH O    O N N 144 
HOH H1   H N N 145 
HOH H2   H N N 146 
ILE N    N N N 147 
ILE CA   C N S 148 
ILE C    C N N 149 
ILE O    O N N 150 
ILE CB   C N S 151 
ILE CG1  C N N 152 
ILE CG2  C N N 153 
ILE CD1  C N N 154 
ILE OXT  O N N 155 
ILE H    H N N 156 
ILE H2   H N N 157 
ILE HA   H N N 158 
ILE HB   H N N 159 
ILE HG12 H N N 160 
ILE HG13 H N N 161 
ILE HG21 H N N 162 
ILE HG22 H N N 163 
ILE HG23 H N N 164 
ILE HD11 H N N 165 
ILE HD12 H N N 166 
ILE HD13 H N N 167 
ILE HXT  H N N 168 
LEU N    N N N 169 
LEU CA   C N S 170 
LEU C    C N N 171 
LEU O    O N N 172 
LEU CB   C N N 173 
LEU CG   C N N 174 
LEU CD1  C N N 175 
LEU CD2  C N N 176 
LEU OXT  O N N 177 
LEU H    H N N 178 
LEU H2   H N N 179 
LEU HA   H N N 180 
LEU HB2  H N N 181 
LEU HB3  H N N 182 
LEU HG   H N N 183 
LEU HD11 H N N 184 
LEU HD12 H N N 185 
LEU HD13 H N N 186 
LEU HD21 H N N 187 
LEU HD22 H N N 188 
LEU HD23 H N N 189 
LEU HXT  H N N 190 
LYS N    N N N 191 
LYS CA   C N S 192 
LYS C    C N N 193 
LYS O    O N N 194 
LYS CB   C N N 195 
LYS CG   C N N 196 
LYS CD   C N N 197 
LYS CE   C N N 198 
LYS NZ   N N N 199 
LYS OXT  O N N 200 
LYS H    H N N 201 
LYS H2   H N N 202 
LYS HA   H N N 203 
LYS HB2  H N N 204 
LYS HB3  H N N 205 
LYS HG2  H N N 206 
LYS HG3  H N N 207 
LYS HD2  H N N 208 
LYS HD3  H N N 209 
LYS HE2  H N N 210 
LYS HE3  H N N 211 
LYS HZ1  H N N 212 
LYS HZ2  H N N 213 
LYS HZ3  H N N 214 
LYS HXT  H N N 215 
MET N    N N N 216 
MET CA   C N S 217 
MET C    C N N 218 
MET O    O N N 219 
MET CB   C N N 220 
MET CG   C N N 221 
MET SD   S N N 222 
MET CE   C N N 223 
MET OXT  O N N 224 
MET H    H N N 225 
MET H2   H N N 226 
MET HA   H N N 227 
MET HB2  H N N 228 
MET HB3  H N N 229 
MET HG2  H N N 230 
MET HG3  H N N 231 
MET HE1  H N N 232 
MET HE2  H N N 233 
MET HE3  H N N 234 
MET HXT  H N N 235 
PHE N    N N N 236 
PHE CA   C N S 237 
PHE C    C N N 238 
PHE O    O N N 239 
PHE CB   C N N 240 
PHE CG   C Y N 241 
PHE CD1  C Y N 242 
PHE CD2  C Y N 243 
PHE CE1  C Y N 244 
PHE CE2  C Y N 245 
PHE CZ   C Y N 246 
PHE OXT  O N N 247 
PHE H    H N N 248 
PHE H2   H N N 249 
PHE HA   H N N 250 
PHE HB2  H N N 251 
PHE HB3  H N N 252 
PHE HD1  H N N 253 
PHE HD2  H N N 254 
PHE HE1  H N N 255 
PHE HE2  H N N 256 
PHE HZ   H N N 257 
PHE HXT  H N N 258 
PRO N    N N N 259 
PRO CA   C N S 260 
PRO C    C N N 261 
PRO O    O N N 262 
PRO CB   C N N 263 
PRO CG   C N N 264 
PRO CD   C N N 265 
PRO OXT  O N N 266 
PRO H    H N N 267 
PRO HA   H N N 268 
PRO HB2  H N N 269 
PRO HB3  H N N 270 
PRO HG2  H N N 271 
PRO HG3  H N N 272 
PRO HD2  H N N 273 
PRO HD3  H N N 274 
PRO HXT  H N N 275 
SER N    N N N 276 
SER CA   C N S 277 
SER C    C N N 278 
SER O    O N N 279 
SER CB   C N N 280 
SER OG   O N N 281 
SER OXT  O N N 282 
SER H    H N N 283 
SER H2   H N N 284 
SER HA   H N N 285 
SER HB2  H N N 286 
SER HB3  H N N 287 
SER HG   H N N 288 
SER HXT  H N N 289 
THR N    N N N 290 
THR CA   C N S 291 
THR C    C N N 292 
THR O    O N N 293 
THR CB   C N R 294 
THR OG1  O N N 295 
THR CG2  C N N 296 
THR OXT  O N N 297 
THR H    H N N 298 
THR H2   H N N 299 
THR HA   H N N 300 
THR HB   H N N 301 
THR HG1  H N N 302 
THR HG21 H N N 303 
THR HG22 H N N 304 
THR HG23 H N N 305 
THR HXT  H N N 306 
TRP N    N N N 307 
TRP CA   C N S 308 
TRP C    C N N 309 
TRP O    O N N 310 
TRP CB   C N N 311 
TRP CG   C Y N 312 
TRP CD1  C Y N 313 
TRP CD2  C Y N 314 
TRP NE1  N Y N 315 
TRP CE2  C Y N 316 
TRP CE3  C Y N 317 
TRP CZ2  C Y N 318 
TRP CZ3  C Y N 319 
TRP CH2  C Y N 320 
TRP OXT  O N N 321 
TRP H    H N N 322 
TRP H2   H N N 323 
TRP HA   H N N 324 
TRP HB2  H N N 325 
TRP HB3  H N N 326 
TRP HD1  H N N 327 
TRP HE1  H N N 328 
TRP HE3  H N N 329 
TRP HZ2  H N N 330 
TRP HZ3  H N N 331 
TRP HH2  H N N 332 
TRP HXT  H N N 333 
VAL N    N N N 334 
VAL CA   C N S 335 
VAL C    C N N 336 
VAL O    O N N 337 
VAL CB   C N N 338 
VAL CG1  C N N 339 
VAL CG2  C N N 340 
VAL OXT  O N N 341 
VAL H    H N N 342 
VAL H2   H N N 343 
VAL HA   H N N 344 
VAL HB   H N N 345 
VAL HG11 H N N 346 
VAL HG12 H N N 347 
VAL HG13 H N N 348 
VAL HG21 H N N 349 
VAL HG22 H N N 350 
VAL HG23 H N N 351 
VAL HXT  H N N 352 
# 
loop_
_chem_comp_bond.comp_id 
_chem_comp_bond.atom_id_1 
_chem_comp_bond.atom_id_2 
_chem_comp_bond.value_order 
_chem_comp_bond.pdbx_aromatic_flag 
_chem_comp_bond.pdbx_stereo_config 
_chem_comp_bond.pdbx_ordinal 
ALA N   CA   sing N N 1   
ALA N   H    sing N N 2   
ALA N   H2   sing N N 3   
ALA CA  C    sing N N 4   
ALA CA  CB   sing N N 5   
ALA CA  HA   sing N N 6   
ALA C   O    doub N N 7   
ALA C   OXT  sing N N 8   
ALA CB  HB1  sing N N 9   
ALA CB  HB2  sing N N 10  
ALA CB  HB3  sing N N 11  
ALA OXT HXT  sing N N 12  
ARG N   CA   sing N N 13  
ARG N   H    sing N N 14  
ARG N   H2   sing N N 15  
ARG CA  C    sing N N 16  
ARG CA  CB   sing N N 17  
ARG CA  HA   sing N N 18  
ARG C   O    doub N N 19  
ARG C   OXT  sing N N 20  
ARG CB  CG   sing N N 21  
ARG CB  HB2  sing N N 22  
ARG CB  HB3  sing N N 23  
ARG CG  CD   sing N N 24  
ARG CG  HG2  sing N N 25  
ARG CG  HG3  sing N N 26  
ARG CD  NE   sing N N 27  
ARG CD  HD2  sing N N 28  
ARG CD  HD3  sing N N 29  
ARG NE  CZ   sing N N 30  
ARG NE  HE   sing N N 31  
ARG CZ  NH1  sing N N 32  
ARG CZ  NH2  doub N N 33  
ARG NH1 HH11 sing N N 34  
ARG NH1 HH12 sing N N 35  
ARG NH2 HH21 sing N N 36  
ARG NH2 HH22 sing N N 37  
ARG OXT HXT  sing N N 38  
ASN N   CA   sing N N 39  
ASN N   H    sing N N 40  
ASN N   H2   sing N N 41  
ASN CA  C    sing N N 42  
ASN CA  CB   sing N N 43  
ASN CA  HA   sing N N 44  
ASN C   O    doub N N 45  
ASN C   OXT  sing N N 46  
ASN CB  CG   sing N N 47  
ASN CB  HB2  sing N N 48  
ASN CB  HB3  sing N N 49  
ASN CG  OD1  doub N N 50  
ASN CG  ND2  sing N N 51  
ASN ND2 HD21 sing N N 52  
ASN ND2 HD22 sing N N 53  
ASN OXT HXT  sing N N 54  
ASP N   CA   sing N N 55  
ASP N   H    sing N N 56  
ASP N   H2   sing N N 57  
ASP CA  C    sing N N 58  
ASP CA  CB   sing N N 59  
ASP CA  HA   sing N N 60  
ASP C   O    doub N N 61  
ASP C   OXT  sing N N 62  
ASP CB  CG   sing N N 63  
ASP CB  HB2  sing N N 64  
ASP CB  HB3  sing N N 65  
ASP CG  OD1  doub N N 66  
ASP CG  OD2  sing N N 67  
ASP OD2 HD2  sing N N 68  
ASP OXT HXT  sing N N 69  
GLN N   CA   sing N N 70  
GLN N   H    sing N N 71  
GLN N   H2   sing N N 72  
GLN CA  C    sing N N 73  
GLN CA  CB   sing N N 74  
GLN CA  HA   sing N N 75  
GLN C   O    doub N N 76  
GLN C   OXT  sing N N 77  
GLN CB  CG   sing N N 78  
GLN CB  HB2  sing N N 79  
GLN CB  HB3  sing N N 80  
GLN CG  CD   sing N N 81  
GLN CG  HG2  sing N N 82  
GLN CG  HG3  sing N N 83  
GLN CD  OE1  doub N N 84  
GLN CD  NE2  sing N N 85  
GLN NE2 HE21 sing N N 86  
GLN NE2 HE22 sing N N 87  
GLN OXT HXT  sing N N 88  
GLU N   CA   sing N N 89  
GLU N   H    sing N N 90  
GLU N   H2   sing N N 91  
GLU CA  C    sing N N 92  
GLU CA  CB   sing N N 93  
GLU CA  HA   sing N N 94  
GLU C   O    doub N N 95  
GLU C   OXT  sing N N 96  
GLU CB  CG   sing N N 97  
GLU CB  HB2  sing N N 98  
GLU CB  HB3  sing N N 99  
GLU CG  CD   sing N N 100 
GLU CG  HG2  sing N N 101 
GLU CG  HG3  sing N N 102 
GLU CD  OE1  doub N N 103 
GLU CD  OE2  sing N N 104 
GLU OE2 HE2  sing N N 105 
GLU OXT HXT  sing N N 106 
GLY N   CA   sing N N 107 
GLY N   H    sing N N 108 
GLY N   H2   sing N N 109 
GLY CA  C    sing N N 110 
GLY CA  HA2  sing N N 111 
GLY CA  HA3  sing N N 112 
GLY C   O    doub N N 113 
GLY C   OXT  sing N N 114 
GLY OXT HXT  sing N N 115 
HIS N   CA   sing N N 116 
HIS N   H    sing N N 117 
HIS N   H2   sing N N 118 
HIS CA  C    sing N N 119 
HIS CA  CB   sing N N 120 
HIS CA  HA   sing N N 121 
HIS C   O    doub N N 122 
HIS C   OXT  sing N N 123 
HIS CB  CG   sing N N 124 
HIS CB  HB2  sing N N 125 
HIS CB  HB3  sing N N 126 
HIS CG  ND1  sing Y N 127 
HIS CG  CD2  doub Y N 128 
HIS ND1 CE1  doub Y N 129 
HIS ND1 HD1  sing N N 130 
HIS CD2 NE2  sing Y N 131 
HIS CD2 HD2  sing N N 132 
HIS CE1 NE2  sing Y N 133 
HIS CE1 HE1  sing N N 134 
HIS NE2 HE2  sing N N 135 
HIS OXT HXT  sing N N 136 
HOH O   H1   sing N N 137 
HOH O   H2   sing N N 138 
ILE N   CA   sing N N 139 
ILE N   H    sing N N 140 
ILE N   H2   sing N N 141 
ILE CA  C    sing N N 142 
ILE CA  CB   sing N N 143 
ILE CA  HA   sing N N 144 
ILE C   O    doub N N 145 
ILE C   OXT  sing N N 146 
ILE CB  CG1  sing N N 147 
ILE CB  CG2  sing N N 148 
ILE CB  HB   sing N N 149 
ILE CG1 CD1  sing N N 150 
ILE CG1 HG12 sing N N 151 
ILE CG1 HG13 sing N N 152 
ILE CG2 HG21 sing N N 153 
ILE CG2 HG22 sing N N 154 
ILE CG2 HG23 sing N N 155 
ILE CD1 HD11 sing N N 156 
ILE CD1 HD12 sing N N 157 
ILE CD1 HD13 sing N N 158 
ILE OXT HXT  sing N N 159 
LEU N   CA   sing N N 160 
LEU N   H    sing N N 161 
LEU N   H2   sing N N 162 
LEU CA  C    sing N N 163 
LEU CA  CB   sing N N 164 
LEU CA  HA   sing N N 165 
LEU C   O    doub N N 166 
LEU C   OXT  sing N N 167 
LEU CB  CG   sing N N 168 
LEU CB  HB2  sing N N 169 
LEU CB  HB3  sing N N 170 
LEU CG  CD1  sing N N 171 
LEU CG  CD2  sing N N 172 
LEU CG  HG   sing N N 173 
LEU CD1 HD11 sing N N 174 
LEU CD1 HD12 sing N N 175 
LEU CD1 HD13 sing N N 176 
LEU CD2 HD21 sing N N 177 
LEU CD2 HD22 sing N N 178 
LEU CD2 HD23 sing N N 179 
LEU OXT HXT  sing N N 180 
LYS N   CA   sing N N 181 
LYS N   H    sing N N 182 
LYS N   H2   sing N N 183 
LYS CA  C    sing N N 184 
LYS CA  CB   sing N N 185 
LYS CA  HA   sing N N 186 
LYS C   O    doub N N 187 
LYS C   OXT  sing N N 188 
LYS CB  CG   sing N N 189 
LYS CB  HB2  sing N N 190 
LYS CB  HB3  sing N N 191 
LYS CG  CD   sing N N 192 
LYS CG  HG2  sing N N 193 
LYS CG  HG3  sing N N 194 
LYS CD  CE   sing N N 195 
LYS CD  HD2  sing N N 196 
LYS CD  HD3  sing N N 197 
LYS CE  NZ   sing N N 198 
LYS CE  HE2  sing N N 199 
LYS CE  HE3  sing N N 200 
LYS NZ  HZ1  sing N N 201 
LYS NZ  HZ2  sing N N 202 
LYS NZ  HZ3  sing N N 203 
LYS OXT HXT  sing N N 204 
MET N   CA   sing N N 205 
MET N   H    sing N N 206 
MET N   H2   sing N N 207 
MET CA  C    sing N N 208 
MET CA  CB   sing N N 209 
MET CA  HA   sing N N 210 
MET C   O    doub N N 211 
MET C   OXT  sing N N 212 
MET CB  CG   sing N N 213 
MET CB  HB2  sing N N 214 
MET CB  HB3  sing N N 215 
MET CG  SD   sing N N 216 
MET CG  HG2  sing N N 217 
MET CG  HG3  sing N N 218 
MET SD  CE   sing N N 219 
MET CE  HE1  sing N N 220 
MET CE  HE2  sing N N 221 
MET CE  HE3  sing N N 222 
MET OXT HXT  sing N N 223 
PHE N   CA   sing N N 224 
PHE N   H    sing N N 225 
PHE N   H2   sing N N 226 
PHE CA  C    sing N N 227 
PHE CA  CB   sing N N 228 
PHE CA  HA   sing N N 229 
PHE C   O    doub N N 230 
PHE C   OXT  sing N N 231 
PHE CB  CG   sing N N 232 
PHE CB  HB2  sing N N 233 
PHE CB  HB3  sing N N 234 
PHE CG  CD1  doub Y N 235 
PHE CG  CD2  sing Y N 236 
PHE CD1 CE1  sing Y N 237 
PHE CD1 HD1  sing N N 238 
PHE CD2 CE2  doub Y N 239 
PHE CD2 HD2  sing N N 240 
PHE CE1 CZ   doub Y N 241 
PHE CE1 HE1  sing N N 242 
PHE CE2 CZ   sing Y N 243 
PHE CE2 HE2  sing N N 244 
PHE CZ  HZ   sing N N 245 
PHE OXT HXT  sing N N 246 
PRO N   CA   sing N N 247 
PRO N   CD   sing N N 248 
PRO N   H    sing N N 249 
PRO CA  C    sing N N 250 
PRO CA  CB   sing N N 251 
PRO CA  HA   sing N N 252 
PRO C   O    doub N N 253 
PRO C   OXT  sing N N 254 
PRO CB  CG   sing N N 255 
PRO CB  HB2  sing N N 256 
PRO CB  HB3  sing N N 257 
PRO CG  CD   sing N N 258 
PRO CG  HG2  sing N N 259 
PRO CG  HG3  sing N N 260 
PRO CD  HD2  sing N N 261 
PRO CD  HD3  sing N N 262 
PRO OXT HXT  sing N N 263 
SER N   CA   sing N N 264 
SER N   H    sing N N 265 
SER N   H2   sing N N 266 
SER CA  C    sing N N 267 
SER CA  CB   sing N N 268 
SER CA  HA   sing N N 269 
SER C   O    doub N N 270 
SER C   OXT  sing N N 271 
SER CB  OG   sing N N 272 
SER CB  HB2  sing N N 273 
SER CB  HB3  sing N N 274 
SER OG  HG   sing N N 275 
SER OXT HXT  sing N N 276 
THR N   CA   sing N N 277 
THR N   H    sing N N 278 
THR N   H2   sing N N 279 
THR CA  C    sing N N 280 
THR CA  CB   sing N N 281 
THR CA  HA   sing N N 282 
THR C   O    doub N N 283 
THR C   OXT  sing N N 284 
THR CB  OG1  sing N N 285 
THR CB  CG2  sing N N 286 
THR CB  HB   sing N N 287 
THR OG1 HG1  sing N N 288 
THR CG2 HG21 sing N N 289 
THR CG2 HG22 sing N N 290 
THR CG2 HG23 sing N N 291 
THR OXT HXT  sing N N 292 
TRP N   CA   sing N N 293 
TRP N   H    sing N N 294 
TRP N   H2   sing N N 295 
TRP CA  C    sing N N 296 
TRP CA  CB   sing N N 297 
TRP CA  HA   sing N N 298 
TRP C   O    doub N N 299 
TRP C   OXT  sing N N 300 
TRP CB  CG   sing N N 301 
TRP CB  HB2  sing N N 302 
TRP CB  HB3  sing N N 303 
TRP CG  CD1  doub Y N 304 
TRP CG  CD2  sing Y N 305 
TRP CD1 NE1  sing Y N 306 
TRP CD1 HD1  sing N N 307 
TRP CD2 CE2  doub Y N 308 
TRP CD2 CE3  sing Y N 309 
TRP NE1 CE2  sing Y N 310 
TRP NE1 HE1  sing N N 311 
TRP CE2 CZ2  sing Y N 312 
TRP CE3 CZ3  doub Y N 313 
TRP CE3 HE3  sing N N 314 
TRP CZ2 CH2  doub Y N 315 
TRP CZ2 HZ2  sing N N 316 
TRP CZ3 CH2  sing Y N 317 
TRP CZ3 HZ3  sing N N 318 
TRP CH2 HH2  sing N N 319 
TRP OXT HXT  sing N N 320 
VAL N   CA   sing N N 321 
VAL N   H    sing N N 322 
VAL N   H2   sing N N 323 
VAL CA  C    sing N N 324 
VAL CA  CB   sing N N 325 
VAL CA  HA   sing N N 326 
VAL C   O    doub N N 327 
VAL C   OXT  sing N N 328 
VAL CB  CG1  sing N N 329 
VAL CB  CG2  sing N N 330 
VAL CB  HB   sing N N 331 
VAL CG1 HG11 sing N N 332 
VAL CG1 HG12 sing N N 333 
VAL CG1 HG13 sing N N 334 
VAL CG2 HG21 sing N N 335 
VAL CG2 HG22 sing N N 336 
VAL CG2 HG23 sing N N 337 
VAL OXT HXT  sing N N 338 
# 
_atom_sites.entry_id                    2F3N 
_atom_sites.fract_transf_matrix[1][1]   -0.00306122 
_atom_sites.fract_transf_matrix[1][2]   -0.00434433 
_atom_sites.fract_transf_matrix[1][3]   0.00966242 
_atom_sites.fract_transf_matrix[2][1]   -0.01060271 
_atom_sites.fract_transf_matrix[2][2]   -0.00239295 
_atom_sites.fract_transf_matrix[2][3]   0.00185770 
_atom_sites.fract_transf_matrix[3][1]   0.00355643 
_atom_sites.fract_transf_matrix[3][2]   -0.02286349 
_atom_sites.fract_transf_matrix[3][3]   -0.00915294 
_atom_sites.fract_transf_vector[1]      0.569495 
_atom_sites.fract_transf_vector[2]      0.508777 
_atom_sites.fract_transf_vector[3]      0.054985 
# 
loop_
_atom_type.symbol 
C 
N 
O 
S 
# 
loop_
_atom_site.group_PDB 
_atom_site.id 
_atom_site.type_symbol 
_atom_site.label_atom_id 
_atom_site.label_alt_id 
_atom_site.label_comp_id 
_atom_site.label_asym_id 
_atom_site.label_entity_id 
_atom_site.label_seq_id 
_atom_site.pdbx_PDB_ins_code 
_atom_site.Cartn_x 
_atom_site.Cartn_y 
_atom_site.Cartn_z 
_atom_site.occupancy 
_atom_site.B_iso_or_equiv 
_atom_site.pdbx_formal_charge 
_atom_site.auth_seq_id 
_atom_site.auth_comp_id 
_atom_site.auth_asym_id 
_atom_site.auth_atom_id 
_atom_site.pdbx_PDB_model_num 
ATOM   1    N N   . MET A 1 1  ? 17.769  17.294  -8.549  1.00 42.51 ? 1   MET A N   1 
ATOM   2    C CA  . MET A 1 1  ? 18.486  18.290  -9.404  1.00 41.60 ? 1   MET A CA  1 
ATOM   3    C C   . MET A 1 1  ? 19.521  17.648  -10.335 1.00 39.83 ? 1   MET A C   1 
ATOM   4    O O   . MET A 1 1  ? 20.218  16.688  -9.980  1.00 37.07 ? 1   MET A O   1 
ATOM   5    C CB  . MET A 1 1  ? 19.166  19.354  -8.531  1.00 45.08 ? 1   MET A CB  1 
ATOM   6    C CG  . MET A 1 1  ? 20.458  18.938  -7.887  1.00 47.30 ? 1   MET A CG  1 
ATOM   7    S SD  . MET A 1 1  ? 21.067  20.258  -6.804  1.00 54.49 ? 1   MET A SD  1 
ATOM   8    C CE  . MET A 1 1  ? 21.077  19.407  -5.192  1.00 51.23 ? 1   MET A CE  1 
ATOM   9    N N   . LEU A 1 2  ? 19.612  18.226  -11.522 1.00 38.96 ? 2   LEU A N   1 
ATOM   10   C CA  . LEU A 1 2  ? 20.486  17.766  -12.591 1.00 39.60 ? 2   LEU A CA  1 
ATOM   11   C C   . LEU A 1 2  ? 21.826  17.156  -12.211 1.00 38.48 ? 2   LEU A C   1 
ATOM   12   O O   . LEU A 1 2  ? 22.116  16.016  -12.571 1.00 39.54 ? 2   LEU A O   1 
ATOM   13   C CB  . LEU A 1 2  ? 20.704  18.914  -13.575 1.00 40.35 ? 2   LEU A CB  1 
ATOM   14   C CG  . LEU A 1 2  ? 21.665  18.630  -14.718 1.00 42.98 ? 2   LEU A CG  1 
ATOM   15   C CD1 . LEU A 1 2  ? 21.127  17.450  -15.530 1.00 42.88 ? 2   LEU A CD1 1 
ATOM   16   C CD2 . LEU A 1 2  ? 21.821  19.878  -15.581 1.00 42.60 ? 2   LEU A CD2 1 
ATOM   17   N N   . GLN A 1 3  ? 22.654  17.895  -11.486 1.00 38.50 ? 3   GLN A N   1 
ATOM   18   C CA  . GLN A 1 3  ? 23.962  17.368  -11.122 1.00 37.89 ? 3   GLN A CA  1 
ATOM   19   C C   . GLN A 1 3  ? 23.924  16.062  -10.349 1.00 36.36 ? 3   GLN A C   1 
ATOM   20   O O   . GLN A 1 3  ? 24.905  15.322  -10.330 1.00 36.31 ? 3   GLN A O   1 
ATOM   21   C CB  . GLN A 1 3  ? 24.760  18.410  -10.336 1.00 41.37 ? 3   GLN A CB  1 
ATOM   22   C CG  . GLN A 1 3  ? 23.973  19.068  -9.247  1.00 41.89 ? 3   GLN A CG  1 
ATOM   23   C CD  . GLN A 1 3  ? 23.457  20.438  -9.663  1.00 44.90 ? 3   GLN A CD  1 
ATOM   24   O OE1 . GLN A 1 3  ? 24.137  21.456  -9.460  1.00 42.62 ? 3   GLN A OE1 1 
ATOM   25   N NE2 . GLN A 1 3  ? 22.250  20.475  -10.259 1.00 42.66 ? 3   GLN A NE2 1 
ATOM   26   N N   . LEU A 1 4  ? 22.793  15.755  -9.724  1.00 35.47 ? 4   LEU A N   1 
ATOM   27   C CA  . LEU A 1 4  ? 22.693  14.515  -8.955  1.00 34.36 ? 4   LEU A CA  1 
ATOM   28   C C   . LEU A 1 4  ? 22.106  13.338  -9.731  1.00 33.45 ? 4   LEU A C   1 
ATOM   29   O O   . LEU A 1 4  ? 21.976  12.244  -9.191  1.00 32.78 ? 4   LEU A O   1 
ATOM   30   C CB  . LEU A 1 4  ? 21.828  14.733  -7.719  1.00 35.71 ? 4   LEU A CB  1 
ATOM   31   C CG  . LEU A 1 4  ? 22.122  16.011  -6.935  1.00 38.58 ? 4   LEU A CG  1 
ATOM   32   C CD1 . LEU A 1 4  ? 21.264  16.026  -5.678  1.00 40.59 ? 4   LEU A CD1 1 
ATOM   33   C CD2 . LEU A 1 4  ? 23.595  16.075  -6.580  1.00 39.55 ? 4   LEU A CD2 1 
ATOM   34   N N   . TRP A 1 5  ? 21.726  13.540  -10.987 1.00 31.35 ? 5   TRP A N   1 
ATOM   35   C CA  . TRP A 1 5  ? 21.136  12.423  -11.714 1.00 28.53 ? 5   TRP A CA  1 
ATOM   36   C C   . TRP A 1 5  ? 22.117  11.331  -12.096 1.00 27.74 ? 5   TRP A C   1 
ATOM   37   O O   . TRP A 1 5  ? 23.233  11.604  -12.533 1.00 29.01 ? 5   TRP A O   1 
ATOM   38   C CB  . TRP A 1 5  ? 20.449  12.896  -12.995 1.00 29.40 ? 5   TRP A CB  1 
ATOM   39   C CG  . TRP A 1 5  ? 19.302  13.795  -12.801 1.00 29.44 ? 5   TRP A CG  1 
ATOM   40   C CD1 . TRP A 1 5  ? 18.620  14.047  -11.632 1.00 30.25 ? 5   TRP A CD1 1 
ATOM   41   C CD2 . TRP A 1 5  ? 18.687  14.597  -13.808 1.00 30.30 ? 5   TRP A CD2 1 
ATOM   42   N NE1 . TRP A 1 5  ? 17.624  14.973  -11.863 1.00 29.14 ? 5   TRP A NE1 1 
ATOM   43   C CE2 . TRP A 1 5  ? 17.643  15.324  -13.188 1.00 29.99 ? 5   TRP A CE2 1 
ATOM   44   C CE3 . TRP A 1 5  ? 18.924  14.782  -15.180 1.00 31.66 ? 5   TRP A CE3 1 
ATOM   45   C CZ2 . TRP A 1 5  ? 16.831  16.223  -13.896 1.00 31.96 ? 5   TRP A CZ2 1 
ATOM   46   C CZ3 . TRP A 1 5  ? 18.118  15.682  -15.885 1.00 31.95 ? 5   TRP A CZ3 1 
ATOM   47   C CH2 . TRP A 1 5  ? 17.087  16.387  -15.240 1.00 30.16 ? 5   TRP A CH2 1 
ATOM   48   N N   . SER A 1 6  ? 21.674  10.085  -11.935 1.00 27.15 ? 6   SER A N   1 
ATOM   49   C CA  . SER A 1 6  ? 22.456  8.920   -12.328 1.00 26.71 ? 6   SER A CA  1 
ATOM   50   C C   . SER A 1 6  ? 22.175  8.743   -13.839 1.00 25.03 ? 6   SER A C   1 
ATOM   51   O O   . SER A 1 6  ? 21.361  9.469   -14.421 1.00 24.25 ? 6   SER A O   1 
ATOM   52   C CB  . SER A 1 6  ? 21.954  7.677   -11.587 1.00 27.09 ? 6   SER A CB  1 
ATOM   53   O OG  . SER A 1 6  ? 20.734  7.210   -12.168 1.00 26.80 ? 6   SER A OG  1 
ATOM   54   N N   . LYS A 1 7  ? 22.819  7.769   -14.464 1.00 25.49 ? 7   LYS A N   1 
ATOM   55   C CA  . LYS A 1 7  ? 22.578  7.541   -15.877 1.00 24.93 ? 7   LYS A CA  1 
ATOM   56   C C   . LYS A 1 7  ? 21.135  7.103   -16.090 1.00 25.00 ? 7   LYS A C   1 
ATOM   57   O O   . LYS A 1 7  ? 20.559  7.334   -17.151 1.00 22.80 ? 7   LYS A O   1 
ATOM   58   C CB  . LYS A 1 7  ? 23.512  6.474   -16.407 1.00 24.61 ? 7   LYS A CB  1 
ATOM   59   C CG  . LYS A 1 7  ? 23.318  5.083   -15.831 1.00 26.10 ? 7   LYS A CG  1 
ATOM   60   C CD  . LYS A 1 7  ? 24.467  4.188   -16.301 1.00 29.37 ? 7   LYS A CD  1 
ATOM   61   C CE  . LYS A 1 7  ? 24.316  2.758   -15.793 1.00 31.05 ? 7   LYS A CE  1 
ATOM   62   N NZ  . LYS A 1 7  ? 25.535  1.950   -16.097 1.00 35.89 ? 7   LYS A NZ  1 
ATOM   63   N N   . PHE A 1 8  ? 20.539  6.463   -15.088 1.00 23.74 ? 8   PHE A N   1 
ATOM   64   C CA  . PHE A 1 8  ? 19.160  6.009   -15.247 1.00 24.42 ? 8   PHE A CA  1 
ATOM   65   C C   . PHE A 1 8  ? 18.199  7.178   -15.114 1.00 22.30 ? 8   PHE A C   1 
ATOM   66   O O   . PHE A 1 8  ? 17.173  7.214   -15.795 1.00 21.78 ? 8   PHE A O   1 
ATOM   67   C CB  . PHE A 1 8  ? 18.841  4.896   -14.226 1.00 27.24 ? 8   PHE A CB  1 
ATOM   68   C CG  . PHE A 1 8  ? 19.697  3.669   -14.396 1.00 31.92 ? 8   PHE A CG  1 
ATOM   69   C CD1 . PHE A 1 8  ? 19.490  2.799   -15.468 1.00 31.13 ? 8   PHE A CD1 1 
ATOM   70   C CD2 . PHE A 1 8  ? 20.738  3.394   -13.497 1.00 34.32 ? 8   PHE A CD2 1 
ATOM   71   C CE1 . PHE A 1 8  ? 20.301  1.684   -15.637 1.00 32.07 ? 8   PHE A CE1 1 
ATOM   72   C CE2 . PHE A 1 8  ? 21.553  2.273   -13.663 1.00 34.05 ? 8   PHE A CE2 1 
ATOM   73   C CZ  . PHE A 1 8  ? 21.335  1.418   -14.731 1.00 33.12 ? 8   PHE A CZ  1 
ATOM   74   N N   . ASP A 1 9  ? 18.537  8.132   -14.252 1.00 21.21 ? 9   ASP A N   1 
ATOM   75   C CA  . ASP A 1 9  ? 17.717  9.317   -14.070 1.00 22.84 ? 9   ASP A CA  1 
ATOM   76   C C   . ASP A 1 9  ? 17.755  10.146  -15.367 1.00 22.21 ? 9   ASP A C   1 
ATOM   77   O O   . ASP A 1 9  ? 16.755  10.718  -15.767 1.00 21.81 ? 9   ASP A O   1 
ATOM   78   C CB  . ASP A 1 9  ? 18.235  10.191  -12.921 1.00 25.88 ? 9   ASP A CB  1 
ATOM   79   C CG  . ASP A 1 9  ? 18.144  9.495   -11.551 1.00 27.66 ? 9   ASP A CG  1 
ATOM   80   O OD1 . ASP A 1 9  ? 17.173  8.779   -11.304 1.00 26.55 ? 9   ASP A OD1 1 
ATOM   81   O OD2 . ASP A 1 9  ? 19.047  9.685   -10.732 1.00 27.71 ? 9   ASP A OD2 1 
ATOM   82   N N   . VAL A 1 10 ? 18.920  10.232  -16.004 1.00 19.91 ? 10  VAL A N   1 
ATOM   83   C CA  . VAL A 1 10 ? 19.022  10.958  -17.273 1.00 20.22 ? 10  VAL A CA  1 
ATOM   84   C C   . VAL A 1 10 ? 18.042  10.320  -18.277 1.00 20.65 ? 10  VAL A C   1 
ATOM   85   O O   . VAL A 1 10 ? 17.328  11.022  -19.014 1.00 18.96 ? 10  VAL A O   1 
ATOM   86   C CB  . VAL A 1 10 ? 20.485  10.875  -17.828 1.00 19.55 ? 10  VAL A CB  1 
ATOM   87   C CG1 . VAL A 1 10 ? 20.542  11.325  -19.274 1.00 20.09 ? 10  VAL A CG1 1 
ATOM   88   C CG2 . VAL A 1 10 ? 21.401  11.778  -16.976 1.00 21.71 ? 10  VAL A CG2 1 
ATOM   89   N N   . GLY A 1 11 ? 18.031  8.988   -18.313 1.00 19.03 ? 11  GLY A N   1 
ATOM   90   C CA  . GLY A 1 11 ? 17.136  8.273   -19.213 1.00 20.45 ? 11  GLY A CA  1 
ATOM   91   C C   . GLY A 1 11 ? 15.683  8.576   -18.912 1.00 21.63 ? 11  GLY A C   1 
ATOM   92   O O   . GLY A 1 11 ? 14.875  8.771   -19.814 1.00 21.17 ? 11  GLY A O   1 
ATOM   93   N N   . ASP A 1 12 ? 15.330  8.622   -17.637 1.00 22.16 ? 12  ASP A N   1 
ATOM   94   C CA  . ASP A 1 12 ? 13.959  8.957   -17.293 1.00 23.11 ? 12  ASP A CA  1 
ATOM   95   C C   . ASP A 1 12 ? 13.646  10.396  -17.709 1.00 22.62 ? 12  ASP A C   1 
ATOM   96   O O   . ASP A 1 12 ? 12.536  10.683  -18.118 1.00 23.49 ? 12  ASP A O   1 
ATOM   97   C CB  . ASP A 1 12 ? 13.737  8.831   -15.798 1.00 24.45 ? 12  ASP A CB  1 
ATOM   98   C CG  . ASP A 1 12 ? 13.776  7.403   -15.325 1.00 26.29 ? 12  ASP A CG  1 
ATOM   99   O OD1 . ASP A 1 12 ? 13.594  6.490   -16.156 1.00 29.04 ? 12  ASP A OD1 1 
ATOM   100  O OD2 . ASP A 1 12 ? 13.967  7.200   -14.114 1.00 28.53 ? 12  ASP A OD2 1 
ATOM   101  N N   . TRP A 1 13 ? 14.600  11.314  -17.555 1.00 20.79 ? 13  TRP A N   1 
ATOM   102  C CA  . TRP A 1 13 ? 14.366  12.714  -17.938 1.00 21.37 ? 13  TRP A CA  1 
ATOM   103  C C   . TRP A 1 13 ? 14.136  12.787  -19.457 1.00 21.02 ? 13  TRP A C   1 
ATOM   104  O O   . TRP A 1 13 ? 13.207  13.448  -19.953 1.00 21.12 ? 13  TRP A O   1 
ATOM   105  C CB  . TRP A 1 13 ? 15.574  13.554  -17.523 1.00 20.38 ? 13  TRP A CB  1 
ATOM   106  C CG  . TRP A 1 13 ? 15.564  14.956  -18.060 1.00 24.40 ? 13  TRP A CG  1 
ATOM   107  C CD1 . TRP A 1 13 ? 14.762  16.010  -17.644 1.00 24.91 ? 13  TRP A CD1 1 
ATOM   108  C CD2 . TRP A 1 13 ? 16.408  15.477  -19.086 1.00 23.59 ? 13  TRP A CD2 1 
ATOM   109  N NE1 . TRP A 1 13 ? 15.085  17.138  -18.349 1.00 26.42 ? 13  TRP A NE1 1 
ATOM   110  C CE2 . TRP A 1 13 ? 16.085  16.842  -19.243 1.00 26.01 ? 13  TRP A CE2 1 
ATOM   111  C CE3 . TRP A 1 13 ? 17.411  14.915  -19.899 1.00 25.98 ? 13  TRP A CE3 1 
ATOM   112  C CZ2 . TRP A 1 13 ? 16.730  17.670  -20.184 1.00 27.05 ? 13  TRP A CZ2 1 
ATOM   113  C CZ3 . TRP A 1 13 ? 18.055  15.744  -20.843 1.00 25.71 ? 13  TRP A CZ3 1 
ATOM   114  C CH2 . TRP A 1 13 ? 17.705  17.104  -20.970 1.00 25.89 ? 13  TRP A CH2 1 
ATOM   115  N N   . LEU A 1 14 ? 14.985  12.094  -20.209 1.00 20.48 ? 14  LEU A N   1 
ATOM   116  C CA  . LEU A 1 14 ? 14.815  12.073  -21.655 1.00 20.80 ? 14  LEU A CA  1 
ATOM   117  C C   . LEU A 1 14 ? 13.399  11.616  -21.994 1.00 22.26 ? 14  LEU A C   1 
ATOM   118  O O   . LEU A 1 14 ? 12.745  12.218  -22.880 1.00 21.71 ? 14  LEU A O   1 
ATOM   119  C CB  . LEU A 1 14 ? 15.829  11.130  -22.304 1.00 19.30 ? 14  LEU A CB  1 
ATOM   120  C CG  . LEU A 1 14 ? 17.261  11.666  -22.364 1.00 19.09 ? 14  LEU A CG  1 
ATOM   121  C CD1 . LEU A 1 14 ? 18.208  10.568  -22.869 1.00 18.29 ? 14  LEU A CD1 1 
ATOM   122  C CD2 . LEU A 1 14 ? 17.288  12.852  -23.331 1.00 19.57 ? 14  LEU A CD2 1 
ATOM   123  N N   . GLU A 1 15 ? 12.922  10.546  -21.341 1.00 22.96 ? 15  GLU A N   1 
ATOM   124  C CA  . GLU A 1 15 ? 11.558  10.086  -21.617 1.00 25.82 ? 15  GLU A CA  1 
ATOM   125  C C   . GLU A 1 15 ? 10.560  11.178  -21.280 1.00 26.08 ? 15  GLU A C   1 
ATOM   126  O O   . GLU A 1 15 ? 9.565   11.334  -21.980 1.00 27.27 ? 15  GLU A O   1 
ATOM   127  C CB  . GLU A 1 15 ? 11.104  8.879   -20.769 1.00 28.05 ? 15  GLU A CB  1 
ATOM   128  C CG  . GLU A 1 15 ? 11.798  7.570   -20.965 1.00 31.65 ? 15  GLU A CG  1 
ATOM   129  C CD  . GLU A 1 15 ? 10.935  6.392   -20.520 1.00 33.04 ? 15  GLU A CD  1 
ATOM   130  O OE1 . GLU A 1 15 ? 11.518  5.339   -20.225 1.00 33.95 ? 15  GLU A OE1 1 
ATOM   131  O OE2 . GLU A 1 15 ? 9.677   6.499   -20.491 1.00 34.29 ? 15  GLU A OE2 1 
ATOM   132  N N   . SER A 1 16 ? 10.799  11.901  -20.188 1.00 25.62 ? 16  SER A N   1 
ATOM   133  C CA  . SER A 1 16 ? 9.853   12.932  -19.764 1.00 27.45 ? 16  SER A CA  1 
ATOM   134  C C   . SER A 1 16 ? 9.726   14.073  -20.771 1.00 28.87 ? 16  SER A C   1 
ATOM   135  O O   . SER A 1 16 ? 8.698   14.765  -20.786 1.00 29.71 ? 16  SER A O   1 
ATOM   136  C CB  . SER A 1 16 ? 10.216  13.506  -18.388 1.00 26.14 ? 16  SER A CB  1 
ATOM   137  O OG  . SER A 1 16 ? 11.309  14.402  -18.473 1.00 24.02 ? 16  SER A OG  1 
ATOM   138  N N   . ILE A 1 17 ? 10.747  14.275  -21.609 1.00 27.45 ? 17  ILE A N   1 
ATOM   139  C CA  . ILE A 1 17 ? 10.658  15.321  -22.630 1.00 26.61 ? 17  ILE A CA  1 
ATOM   140  C C   . ILE A 1 17 ? 10.480  14.721  -24.020 1.00 26.59 ? 17  ILE A C   1 
ATOM   141  O O   . ILE A 1 17 ? 10.894  15.305  -25.033 1.00 28.25 ? 17  ILE A O   1 
ATOM   142  C CB  . ILE A 1 17 ? 11.879  16.281  -22.632 1.00 24.95 ? 17  ILE A CB  1 
ATOM   143  C CG1 . ILE A 1 17 ? 13.182  15.510  -22.852 1.00 21.75 ? 17  ILE A CG1 1 
ATOM   144  C CG2 . ILE A 1 17 ? 11.881  17.094  -21.324 1.00 27.53 ? 17  ILE A CG2 1 
ATOM   145  C CD1 . ILE A 1 17 ? 14.419  16.431  -22.967 1.00 21.21 ? 17  ILE A CD1 1 
ATOM   146  N N   . HIS A 1 18 ? 9.870   13.542  -24.059 1.00 26.43 ? 18  HIS A N   1 
ATOM   147  C CA  . HIS A 1 18 ? 9.568   12.856  -25.308 1.00 26.92 ? 18  HIS A CA  1 
ATOM   148  C C   . HIS A 1 18 ? 10.747  12.452  -26.187 1.00 27.81 ? 18  HIS A C   1 
ATOM   149  O O   . HIS A 1 18 ? 10.606  12.336  -27.408 1.00 25.47 ? 18  HIS A O   1 
ATOM   150  C CB  . HIS A 1 18 ? 8.552   13.706  -26.091 1.00 32.78 ? 18  HIS A CB  1 
ATOM   151  C CG  . HIS A 1 18 ? 7.301   13.974  -25.304 1.00 37.49 ? 18  HIS A CG  1 
ATOM   152  N ND1 . HIS A 1 18 ? 7.090   15.155  -24.622 1.00 39.86 ? 18  HIS A ND1 1 
ATOM   153  C CD2 . HIS A 1 18 ? 6.296   13.145  -24.930 1.00 39.34 ? 18  HIS A CD2 1 
ATOM   154  C CE1 . HIS A 1 18 ? 6.021   15.036  -23.852 1.00 39.11 ? 18  HIS A CE1 1 
ATOM   155  N NE2 . HIS A 1 18 ? 5.521   13.826  -24.019 1.00 39.48 ? 18  HIS A NE2 1 
ATOM   156  N N   . LEU A 1 19 ? 11.906  12.217  -25.563 1.00 23.24 ? 19  LEU A N   1 
ATOM   157  C CA  . LEU A 1 19 ? 13.092  11.790  -26.299 1.00 22.09 ? 19  LEU A CA  1 
ATOM   158  C C   . LEU A 1 19 ? 13.600  10.453  -25.752 1.00 21.27 ? 19  LEU A C   1 
ATOM   159  O O   . LEU A 1 19 ? 14.795  10.163  -25.749 1.00 21.09 ? 19  LEU A O   1 
ATOM   160  C CB  . LEU A 1 19 ? 14.174  12.848  -26.184 1.00 22.25 ? 19  LEU A CB  1 
ATOM   161  C CG  . LEU A 1 19 ? 13.882  14.132  -26.964 1.00 25.40 ? 19  LEU A CG  1 
ATOM   162  C CD1 . LEU A 1 19 ? 15.037  15.106  -26.779 1.00 25.89 ? 19  LEU A CD1 1 
ATOM   163  C CD2 . LEU A 1 19 ? 13.718  13.781  -28.450 1.00 27.53 ? 19  LEU A CD2 1 
ATOM   164  N N   . GLY A 1 20 ? 12.670  9.646   -25.269 1.00 18.92 ? 20  GLY A N   1 
ATOM   165  C CA  . GLY A 1 20 ? 13.031  8.365   -24.690 1.00 19.50 ? 20  GLY A CA  1 
ATOM   166  C C   . GLY A 1 20 ? 13.713  7.432   -25.660 1.00 19.39 ? 20  GLY A C   1 
ATOM   167  O O   . GLY A 1 20 ? 14.420  6.537   -25.222 1.00 19.83 ? 20  GLY A O   1 
ATOM   168  N N   . GLU A 1 21 ? 13.528  7.651   -26.965 1.00 18.12 ? 21  GLU A N   1 
ATOM   169  C CA  . GLU A 1 21 ? 14.142  6.802   -27.974 1.00 18.84 ? 21  GLU A CA  1 
ATOM   170  C C   . GLU A 1 21 ? 15.656  6.835   -27.842 1.00 19.26 ? 21  GLU A C   1 
ATOM   171  O O   . GLU A 1 21 ? 16.354  5.929   -28.309 1.00 18.18 ? 21  GLU A O   1 
ATOM   172  C CB  . GLU A 1 21 ? 13.764  7.260   -29.401 1.00 21.81 ? 21  GLU A CB  1 
ATOM   173  C CG  . GLU A 1 21 ? 14.344  8.599   -29.802 1.00 24.94 ? 21  GLU A CG  1 
ATOM   174  C CD  . GLU A 1 21 ? 13.985  9.004   -31.230 1.00 30.43 ? 21  GLU A CD  1 
ATOM   175  O OE1 . GLU A 1 21 ? 14.671  8.565   -32.176 1.00 31.37 ? 21  GLU A OE1 1 
ATOM   176  O OE2 . GLU A 1 21 ? 13.004  9.762   -31.397 1.00 33.38 ? 21  GLU A OE2 1 
ATOM   177  N N   . HIS A 1 22 ? 16.168  7.895   -27.231 1.00 16.73 ? 22  HIS A N   1 
ATOM   178  C CA  . HIS A 1 22 ? 17.624  8.009   -27.052 1.00 17.28 ? 22  HIS A CA  1 
ATOM   179  C C   . HIS A 1 22 ? 18.171  7.510   -25.719 1.00 18.40 ? 22  HIS A C   1 
ATOM   180  O O   . HIS A 1 22 ? 19.404  7.484   -25.526 1.00 15.91 ? 22  HIS A O   1 
ATOM   181  C CB  . HIS A 1 22 ? 18.055  9.465   -27.179 1.00 16.17 ? 22  HIS A CB  1 
ATOM   182  C CG  . HIS A 1 22 ? 17.697  10.099  -28.485 1.00 21.06 ? 22  HIS A CG  1 
ATOM   183  N ND1 . HIS A 1 22 ? 18.209  9.670   -29.695 1.00 18.62 ? 22  HIS A ND1 1 
ATOM   184  C CD2 . HIS A 1 22 ? 16.901  11.165  -28.764 1.00 19.90 ? 22  HIS A CD2 1 
ATOM   185  C CE1 . HIS A 1 22 ? 17.742  10.446  -30.660 1.00 20.40 ? 22  HIS A CE1 1 
ATOM   186  N NE2 . HIS A 1 22 ? 16.948  11.361  -30.119 1.00 19.91 ? 22  HIS A NE2 1 
ATOM   187  N N   . ARG A 1 23 ? 17.303  7.097   -24.794 1.00 18.08 ? 23  ARG A N   1 
ATOM   188  C CA  . ARG A 1 23 ? 17.826  6.701   -23.486 1.00 17.75 ? 23  ARG A CA  1 
ATOM   189  C C   . ARG A 1 23 ? 18.734  5.493   -23.412 1.00 18.78 ? 23  ARG A C   1 
ATOM   190  O O   . ARG A 1 23 ? 19.649  5.465   -22.578 1.00 19.75 ? 23  ARG A O   1 
ATOM   191  C CB  . ARG A 1 23 ? 16.684  6.560   -22.453 1.00 18.78 ? 23  ARG A CB  1 
ATOM   192  C CG  . ARG A 1 23 ? 15.765  5.324   -22.608 1.00 18.99 ? 23  ARG A CG  1 
ATOM   193  C CD  . ARG A 1 23 ? 14.812  5.222   -21.355 1.00 19.32 ? 23  ARG A CD  1 
ATOM   194  N NE  . ARG A 1 23 ? 15.591  5.052   -20.115 1.00 21.40 ? 23  ARG A NE  1 
ATOM   195  C CZ  . ARG A 1 23 ? 15.124  5.274   -18.887 1.00 21.74 ? 23  ARG A CZ  1 
ATOM   196  N NH1 . ARG A 1 23 ? 13.868  5.667   -18.703 1.00 22.60 ? 23  ARG A NH1 1 
ATOM   197  N NH2 . ARG A 1 23 ? 15.931  5.143   -17.843 1.00 20.58 ? 23  ARG A NH2 1 
ATOM   198  N N   . ASP A 1 24 ? 18.510  4.491   -24.252 1.00 18.51 ? 24  ASP A N   1 
ATOM   199  C CA  . ASP A 1 24 ? 19.363  3.330   -24.216 1.00 21.60 ? 24  ASP A CA  1 
ATOM   200  C C   . ASP A 1 24 ? 20.800  3.667   -24.606 1.00 21.42 ? 24  ASP A C   1 
ATOM   201  O O   . ASP A 1 24 ? 21.758  3.142   -24.035 1.00 19.24 ? 24  ASP A O   1 
ATOM   202  C CB  . ASP A 1 24 ? 18.834  2.245   -25.171 1.00 26.42 ? 24  ASP A CB  1 
ATOM   203  C CG  . ASP A 1 24 ? 17.539  1.613   -24.674 1.00 33.62 ? 24  ASP A CG  1 
ATOM   204  O OD1 . ASP A 1 24 ? 17.447  1.364   -23.443 1.00 33.98 ? 24  ASP A OD1 1 
ATOM   205  O OD2 . ASP A 1 24 ? 16.625  1.369   -25.511 1.00 38.22 ? 24  ASP A OD2 1 
ATOM   206  N N   . ARG A 1 25 ? 20.949  4.537   -25.596 1.00 20.06 ? 25  ARG A N   1 
ATOM   207  C CA  . ARG A 1 25 ? 22.277  4.882   -26.067 1.00 20.50 ? 25  ARG A CA  1 
ATOM   208  C C   . ARG A 1 25 ? 22.966  5.848   -25.064 1.00 19.30 ? 25  ARG A C   1 
ATOM   209  O O   . ARG A 1 25 ? 24.174  5.749   -24.821 1.00 18.02 ? 25  ARG A O   1 
ATOM   210  C CB  . ARG A 1 25 ? 22.160  5.447   -27.491 1.00 23.37 ? 25  ARG A CB  1 
ATOM   211  C CG  . ARG A 1 25 ? 23.448  5.360   -28.276 1.00 32.86 ? 25  ARG A CG  1 
ATOM   212  C CD  . ARG A 1 25 ? 23.212  5.319   -29.792 1.00 39.48 ? 25  ARG A CD  1 
ATOM   213  N NE  . ARG A 1 25 ? 24.434  5.724   -30.502 1.00 43.71 ? 25  ARG A NE  1 
ATOM   214  C CZ  . ARG A 1 25 ? 24.511  5.961   -31.810 1.00 44.90 ? 25  ARG A CZ  1 
ATOM   215  N NH1 . ARG A 1 25 ? 25.663  6.329   -32.350 1.00 46.77 ? 25  ARG A NH1 1 
ATOM   216  N NH2 . ARG A 1 25 ? 23.442  5.827   -32.584 1.00 46.40 ? 25  ARG A NH2 1 
ATOM   217  N N   . PHE A 1 26 ? 22.203  6.745   -24.452 1.00 16.70 ? 26  PHE A N   1 
ATOM   218  C CA  . PHE A 1 26 ? 22.780  7.632   -23.431 1.00 19.25 ? 26  PHE A CA  1 
ATOM   219  C C   . PHE A 1 26 ? 23.213  6.710   -22.279 1.00 20.11 ? 26  PHE A C   1 
ATOM   220  O O   . PHE A 1 26 ? 24.290  6.886   -21.698 1.00 18.08 ? 26  PHE A O   1 
ATOM   221  C CB  . PHE A 1 26 ? 21.740  8.622   -22.879 1.00 18.07 ? 26  PHE A CB  1 
ATOM   222  C CG  . PHE A 1 26 ? 21.686  9.941   -23.629 1.00 18.58 ? 26  PHE A CG  1 
ATOM   223  C CD1 . PHE A 1 26 ? 21.328  9.975   -24.971 1.00 18.54 ? 26  PHE A CD1 1 
ATOM   224  C CD2 . PHE A 1 26 ? 21.962  11.143  -22.983 1.00 18.98 ? 26  PHE A CD2 1 
ATOM   225  C CE1 . PHE A 1 26 ? 21.242  11.197  -25.675 1.00 20.25 ? 26  PHE A CE1 1 
ATOM   226  C CE2 . PHE A 1 26 ? 21.880  12.370  -23.673 1.00 16.92 ? 26  PHE A CE2 1 
ATOM   227  C CZ  . PHE A 1 26 ? 21.513  12.387  -25.032 1.00 19.52 ? 26  PHE A CZ  1 
ATOM   228  N N   . GLU A 1 27 ? 22.382  5.706   -21.959 1.00 19.46 ? 27  GLU A N   1 
ATOM   229  C CA  . GLU A 1 27 ? 22.722  4.794   -20.857 1.00 20.94 ? 27  GLU A CA  1 
ATOM   230  C C   . GLU A 1 27 ? 23.982  3.970   -21.171 1.00 22.22 ? 27  GLU A C   1 
ATOM   231  O O   . GLU A 1 27 ? 24.865  3.800   -20.322 1.00 22.97 ? 27  GLU A O   1 
ATOM   232  C CB  . GLU A 1 27 ? 21.552  3.847   -20.569 1.00 24.14 ? 27  GLU A CB  1 
ATOM   233  C CG  . GLU A 1 27 ? 21.766  2.976   -19.347 1.00 29.17 ? 27  GLU A CG  1 
ATOM   234  C CD  . GLU A 1 27 ? 20.609  2.011   -19.140 1.00 33.27 ? 27  GLU A CD  1 
ATOM   235  O OE1 . GLU A 1 27 ? 19.441  2.474   -19.086 1.00 34.11 ? 27  GLU A OE1 1 
ATOM   236  O OE2 . GLU A 1 27 ? 20.879  0.801   -19.043 1.00 35.50 ? 27  GLU A OE2 1 
ATOM   237  N N   . ASP A 1 28 ? 24.067  3.472   -22.396 1.00 22.69 ? 28  ASP A N   1 
ATOM   238  C CA  . ASP A 1 28 ? 25.227  2.687   -22.821 1.00 24.84 ? 28  ASP A CA  1 
ATOM   239  C C   . ASP A 1 28 ? 26.524  3.510   -22.707 1.00 24.39 ? 28  ASP A C   1 
ATOM   240  O O   . ASP A 1 28 ? 27.589  2.960   -22.430 1.00 23.38 ? 28  ASP A O   1 
ATOM   241  C CB  . ASP A 1 28 ? 25.070  2.216   -24.275 1.00 27.86 ? 28  ASP A CB  1 
ATOM   242  C CG  . ASP A 1 28 ? 23.979  1.140   -24.451 1.00 33.15 ? 28  ASP A CG  1 
ATOM   243  O OD1 . ASP A 1 28 ? 23.567  0.512   -23.452 1.00 35.48 ? 28  ASP A OD1 1 
ATOM   244  O OD2 . ASP A 1 28 ? 23.550  0.905   -25.611 1.00 36.55 ? 28  ASP A OD2 1 
ATOM   245  N N   . HIS A 1 29 ? 26.426  4.816   -22.954 1.00 21.21 ? 29  HIS A N   1 
ATOM   246  C CA  . HIS A 1 29 ? 27.573  5.717   -22.873 1.00 22.42 ? 29  HIS A CA  1 
ATOM   247  C C   . HIS A 1 29 ? 27.777  6.286   -21.485 1.00 22.83 ? 29  HIS A C   1 
ATOM   248  O O   . HIS A 1 29 ? 28.637  7.147   -21.267 1.00 23.56 ? 29  HIS A O   1 
ATOM   249  C CB  . HIS A 1 29 ? 27.431  6.862   -23.870 1.00 20.24 ? 29  HIS A CB  1 
ATOM   250  C CG  . HIS A 1 29 ? 27.891  6.493   -25.240 1.00 21.22 ? 29  HIS A CG  1 
ATOM   251  N ND1 . HIS A 1 29 ? 27.123  5.741   -26.104 1.00 24.08 ? 29  HIS A ND1 1 
ATOM   252  C CD2 . HIS A 1 29 ? 29.061  6.727   -25.878 1.00 18.70 ? 29  HIS A CD2 1 
ATOM   253  C CE1 . HIS A 1 29 ? 27.797  5.535   -27.222 1.00 23.54 ? 29  HIS A CE1 1 
ATOM   254  N NE2 . HIS A 1 29 ? 28.975  6.124   -27.110 1.00 26.10 ? 29  HIS A NE2 1 
ATOM   255  N N   . GLU A 1 30 ? 26.976  5.790   -20.553 1.00 22.41 ? 30  GLU A N   1 
ATOM   256  C CA  . GLU A 1 30 ? 27.060  6.198   -19.168 1.00 22.59 ? 30  GLU A CA  1 
ATOM   257  C C   . GLU A 1 30 ? 27.015  7.691   -18.937 1.00 23.11 ? 30  GLU A C   1 
ATOM   258  O O   . GLU A 1 30 ? 27.790  8.253   -18.136 1.00 21.54 ? 30  GLU A O   1 
ATOM   259  C CB  . GLU A 1 30 ? 28.289  5.536   -18.538 1.00 25.58 ? 30  GLU A CB  1 
ATOM   260  C CG  . GLU A 1 30 ? 27.962  4.044   -18.220 1.00 33.19 ? 30  GLU A CG  1 
ATOM   261  C CD  . GLU A 1 30 ? 29.167  3.205   -17.830 1.00 37.11 ? 30  GLU A CD  1 
ATOM   262  O OE1 . GLU A 1 30 ? 30.037  3.712   -17.099 1.00 38.25 ? 30  GLU A OE1 1 
ATOM   263  O OE2 . GLU A 1 30 ? 29.235  2.019   -18.245 1.00 39.82 ? 30  GLU A OE2 1 
ATOM   264  N N   . ILE A 1 31 ? 26.072  8.332   -19.631 1.00 19.85 ? 31  ILE A N   1 
ATOM   265  C CA  . ILE A 1 31 ? 25.874  9.765   -19.511 1.00 20.08 ? 31  ILE A CA  1 
ATOM   266  C C   . ILE A 1 31 ? 25.161  10.041  -18.194 1.00 22.47 ? 31  ILE A C   1 
ATOM   267  O O   . ILE A 1 31 ? 24.080  9.501   -17.951 1.00 21.95 ? 31  ILE A O   1 
ATOM   268  C CB  . ILE A 1 31 ? 24.990  10.305  -20.654 1.00 21.07 ? 31  ILE A CB  1 
ATOM   269  C CG1 . ILE A 1 31 ? 25.618  10.001  -22.027 1.00 21.49 ? 31  ILE A CG1 1 
ATOM   270  C CG2 . ILE A 1 31 ? 24.800  11.803  -20.475 1.00 21.06 ? 31  ILE A CG2 1 
ATOM   271  C CD1 . ILE A 1 31 ? 27.005  10.667  -22.238 1.00 22.83 ? 31  ILE A CD1 1 
ATOM   272  N N   . GLU A 1 32 ? 25.736  10.882  -17.343 1.00 23.03 ? 32  GLU A N   1 
ATOM   273  C CA  . GLU A 1 32 ? 25.074  11.184  -16.084 1.00 24.77 ? 32  GLU A CA  1 
ATOM   274  C C   . GLU A 1 32 ? 24.616  12.621  -16.101 1.00 23.85 ? 32  GLU A C   1 
ATOM   275  O O   . GLU A 1 32 ? 24.978  13.371  -16.996 1.00 23.21 ? 32  GLU A O   1 
ATOM   276  C CB  . GLU A 1 32 ? 26.000  10.889  -14.887 1.00 30.51 ? 32  GLU A CB  1 
ATOM   277  C CG  . GLU A 1 32 ? 27.400  11.381  -15.015 1.00 36.35 ? 32  GLU A CG  1 
ATOM   278  C CD  . GLU A 1 32 ? 28.322  10.794  -13.940 1.00 39.07 ? 32  GLU A CD  1 
ATOM   279  O OE1 . GLU A 1 32 ? 28.696  9.605   -14.028 1.00 39.90 ? 32  GLU A OE1 1 
ATOM   280  O OE2 . GLU A 1 32 ? 28.660  11.538  -13.004 1.00 42.11 ? 32  GLU A OE2 1 
ATOM   281  N N   . GLY A 1 33 ? 23.805  13.008  -15.129 1.00 22.79 ? 33  GLY A N   1 
ATOM   282  C CA  . GLY A 1 33 ? 23.290  14.356  -15.119 1.00 23.54 ? 33  GLY A CA  1 
ATOM   283  C C   . GLY A 1 33 ? 24.337  15.435  -15.234 1.00 26.35 ? 33  GLY A C   1 
ATOM   284  O O   . GLY A 1 33 ? 24.180  16.389  -16.022 1.00 25.32 ? 33  GLY A O   1 
ATOM   285  N N   . ALA A 1 34 ? 25.414  15.291  -14.462 1.00 26.57 ? 34  ALA A N   1 
ATOM   286  C CA  . ALA A 1 34 ? 26.466  16.304  -14.475 1.00 28.49 ? 34  ALA A CA  1 
ATOM   287  C C   . ALA A 1 34 ? 27.071  16.521  -15.855 1.00 28.76 ? 34  ALA A C   1 
ATOM   288  O O   . ALA A 1 34 ? 27.574  17.601  -16.145 1.00 28.39 ? 34  ALA A O   1 
ATOM   289  C CB  . ALA A 1 34 ? 27.570  15.940  -13.450 1.00 30.34 ? 34  ALA A CB  1 
ATOM   290  N N   . HIS A 1 35 ? 27.003  15.506  -16.716 1.00 26.46 ? 35  HIS A N   1 
ATOM   291  C CA  . HIS A 1 35 ? 27.585  15.615  -18.064 1.00 25.15 ? 35  HIS A CA  1 
ATOM   292  C C   . HIS A 1 35 ? 26.771  16.414  -19.041 1.00 24.43 ? 35  HIS A C   1 
ATOM   293  O O   . HIS A 1 35 ? 27.317  16.966  -19.986 1.00 23.33 ? 35  HIS A O   1 
ATOM   294  C CB  . HIS A 1 35 ? 27.729  14.240  -18.718 1.00 24.47 ? 35  HIS A CB  1 
ATOM   295  C CG  . HIS A 1 35 ? 28.586  13.285  -17.960 1.00 25.60 ? 35  HIS A CG  1 
ATOM   296  N ND1 . HIS A 1 35 ? 28.483  11.918  -18.117 1.00 26.06 ? 35  HIS A ND1 1 
ATOM   297  C CD2 . HIS A 1 35 ? 29.609  13.494  -17.101 1.00 23.58 ? 35  HIS A CD2 1 
ATOM   298  C CE1 . HIS A 1 35 ? 29.412  11.326  -17.391 1.00 26.80 ? 35  HIS A CE1 1 
ATOM   299  N NE2 . HIS A 1 35 ? 30.110  12.260  -16.767 1.00 25.94 ? 35  HIS A NE2 1 
ATOM   300  N N   . LEU A 1 36 ? 25.465  16.458  -18.828 1.00 24.78 ? 36  LEU A N   1 
ATOM   301  C CA  . LEU A 1 36 ? 24.581  17.093  -19.783 1.00 25.42 ? 36  LEU A CA  1 
ATOM   302  C C   . LEU A 1 36 ? 24.914  18.489  -20.289 1.00 28.14 ? 36  LEU A C   1 
ATOM   303  O O   . LEU A 1 36 ? 24.962  18.699  -21.507 1.00 28.73 ? 36  LEU A O   1 
ATOM   304  C CB  . LEU A 1 36 ? 23.144  17.034  -19.258 1.00 24.04 ? 36  LEU A CB  1 
ATOM   305  C CG  . LEU A 1 36 ? 22.644  15.586  -19.180 1.00 24.12 ? 36  LEU A CG  1 
ATOM   306  C CD1 . LEU A 1 36 ? 21.257  15.535  -18.517 1.00 23.67 ? 36  LEU A CD1 1 
ATOM   307  C CD2 . LEU A 1 36 ? 22.584  14.974  -20.592 1.00 23.75 ? 36  LEU A CD2 1 
ATOM   308  N N   . PRO A 1 37 ? 25.161  19.457  -19.383 1.00 29.64 ? 37  PRO A N   1 
ATOM   309  C CA  . PRO A 1 37 ? 25.481  20.816  -19.842 1.00 31.62 ? 37  PRO A CA  1 
ATOM   310  C C   . PRO A 1 37 ? 26.730  20.919  -20.702 1.00 33.10 ? 37  PRO A C   1 
ATOM   311  O O   . PRO A 1 37 ? 26.822  21.795  -21.557 1.00 33.48 ? 37  PRO A O   1 
ATOM   312  C CB  . PRO A 1 37 ? 25.613  21.605  -18.536 1.00 33.76 ? 37  PRO A CB  1 
ATOM   313  C CG  . PRO A 1 37 ? 24.677  20.860  -17.585 1.00 33.24 ? 37  PRO A CG  1 
ATOM   314  C CD  . PRO A 1 37 ? 25.023  19.420  -17.914 1.00 31.12 ? 37  PRO A CD  1 
ATOM   315  N N   . ALA A 1 38 ? 27.690  20.020  -20.514 1.00 32.90 ? 38  ALA A N   1 
ATOM   316  C CA  . ALA A 1 38 ? 28.911  20.112  -21.309 1.00 33.33 ? 38  ALA A CA  1 
ATOM   317  C C   . ALA A 1 38 ? 28.898  19.360  -22.635 1.00 31.95 ? 38  ALA A C   1 
ATOM   318  O O   . ALA A 1 38 ? 29.783  19.562  -23.454 1.00 33.11 ? 38  ALA A O   1 
ATOM   319  C CB  . ALA A 1 38 ? 30.126  19.677  -20.467 1.00 32.66 ? 38  ALA A CB  1 
ATOM   320  N N   . LEU A 1 39 ? 27.898  18.523  -22.876 1.00 29.23 ? 39  LEU A N   1 
ATOM   321  C CA  . LEU A 1 39 ? 27.871  17.772  -24.130 1.00 27.37 ? 39  LEU A CA  1 
ATOM   322  C C   . LEU A 1 39 ? 27.823  18.702  -25.349 1.00 27.17 ? 39  LEU A C   1 
ATOM   323  O O   . LEU A 1 39 ? 27.080  19.675  -25.370 1.00 27.56 ? 39  LEU A O   1 
ATOM   324  C CB  . LEU A 1 39 ? 26.672  16.823  -24.155 1.00 27.11 ? 39  LEU A CB  1 
ATOM   325  C CG  . LEU A 1 39 ? 26.666  15.683  -23.116 1.00 27.97 ? 39  LEU A CG  1 
ATOM   326  C CD1 . LEU A 1 39 ? 25.425  14.825  -23.287 1.00 26.35 ? 39  LEU A CD1 1 
ATOM   327  C CD2 . LEU A 1 39 ? 27.908  14.825  -23.294 1.00 27.02 ? 39  LEU A CD2 1 
ATOM   328  N N   . THR A 1 40 ? 28.601  18.391  -26.375 1.00 25.98 ? 40  THR A N   1 
ATOM   329  C CA  . THR A 1 40 ? 28.610  19.237  -27.570 1.00 28.46 ? 40  THR A CA  1 
ATOM   330  C C   . THR A 1 40 ? 27.754  18.617  -28.663 1.00 29.31 ? 40  THR A C   1 
ATOM   331  O O   . THR A 1 40 ? 27.274  17.486  -28.536 1.00 28.74 ? 40  THR A O   1 
ATOM   332  C CB  . THR A 1 40 ? 29.996  19.321  -28.160 1.00 25.59 ? 40  THR A CB  1 
ATOM   333  O OG1 . THR A 1 40 ? 30.390  17.993  -28.488 1.00 27.39 ? 40  THR A OG1 1 
ATOM   334  C CG2 . THR A 1 40 ? 31.015  19.937  -27.148 1.00 27.65 ? 40  THR A CG2 1 
ATOM   335  N N   . LYS A 1 41 ? 27.596  19.359  -29.757 1.00 30.68 ? 41  LYS A N   1 
ATOM   336  C CA  . LYS A 1 41 ? 26.855  18.849  -30.892 1.00 31.10 ? 41  LYS A CA  1 
ATOM   337  C C   . LYS A 1 41 ? 27.460  17.509  -31.278 1.00 30.01 ? 41  LYS A C   1 
ATOM   338  O O   . LYS A 1 41 ? 26.737  16.534  -31.545 1.00 29.20 ? 41  LYS A O   1 
ATOM   339  C CB  . LYS A 1 41 ? 26.954  19.801  -32.099 1.00 34.53 ? 41  LYS A CB  1 
ATOM   340  C CG  . LYS A 1 41 ? 26.539  19.127  -33.411 1.00 37.79 ? 41  LYS A CG  1 
ATOM   341  C CD  . LYS A 1 41 ? 26.892  19.968  -34.667 1.00 43.41 ? 41  LYS A CD  1 
ATOM   342  C CE  . LYS A 1 41 ? 26.537  19.213  -35.977 1.00 45.32 ? 41  LYS A CE  1 
ATOM   343  N NZ  . LYS A 1 41 ? 26.903  19.942  -37.243 1.00 47.60 ? 41  LYS A NZ  1 
ATOM   344  N N   . GLU A 1 42 ? 28.789  17.448  -31.331 1.00 26.50 ? 42  GLU A N   1 
ATOM   345  C CA  . GLU A 1 42 ? 29.433  16.194  -31.709 1.00 27.29 ? 42  GLU A CA  1 
ATOM   346  C C   . GLU A 1 42 ? 29.144  15.042  -30.737 1.00 23.05 ? 42  GLU A C   1 
ATOM   347  O O   . GLU A 1 42 ? 28.991  13.902  -31.152 1.00 23.62 ? 42  GLU A O   1 
ATOM   348  C CB  . GLU A 1 42 ? 30.951  16.373  -31.840 1.00 31.16 ? 42  GLU A CB  1 
ATOM   349  C CG  . GLU A 1 42 ? 31.339  17.229  -33.019 1.00 35.34 ? 42  GLU A CG  1 
ATOM   350  C CD  . GLU A 1 42 ? 31.065  18.708  -32.806 1.00 37.99 ? 42  GLU A CD  1 
ATOM   351  O OE1 . GLU A 1 42 ? 30.998  19.426  -33.827 1.00 42.01 ? 42  GLU A OE1 1 
ATOM   352  O OE2 . GLU A 1 42 ? 30.932  19.161  -31.643 1.00 38.53 ? 42  GLU A OE2 1 
ATOM   353  N N   . ASP A 1 43 ? 29.101  15.339  -29.443 1.00 24.58 ? 43  ASP A N   1 
ATOM   354  C CA  . ASP A 1 43 ? 28.785  14.298  -28.447 1.00 23.95 ? 43  ASP A CA  1 
ATOM   355  C C   . ASP A 1 43 ? 27.361  13.801  -28.710 1.00 22.93 ? 43  ASP A C   1 
ATOM   356  O O   . ASP A 1 43 ? 27.103  12.614  -28.690 1.00 24.93 ? 43  ASP A O   1 
ATOM   357  C CB  . ASP A 1 43 ? 28.817  14.865  -27.025 1.00 22.77 ? 43  ASP A CB  1 
ATOM   358  C CG  . ASP A 1 43 ? 30.209  15.258  -26.585 1.00 28.35 ? 43  ASP A CG  1 
ATOM   359  O OD1 . ASP A 1 43 ? 31.162  14.540  -26.954 1.00 29.44 ? 43  ASP A OD1 1 
ATOM   360  O OD2 . ASP A 1 43 ? 30.342  16.260  -25.865 1.00 28.66 ? 43  ASP A OD2 1 
ATOM   361  N N   . PHE A 1 44 ? 26.436  14.730  -28.946 1.00 22.07 ? 44  PHE A N   1 
ATOM   362  C CA  . PHE A 1 44 ? 25.052  14.342  -29.191 1.00 22.84 ? 44  PHE A CA  1 
ATOM   363  C C   . PHE A 1 44 ? 24.901  13.470  -30.426 1.00 22.31 ? 44  PHE A C   1 
ATOM   364  O O   . PHE A 1 44 ? 24.133  12.510  -30.427 1.00 22.29 ? 44  PHE A O   1 
ATOM   365  C CB  . PHE A 1 44 ? 24.148  15.584  -29.284 1.00 21.79 ? 44  PHE A CB  1 
ATOM   366  C CG  . PHE A 1 44 ? 23.817  16.183  -27.959 1.00 23.43 ? 44  PHE A CG  1 
ATOM   367  C CD1 . PHE A 1 44 ? 23.173  15.425  -26.978 1.00 23.07 ? 44  PHE A CD1 1 
ATOM   368  C CD2 . PHE A 1 44 ? 24.164  17.503  -27.669 1.00 22.19 ? 44  PHE A CD2 1 
ATOM   369  C CE1 . PHE A 1 44 ? 22.887  15.963  -25.721 1.00 24.86 ? 44  PHE A CE1 1 
ATOM   370  C CE2 . PHE A 1 44 ? 23.885  18.052  -26.423 1.00 23.64 ? 44  PHE A CE2 1 
ATOM   371  C CZ  . PHE A 1 44 ? 23.243  17.282  -25.436 1.00 23.81 ? 44  PHE A CZ  1 
ATOM   372  N N   . VAL A 1 45 ? 25.631  13.792  -31.490 1.00 23.97 ? 45  VAL A N   1 
ATOM   373  C CA  . VAL A 1 45 ? 25.561  12.983  -32.697 1.00 23.13 ? 45  VAL A CA  1 
ATOM   374  C C   . VAL A 1 45 ? 26.075  11.591  -32.362 1.00 25.24 ? 45  VAL A C   1 
ATOM   375  O O   . VAL A 1 45 ? 25.487  10.582  -32.777 1.00 23.33 ? 45  VAL A O   1 
ATOM   376  C CB  . VAL A 1 45 ? 26.430  13.572  -33.834 1.00 28.01 ? 45  VAL A CB  1 
ATOM   377  C CG1 . VAL A 1 45 ? 26.623  12.518  -34.924 1.00 28.16 ? 45  VAL A CG1 1 
ATOM   378  C CG2 . VAL A 1 45 ? 25.734  14.846  -34.420 1.00 28.06 ? 45  VAL A CG2 1 
ATOM   379  N N   . GLU A 1 46 ? 27.167  11.534  -31.601 1.00 23.51 ? 46  GLU A N   1 
ATOM   380  C CA  . GLU A 1 46 ? 27.701  10.237  -31.188 1.00 25.65 ? 46  GLU A CA  1 
ATOM   381  C C   . GLU A 1 46 ? 26.650  9.484   -30.337 1.00 24.69 ? 46  GLU A C   1 
ATOM   382  O O   . GLU A 1 46 ? 26.568  8.251   -30.351 1.00 23.33 ? 46  GLU A O   1 
ATOM   383  C CB  . GLU A 1 46 ? 29.008  10.430  -30.386 1.00 27.54 ? 46  GLU A CB  1 
ATOM   384  C CG  . GLU A 1 46 ? 29.474  9.148   -29.686 1.00 35.99 ? 46  GLU A CG  1 
ATOM   385  C CD  . GLU A 1 46 ? 31.003  9.024   -29.555 1.00 36.54 ? 46  GLU A CD  1 
ATOM   386  O OE1 . GLU A 1 46 ? 31.703  10.050  -29.407 1.00 37.65 ? 46  GLU A OE1 1 
ATOM   387  O OE2 . GLU A 1 46 ? 31.491  7.881   -29.589 1.00 40.11 ? 46  GLU A OE2 1 
ATOM   388  N N   . LEU A 1 47 ? 25.826  10.225  -29.614 1.00 21.27 ? 47  LEU A N   1 
ATOM   389  C CA  . LEU A 1 47 ? 24.796  9.579   -28.795 1.00 20.99 ? 47  LEU A CA  1 
ATOM   390  C C   . LEU A 1 47 ? 23.578  9.259   -29.653 1.00 22.08 ? 47  LEU A C   1 
ATOM   391  O O   . LEU A 1 47 ? 22.573  8.738   -29.161 1.00 22.00 ? 47  LEU A O   1 
ATOM   392  C CB  . LEU A 1 47 ? 24.407  10.473  -27.623 1.00 20.34 ? 47  LEU A CB  1 
ATOM   393  C CG  . LEU A 1 47 ? 25.571  10.715  -26.646 1.00 20.15 ? 47  LEU A CG  1 
ATOM   394  C CD1 . LEU A 1 47 ? 25.176  11.763  -25.637 1.00 20.21 ? 47  LEU A CD1 1 
ATOM   395  C CD2 . LEU A 1 47 ? 25.957  9.405   -25.960 1.00 18.96 ? 47  LEU A CD2 1 
ATOM   396  N N   . GLY A 1 48 ? 23.681  9.556   -30.951 1.00 23.40 ? 48  GLY A N   1 
ATOM   397  C CA  . GLY A 1 48 ? 22.583  9.260   -31.855 1.00 21.98 ? 48  GLY A CA  1 
ATOM   398  C C   . GLY A 1 48 ? 21.513  10.344  -31.967 1.00 21.90 ? 48  GLY A C   1 
ATOM   399  O O   . GLY A 1 48 ? 20.465  10.106  -32.565 1.00 21.64 ? 48  GLY A O   1 
ATOM   400  N N   . VAL A 1 49 ? 21.742  11.521  -31.396 1.00 20.33 ? 49  VAL A N   1 
ATOM   401  C CA  . VAL A 1 49 ? 20.744  12.582  -31.517 1.00 20.27 ? 49  VAL A CA  1 
ATOM   402  C C   . VAL A 1 49 ? 21.128  13.316  -32.811 1.00 20.37 ? 49  VAL A C   1 
ATOM   403  O O   . VAL A 1 49 ? 21.770  14.348  -32.797 1.00 21.48 ? 49  VAL A O   1 
ATOM   404  C CB  . VAL A 1 49 ? 20.801  13.527  -30.315 1.00 17.94 ? 49  VAL A CB  1 
ATOM   405  C CG1 . VAL A 1 49 ? 19.616  14.518  -30.353 1.00 19.35 ? 49  VAL A CG1 1 
ATOM   406  C CG2 . VAL A 1 49 ? 20.753  12.687  -29.010 1.00 18.67 ? 49  VAL A CG2 1 
ATOM   407  N N   . THR A 1 50 ? 20.717  12.758  -33.931 1.00 21.02 ? 50  THR A N   1 
ATOM   408  C CA  . THR A 1 50 ? 21.076  13.315  -35.228 1.00 22.26 ? 50  THR A CA  1 
ATOM   409  C C   . THR A 1 50 ? 20.139  14.388  -35.774 1.00 22.76 ? 50  THR A C   1 
ATOM   410  O O   . THR A 1 50 ? 20.494  15.103  -36.708 1.00 22.55 ? 50  THR A O   1 
ATOM   411  C CB  . THR A 1 50 ? 21.180  12.179  -36.231 1.00 24.97 ? 50  THR A CB  1 
ATOM   412  O OG1 . THR A 1 50 ? 19.947  11.449  -36.221 1.00 25.82 ? 50  THR A OG1 1 
ATOM   413  C CG2 . THR A 1 50 ? 22.318  11.228  -35.825 1.00 25.71 ? 50  THR A CG2 1 
ATOM   414  N N   . ARG A 1 51 ? 18.952  14.518  -35.191 1.00 22.71 ? 51  ARG A N   1 
ATOM   415  C CA  . ARG A 1 51 ? 18.006  15.542  -35.639 1.00 21.11 ? 51  ARG A CA  1 
ATOM   416  C C   . ARG A 1 51 ? 18.241  16.848  -34.909 1.00 21.68 ? 51  ARG A C   1 
ATOM   417  O O   . ARG A 1 51 ? 18.264  16.904  -33.677 1.00 20.72 ? 51  ARG A O   1 
ATOM   418  C CB  . ARG A 1 51 ? 16.576  15.064  -35.394 1.00 21.75 ? 51  ARG A CB  1 
ATOM   419  C CG  . ARG A 1 51 ? 16.222  13.854  -36.248 1.00 23.99 ? 51  ARG A CG  1 
ATOM   420  C CD  . ARG A 1 51 ? 14.828  13.353  -35.893 1.00 31.98 ? 51  ARG A CD  1 
ATOM   421  N NE  . ARG A 1 51 ? 14.423  12.243  -36.759 1.00 39.71 ? 51  ARG A NE  1 
ATOM   422  C CZ  . ARG A 1 51 ? 14.190  11.015  -36.324 1.00 41.12 ? 51  ARG A CZ  1 
ATOM   423  N NH1 . ARG A 1 51 ? 14.327  10.749  -35.029 1.00 42.77 ? 51  ARG A NH1 1 
ATOM   424  N NH2 . ARG A 1 51 ? 13.811  10.063  -37.174 1.00 41.75 ? 51  ARG A NH2 1 
ATOM   425  N N   . VAL A 1 52 ? 18.393  17.916  -35.669 1.00 20.72 ? 52  VAL A N   1 
ATOM   426  C CA  . VAL A 1 52 ? 18.603  19.224  -35.073 1.00 21.33 ? 52  VAL A CA  1 
ATOM   427  C C   . VAL A 1 52 ? 17.510  19.577  -34.061 1.00 21.62 ? 52  VAL A C   1 
ATOM   428  O O   . VAL A 1 52 ? 17.809  20.081  -32.980 1.00 19.13 ? 52  VAL A O   1 
ATOM   429  C CB  . VAL A 1 52 ? 18.668  20.296  -36.178 1.00 20.63 ? 52  VAL A CB  1 
ATOM   430  C CG1 . VAL A 1 52 ? 18.687  21.687  -35.591 1.00 20.53 ? 52  VAL A CG1 1 
ATOM   431  C CG2 . VAL A 1 52 ? 19.949  20.046  -37.043 1.00 22.11 ? 52  VAL A CG2 1 
ATOM   432  N N   . GLY A 1 53 ? 16.254  19.278  -34.402 1.00 21.05 ? 53  GLY A N   1 
ATOM   433  C CA  . GLY A 1 53 ? 15.150  19.624  -33.510 1.00 19.75 ? 53  GLY A CA  1 
ATOM   434  C C   . GLY A 1 53 ? 15.243  18.924  -32.171 1.00 19.56 ? 53  GLY A C   1 
ATOM   435  O O   . GLY A 1 53 ? 14.843  19.469  -31.137 1.00 18.79 ? 53  GLY A O   1 
ATOM   436  N N   . HIS A 1 54 ? 15.763  17.708  -32.179 1.00 18.64 ? 54  HIS A N   1 
ATOM   437  C CA  . HIS A 1 54 ? 15.903  16.974  -30.916 1.00 19.88 ? 54  HIS A CA  1 
ATOM   438  C C   . HIS A 1 54 ? 16.956  17.660  -30.052 1.00 19.88 ? 54  HIS A C   1 
ATOM   439  O O   . HIS A 1 54 ? 16.758  17.875  -28.850 1.00 21.24 ? 54  HIS A O   1 
ATOM   440  C CB  . HIS A 1 54 ? 16.311  15.528  -31.178 1.00 17.33 ? 54  HIS A CB  1 
ATOM   441  C CG  . HIS A 1 54 ? 15.190  14.669  -31.657 1.00 18.57 ? 54  HIS A CG  1 
ATOM   442  N ND1 . HIS A 1 54 ? 15.276  13.294  -31.702 1.00 20.14 ? 54  HIS A ND1 1 
ATOM   443  C CD2 . HIS A 1 54 ? 13.941  14.984  -32.083 1.00 19.82 ? 54  HIS A CD2 1 
ATOM   444  C CE1 . HIS A 1 54 ? 14.127  12.796  -32.132 1.00 21.13 ? 54  HIS A CE1 1 
ATOM   445  N NE2 . HIS A 1 54 ? 13.299  13.800  -32.372 1.00 20.63 ? 54  HIS A NE2 1 
ATOM   446  N N   . ARG A 1 55 ? 18.090  17.980  -30.662 1.00 20.75 ? 55  ARG A N   1 
ATOM   447  C CA  . ARG A 1 55 ? 19.158  18.652  -29.933 1.00 21.14 ? 55  ARG A CA  1 
ATOM   448  C C   . ARG A 1 55 ? 18.682  19.988  -29.406 1.00 21.81 ? 55  ARG A C   1 
ATOM   449  O O   . ARG A 1 55 ? 19.046  20.367  -28.295 1.00 21.17 ? 55  ARG A O   1 
ATOM   450  C CB  . ARG A 1 55 ? 20.387  18.846  -30.826 1.00 23.79 ? 55  ARG A CB  1 
ATOM   451  C CG  . ARG A 1 55 ? 21.078  17.521  -31.155 1.00 23.83 ? 55  ARG A CG  1 
ATOM   452  C CD  . ARG A 1 55 ? 22.510  17.707  -31.606 1.00 25.50 ? 55  ARG A CD  1 
ATOM   453  N NE  . ARG A 1 55 ? 22.671  18.512  -32.814 1.00 28.93 ? 55  ARG A NE  1 
ATOM   454  C CZ  . ARG A 1 55 ? 22.578  18.037  -34.051 1.00 30.10 ? 55  ARG A CZ  1 
ATOM   455  N NH1 . ARG A 1 55 ? 22.315  16.759  -34.278 1.00 26.25 ? 55  ARG A NH1 1 
ATOM   456  N NH2 . ARG A 1 55 ? 22.778  18.843  -35.061 1.00 29.69 ? 55  ARG A NH2 1 
ATOM   457  N N   . GLU A 1 56 ? 17.880  20.706  -30.190 1.00 20.70 ? 56  GLU A N   1 
ATOM   458  C CA  . GLU A 1 56 ? 17.375  21.994  -29.717 1.00 22.15 ? 56  GLU A CA  1 
ATOM   459  C C   . GLU A 1 56 ? 16.423  21.780  -28.538 1.00 23.23 ? 56  GLU A C   1 
ATOM   460  O O   . GLU A 1 56 ? 16.402  22.573  -27.588 1.00 24.07 ? 56  GLU A O   1 
ATOM   461  C CB  . GLU A 1 56 ? 16.652  22.746  -30.837 1.00 24.68 ? 56  GLU A CB  1 
ATOM   462  C CG  . GLU A 1 56 ? 17.607  23.172  -31.942 1.00 29.41 ? 56  GLU A CG  1 
ATOM   463  C CD  . GLU A 1 56 ? 18.747  23.998  -31.378 1.00 34.51 ? 56  GLU A CD  1 
ATOM   464  O OE1 . GLU A 1 56 ? 18.448  25.064  -30.793 1.00 34.36 ? 56  GLU A OE1 1 
ATOM   465  O OE2 . GLU A 1 56 ? 19.922  23.575  -31.491 1.00 36.08 ? 56  GLU A OE2 1 
ATOM   466  N N   . ASN A 1 57 ? 15.645  20.709  -28.574 1.00 23.06 ? 57  ASN A N   1 
ATOM   467  C CA  . ASN A 1 57 ? 14.738  20.479  -27.464 1.00 22.90 ? 57  ASN A CA  1 
ATOM   468  C C   . ASN A 1 57 ? 15.498  20.061  -26.199 1.00 24.22 ? 57  ASN A C   1 
ATOM   469  O O   . ASN A 1 57 ? 15.086  20.411  -25.067 1.00 23.36 ? 57  ASN A O   1 
ATOM   470  C CB  . ASN A 1 57 ? 13.655  19.480  -27.870 1.00 22.29 ? 57  ASN A CB  1 
ATOM   471  C CG  . ASN A 1 57 ? 12.564  20.151  -28.722 1.00 25.59 ? 57  ASN A CG  1 
ATOM   472  O OD1 . ASN A 1 57 ? 12.424  21.376  -28.690 1.00 23.81 ? 57  ASN A OD1 1 
ATOM   473  N ND2 . ASN A 1 57 ? 11.800  19.362  -29.470 1.00 26.21 ? 57  ASN A ND2 1 
ATOM   474  N N   . ILE A 1 58 ? 16.620  19.356  -26.381 1.00 21.76 ? 58  ILE A N   1 
ATOM   475  C CA  . ILE A 1 58 ? 17.442  18.971  -25.238 1.00 21.62 ? 58  ILE A CA  1 
ATOM   476  C C   . ILE A 1 58 ? 18.001  20.248  -24.571 1.00 24.63 ? 58  ILE A C   1 
ATOM   477  O O   . ILE A 1 58 ? 17.901  20.430  -23.342 1.00 23.79 ? 58  ILE A O   1 
ATOM   478  C CB  . ILE A 1 58 ? 18.583  18.029  -25.683 1.00 21.51 ? 58  ILE A CB  1 
ATOM   479  C CG1 . ILE A 1 58 ? 18.003  16.615  -25.911 1.00 21.79 ? 58  ILE A CG1 1 
ATOM   480  C CG2 . ILE A 1 58 ? 19.704  18.021  -24.641 1.00 20.44 ? 58  ILE A CG2 1 
ATOM   481  C CD1 . ILE A 1 58 ? 18.981  15.633  -26.551 1.00 23.10 ? 58  ILE A CD1 1 
ATOM   482  N N   . GLU A 1 59 ? 18.571  21.136  -25.384 1.00 24.12 ? 59  GLU A N   1 
ATOM   483  C CA  . GLU A 1 59 ? 19.113  22.397  -24.889 1.00 27.14 ? 59  GLU A CA  1 
ATOM   484  C C   . GLU A 1 59 ? 18.007  23.201  -24.211 1.00 28.83 ? 59  GLU A C   1 
ATOM   485  O O   . GLU A 1 59 ? 18.211  23.720  -23.101 1.00 28.41 ? 59  GLU A O   1 
ATOM   486  C CB  . GLU A 1 59 ? 19.729  23.213  -26.046 1.00 30.56 ? 59  GLU A CB  1 
ATOM   487  C CG  . GLU A 1 59 ? 20.259  24.614  -25.661 1.00 34.84 ? 59  GLU A CG  1 
ATOM   488  C CD  . GLU A 1 59 ? 21.355  24.575  -24.586 1.00 38.80 ? 59  GLU A CD  1 
ATOM   489  O OE1 . GLU A 1 59 ? 22.004  23.513  -24.428 1.00 38.62 ? 59  GLU A OE1 1 
ATOM   490  O OE2 . GLU A 1 59 ? 21.583  25.614  -23.912 1.00 40.64 ? 59  GLU A OE2 1 
ATOM   491  N N   . ARG A 1 60 ? 16.843  23.312  -24.858 1.00 29.98 ? 60  ARG A N   1 
ATOM   492  C CA  . ARG A 1 60 ? 15.744  24.049  -24.243 1.00 32.65 ? 60  ARG A CA  1 
ATOM   493  C C   . ARG A 1 60 ? 15.321  23.461  -22.896 1.00 32.72 ? 60  ARG A C   1 
ATOM   494  O O   . ARG A 1 60 ? 14.978  24.207  -21.972 1.00 31.14 ? 60  ARG A O   1 
ATOM   495  C CB  . ARG A 1 60 ? 14.491  24.103  -25.117 1.00 35.20 ? 60  ARG A CB  1 
ATOM   496  C CG  . ARG A 1 60 ? 13.287  24.401  -24.212 1.00 42.90 ? 60  ARG A CG  1 
ATOM   497  C CD  . ARG A 1 60 ? 12.049  24.992  -24.871 1.00 47.35 ? 60  ARG A CD  1 
ATOM   498  N NE  . ARG A 1 60 ? 11.499  24.139  -25.914 1.00 50.37 ? 60  ARG A NE  1 
ATOM   499  C CZ  . ARG A 1 60 ? 11.914  24.157  -27.170 1.00 52.98 ? 60  ARG A CZ  1 
ATOM   500  N NH1 . ARG A 1 60 ? 12.892  24.983  -27.531 1.00 53.41 ? 60  ARG A NH1 1 
ATOM   501  N NH2 . ARG A 1 60 ? 11.327  23.374  -28.067 1.00 55.32 ? 60  ARG A NH2 1 
ATOM   502  N N   . ALA A 1 61 ? 15.315  22.133  -22.785 1.00 31.89 ? 61  ALA A N   1 
ATOM   503  C CA  . ALA A 1 61 ? 14.917  21.515  -21.521 1.00 32.08 ? 61  ALA A CA  1 
ATOM   504  C C   . ALA A 1 61 ? 15.987  21.756  -20.462 1.00 32.53 ? 61  ALA A C   1 
ATOM   505  O O   . ALA A 1 61 ? 15.669  21.864  -19.288 1.00 34.55 ? 61  ALA A O   1 
ATOM   506  C CB  . ALA A 1 61 ? 14.664  20.035  -21.710 1.00 30.15 ? 61  ALA A CB  1 
ATOM   507  N N   . LEU A 1 62 ? 17.249  21.861  -20.874 1.00 31.46 ? 62  LEU A N   1 
ATOM   508  C CA  . LEU A 1 62 ? 18.332  22.114  -19.932 1.00 34.71 ? 62  LEU A CA  1 
ATOM   509  C C   . LEU A 1 62 ? 18.263  23.547  -19.397 1.00 37.81 ? 62  LEU A C   1 
ATOM   510  O O   . LEU A 1 62 ? 18.469  23.775  -18.207 1.00 37.46 ? 62  LEU A O   1 
ATOM   511  C CB  . LEU A 1 62 ? 19.696  21.863  -20.575 1.00 31.14 ? 62  LEU A CB  1 
ATOM   512  C CG  . LEU A 1 62 ? 19.984  20.383  -20.850 1.00 31.29 ? 62  LEU A CG  1 
ATOM   513  C CD1 . LEU A 1 62 ? 21.292  20.242  -21.663 1.00 30.63 ? 62  LEU A CD1 1 
ATOM   514  C CD2 . LEU A 1 62 ? 20.055  19.628  -19.516 1.00 30.59 ? 62  LEU A CD2 1 
ATOM   515  N N   . ARG A 1 63 ? 17.980  24.502  -20.276 1.00 40.90 ? 63  ARG A N   1 
ATOM   516  C CA  . ARG A 1 63 ? 17.842  25.890  -19.850 1.00 46.07 ? 63  ARG A CA  1 
ATOM   517  C C   . ARG A 1 63 ? 16.655  26.022  -18.892 1.00 48.05 ? 63  ARG A C   1 
ATOM   518  O O   . ARG A 1 63 ? 16.745  26.702  -17.875 1.00 48.65 ? 63  ARG A O   1 
ATOM   519  C CB  . ARG A 1 63 ? 17.633  26.806  -21.052 1.00 46.57 ? 63  ARG A CB  1 
ATOM   520  C CG  . ARG A 1 63 ? 18.912  27.229  -21.729 1.00 51.29 ? 63  ARG A CG  1 
ATOM   521  C CD  . ARG A 1 63 ? 18.666  28.490  -22.531 1.00 56.34 ? 63  ARG A CD  1 
ATOM   522  N NE  . ARG A 1 63 ? 17.748  28.231  -23.633 1.00 58.58 ? 63  ARG A NE  1 
ATOM   523  C CZ  . ARG A 1 63 ? 18.115  27.616  -24.748 1.00 59.30 ? 63  ARG A CZ  1 
ATOM   524  N NH1 . ARG A 1 63 ? 17.237  27.393  -25.719 1.00 59.43 ? 63  ARG A NH1 1 
ATOM   525  N NH2 . ARG A 1 63 ? 19.380  27.244  -24.888 1.00 60.62 ? 63  ARG A NH2 1 
ATOM   526  N N   . GLN A 1 64 ? 15.547  25.364  -19.216 1.00 50.87 ? 64  GLN A N   1 
ATOM   527  C CA  . GLN A 1 64 ? 14.356  25.402  -18.368 1.00 53.99 ? 64  GLN A CA  1 
ATOM   528  C C   . GLN A 1 64 ? 14.644  24.818  -16.988 1.00 55.86 ? 64  GLN A C   1 
ATOM   529  O O   . GLN A 1 64 ? 13.876  25.027  -16.051 1.00 56.61 ? 64  GLN A O   1 
ATOM   530  C CB  . GLN A 1 64 ? 13.205  24.610  -19.002 1.00 54.62 ? 64  GLN A CB  1 
ATOM   531  C CG  . GLN A 1 64 ? 12.550  25.259  -20.201 1.00 56.46 ? 64  GLN A CG  1 
ATOM   532  C CD  . GLN A 1 64 ? 11.386  24.436  -20.739 1.00 58.87 ? 64  GLN A CD  1 
ATOM   533  O OE1 . GLN A 1 64 ? 10.455  24.102  -20.003 1.00 60.51 ? 64  GLN A OE1 1 
ATOM   534  N NE2 . GLN A 1 64 ? 11.432  24.107  -22.029 1.00 59.32 ? 64  GLN A NE2 1 
ATOM   535  N N   . LEU A 1 65 ? 15.745  24.079  -16.869 1.00 57.92 ? 65  LEU A N   1 
ATOM   536  C CA  . LEU A 1 65 ? 16.133  23.462  -15.601 1.00 59.23 ? 65  LEU A CA  1 
ATOM   537  C C   . LEU A 1 65 ? 16.934  24.415  -14.717 1.00 59.83 ? 65  LEU A C   1 
ATOM   538  O O   . LEU A 1 65 ? 16.567  24.567  -13.530 1.00 60.02 ? 65  LEU A O   1 
ATOM   539  C CB  . LEU A 1 65 ? 16.969  22.205  -15.853 1.00 59.57 ? 65  LEU A CB  1 
ATOM   540  C CG  . LEU A 1 65 ? 16.247  20.912  -16.210 1.00 59.79 ? 65  LEU A CG  1 
ATOM   541  C CD1 . LEU A 1 65 ? 17.269  19.876  -16.629 1.00 60.89 ? 65  LEU A CD1 1 
ATOM   542  C CD2 . LEU A 1 65 ? 15.447  20.418  -15.011 1.00 60.25 ? 65  LEU A CD2 1 
ATOM   543  N N   . LEU B 1 2  ? -39.317 -11.905 -10.521 1.00 40.76 ? 2   LEU B N   1 
ATOM   544  C CA  . LEU B 1 2  ? -38.698 -10.578 -10.840 1.00 40.38 ? 2   LEU B CA  1 
ATOM   545  C C   . LEU B 1 2  ? -39.768 -9.586  -11.315 1.00 39.09 ? 2   LEU B C   1 
ATOM   546  O O   . LEU B 1 2  ? -39.868 -8.477  -10.801 1.00 35.33 ? 2   LEU B O   1 
ATOM   547  C CB  . LEU B 1 2  ? -37.632 -10.734 -11.932 1.00 43.55 ? 2   LEU B CB  1 
ATOM   548  C CG  . LEU B 1 2  ? -36.343 -9.899  -11.790 1.00 45.26 ? 2   LEU B CG  1 
ATOM   549  C CD1 . LEU B 1 2  ? -35.549 -9.932  -13.095 1.00 45.00 ? 2   LEU B CD1 1 
ATOM   550  C CD2 . LEU B 1 2  ? -36.686 -8.471  -11.442 1.00 45.84 ? 2   LEU B CD2 1 
ATOM   551  N N   . GLN B 1 3  ? -40.573 -9.992  -12.294 1.00 38.28 ? 3   GLN B N   1 
ATOM   552  C CA  . GLN B 1 3  ? -41.615 -9.105  -12.804 1.00 38.71 ? 3   GLN B CA  1 
ATOM   553  C C   . GLN B 1 3  ? -42.632 -8.748  -11.737 1.00 37.84 ? 3   GLN B C   1 
ATOM   554  O O   . GLN B 1 3  ? -43.409 -7.815  -11.892 1.00 37.60 ? 3   GLN B O   1 
ATOM   555  C CB  . GLN B 1 3  ? -42.315 -9.729  -14.015 1.00 40.72 ? 3   GLN B CB  1 
ATOM   556  C CG  . GLN B 1 3  ? -41.603 -9.435  -15.320 1.00 43.63 ? 3   GLN B CG  1 
ATOM   557  C CD  . GLN B 1 3  ? -42.009 -10.371 -16.438 1.00 46.52 ? 3   GLN B CD  1 
ATOM   558  O OE1 . GLN B 1 3  ? -41.882 -11.599 -16.310 1.00 47.56 ? 3   GLN B OE1 1 
ATOM   559  N NE2 . GLN B 1 3  ? -42.500 -9.802  -17.542 1.00 45.88 ? 3   GLN B NE2 1 
ATOM   560  N N   . LEU B 1 4  ? -42.628 -9.480  -10.638 1.00 36.88 ? 4   LEU B N   1 
ATOM   561  C CA  . LEU B 1 4  ? -43.575 -9.179  -9.577  1.00 38.52 ? 4   LEU B CA  1 
ATOM   562  C C   . LEU B 1 4  ? -43.040 -8.096  -8.671  1.00 36.92 ? 4   LEU B C   1 
ATOM   563  O O   . LEU B 1 4  ? -43.789 -7.523  -7.890  1.00 38.37 ? 4   LEU B O   1 
ATOM   564  C CB  . LEU B 1 4  ? -43.851 -10.409 -8.720  1.00 40.21 ? 4   LEU B CB  1 
ATOM   565  C CG  . LEU B 1 4  ? -45.161 -11.136 -8.963  1.00 43.50 ? 4   LEU B CG  1 
ATOM   566  C CD1 . LEU B 1 4  ? -45.321 -12.188 -7.857  1.00 44.85 ? 4   LEU B CD1 1 
ATOM   567  C CD2 . LEU B 1 4  ? -46.336 -10.139 -8.967  1.00 44.30 ? 4   LEU B CD2 1 
ATOM   568  N N   . TRP B 1 5  ? -41.748 -7.801  -8.787  1.00 33.96 ? 5   TRP B N   1 
ATOM   569  C CA  . TRP B 1 5  ? -41.136 -6.820  -7.907  1.00 32.15 ? 5   TRP B CA  1 
ATOM   570  C C   . TRP B 1 5  ? -41.559 -5.376  -8.055  1.00 30.70 ? 5   TRP B C   1 
ATOM   571  O O   . TRP B 1 5  ? -41.512 -4.800  -9.145  1.00 29.81 ? 5   TRP B O   1 
ATOM   572  C CB  . TRP B 1 5  ? -39.613 -6.882  -8.034  1.00 34.35 ? 5   TRP B CB  1 
ATOM   573  C CG  . TRP B 1 5  ? -39.016 -8.157  -7.535  1.00 35.74 ? 5   TRP B CG  1 
ATOM   574  C CD1 . TRP B 1 5  ? -39.680 -9.301  -7.192  1.00 35.66 ? 5   TRP B CD1 1 
ATOM   575  C CD2 . TRP B 1 5  ? -37.622 -8.439  -7.386  1.00 36.21 ? 5   TRP B CD2 1 
ATOM   576  N NE1 . TRP B 1 5  ? -38.785 -10.284 -6.841  1.00 35.08 ? 5   TRP B NE1 1 
ATOM   577  C CE2 . TRP B 1 5  ? -37.513 -9.782  -6.951  1.00 36.54 ? 5   TRP B CE2 1 
ATOM   578  C CE3 . TRP B 1 5  ? -36.453 -7.689  -7.582  1.00 37.30 ? 5   TRP B CE3 1 
ATOM   579  C CZ2 . TRP B 1 5  ? -36.274 -10.395 -6.707  1.00 37.31 ? 5   TRP B CZ2 1 
ATOM   580  C CZ3 . TRP B 1 5  ? -35.215 -8.300  -7.341  1.00 38.31 ? 5   TRP B CZ3 1 
ATOM   581  C CH2 . TRP B 1 5  ? -35.140 -9.642  -6.907  1.00 38.46 ? 5   TRP B CH2 1 
ATOM   582  N N   . SER B 1 6  ? -41.928 -4.776  -6.932  1.00 27.51 ? 6   SER B N   1 
ATOM   583  C CA  . SER B 1 6  ? -42.302 -3.370  -6.914  1.00 25.99 ? 6   SER B CA  1 
ATOM   584  C C   . SER B 1 6  ? -41.001 -2.613  -6.706  1.00 25.12 ? 6   SER B C   1 
ATOM   585  O O   . SER B 1 6  ? -39.965 -3.230  -6.445  1.00 25.80 ? 6   SER B O   1 
ATOM   586  C CB  . SER B 1 6  ? -43.217 -3.104  -5.736  1.00 26.71 ? 6   SER B CB  1 
ATOM   587  O OG  . SER B 1 6  ? -42.499 -3.302  -4.536  1.00 25.44 ? 6   SER B OG  1 
ATOM   588  N N   . LYS B 1 7  ? -41.048 -1.291  -6.795  1.00 23.78 ? 7   LYS B N   1 
ATOM   589  C CA  . LYS B 1 7  ? -39.842 -0.518  -6.587  1.00 25.12 ? 7   LYS B CA  1 
ATOM   590  C C   . LYS B 1 7  ? -39.292 -0.733  -5.161  1.00 25.52 ? 7   LYS B C   1 
ATOM   591  O O   . LYS B 1 7  ? -38.088 -0.645  -4.949  1.00 23.89 ? 7   LYS B O   1 
ATOM   592  C CB  . LYS B 1 7  ? -40.105 0.960   -6.842  1.00 22.28 ? 7   LYS B CB  1 
ATOM   593  C CG  . LYS B 1 7  ? -41.149 1.584   -5.959  1.00 25.85 ? 7   LYS B CG  1 
ATOM   594  C CD  . LYS B 1 7  ? -41.454 3.025   -6.323  1.00 24.19 ? 7   LYS B CD  1 
ATOM   595  C CE  . LYS B 1 7  ? -42.681 3.510   -5.508  1.00 31.23 ? 7   LYS B CE  1 
ATOM   596  N NZ  . LYS B 1 7  ? -43.230 4.856   -5.900  1.00 31.29 ? 7   LYS B NZ  1 
ATOM   597  N N   . PHE B 1 8  ? -40.163 -1.028  -4.189  1.00 25.07 ? 8   PHE B N   1 
ATOM   598  C CA  . PHE B 1 8  ? -39.677 -1.258  -2.821  1.00 24.26 ? 8   PHE B CA  1 
ATOM   599  C C   . PHE B 1 8  ? -39.036 -2.635  -2.761  1.00 24.16 ? 8   PHE B C   1 
ATOM   600  O O   . PHE B 1 8  ? -38.086 -2.841  -2.020  1.00 26.94 ? 8   PHE B O   1 
ATOM   601  C CB  . PHE B 1 8  ? -40.821 -1.134  -1.798  1.00 26.26 ? 8   PHE B CB  1 
ATOM   602  C CG  . PHE B 1 8  ? -41.530 0.196   -1.864  1.00 27.05 ? 8   PHE B CG  1 
ATOM   603  C CD1 . PHE B 1 8  ? -40.867 1.366   -1.529  1.00 25.71 ? 8   PHE B CD1 1 
ATOM   604  C CD2 . PHE B 1 8  ? -42.839 0.280   -2.325  1.00 28.96 ? 8   PHE B CD2 1 
ATOM   605  C CE1 . PHE B 1 8  ? -41.490 2.602   -1.653  1.00 28.65 ? 8   PHE B CE1 1 
ATOM   606  C CE2 . PHE B 1 8  ? -43.465 1.514   -2.451  1.00 27.54 ? 8   PHE B CE2 1 
ATOM   607  C CZ  . PHE B 1 8  ? -42.790 2.670   -2.116  1.00 27.57 ? 8   PHE B CZ  1 
ATOM   608  N N   . ASP B 1 9  ? -39.547 -3.593  -3.518  1.00 24.78 ? 9   ASP B N   1 
ATOM   609  C CA  . ASP B 1 9  ? -38.922 -4.917  -3.524  1.00 25.43 ? 9   ASP B CA  1 
ATOM   610  C C   . ASP B 1 9  ? -37.521 -4.779  -4.164  1.00 25.76 ? 9   ASP B C   1 
ATOM   611  O O   . ASP B 1 9  ? -36.589 -5.474  -3.790  1.00 26.39 ? 9   ASP B O   1 
ATOM   612  C CB  . ASP B 1 9  ? -39.724 -5.917  -4.357  1.00 27.58 ? 9   ASP B CB  1 
ATOM   613  C CG  . ASP B 1 9  ? -41.027 -6.352  -3.677  1.00 33.78 ? 9   ASP B CG  1 
ATOM   614  O OD1 . ASP B 1 9  ? -41.059 -6.413  -2.425  1.00 34.77 ? 9   ASP B OD1 1 
ATOM   615  O OD2 . ASP B 1 9  ? -41.999 -6.638  -4.405  1.00 30.86 ? 9   ASP B OD2 1 
ATOM   616  N N   . VAL B 1 10 ? -37.392 -3.892  -5.146  1.00 24.15 ? 10  VAL B N   1 
ATOM   617  C CA  . VAL B 1 10 ? -36.087 -3.680  -5.794  1.00 22.89 ? 10  VAL B CA  1 
ATOM   618  C C   . VAL B 1 10 ? -35.163 -3.093  -4.724  1.00 22.79 ? 10  VAL B C   1 
ATOM   619  O O   . VAL B 1 10 ? -33.999 -3.468  -4.608  1.00 22.49 ? 10  VAL B O   1 
ATOM   620  C CB  . VAL B 1 10 ? -36.217 -2.693  -6.958  1.00 22.62 ? 10  VAL B CB  1 
ATOM   621  C CG1 . VAL B 1 10 ? -34.826 -2.199  -7.407  1.00 22.16 ? 10  VAL B CG1 1 
ATOM   622  C CG2 . VAL B 1 10 ? -36.976 -3.375  -8.098  1.00 22.39 ? 10  VAL B CG2 1 
ATOM   623  N N   . GLY B 1 11 ? -35.695 -2.185  -3.925  1.00 23.31 ? 11  GLY B N   1 
ATOM   624  C CA  . GLY B 1 11 ? -34.883 -1.590  -2.870  1.00 24.97 ? 11  GLY B CA  1 
ATOM   625  C C   . GLY B 1 11 ? -34.378 -2.636  -1.881  1.00 26.49 ? 11  GLY B C   1 
ATOM   626  O O   . GLY B 1 11 ? -33.206 -2.620  -1.501  1.00 27.38 ? 11  GLY B O   1 
ATOM   627  N N   . ASP B 1 12 ? -35.241 -3.549  -1.457  1.00 25.69 ? 12  ASP B N   1 
ATOM   628  C CA  . ASP B 1 12 ? -34.827 -4.594  -0.509  1.00 27.95 ? 12  ASP B CA  1 
ATOM   629  C C   . ASP B 1 12 ? -33.772 -5.482  -1.141  1.00 27.98 ? 12  ASP B C   1 
ATOM   630  O O   . ASP B 1 12 ? -32.825 -5.917  -0.465  1.00 28.58 ? 12  ASP B O   1 
ATOM   631  C CB  . ASP B 1 12 ? -36.003 -5.482  -0.093  1.00 27.61 ? 12  ASP B CB  1 
ATOM   632  C CG  . ASP B 1 12 ? -37.043 -4.730  0.691   1.00 28.21 ? 12  ASP B CG  1 
ATOM   633  O OD1 . ASP B 1 12 ? -36.749 -3.625  1.184   1.00 32.03 ? 12  ASP B OD1 1 
ATOM   634  O OD2 . ASP B 1 12 ? -38.154 -5.252  0.833   1.00 31.10 ? 12  ASP B OD2 1 
ATOM   635  N N   . TRP B 1 13 ? -33.943 -5.758  -2.434  1.00 27.05 ? 13  TRP B N   1 
ATOM   636  C CA  . TRP B 1 13 ? -32.982 -6.573  -3.166  1.00 26.35 ? 13  TRP B CA  1 
ATOM   637  C C   . TRP B 1 13 ? -31.619 -5.849  -3.202  1.00 26.60 ? 13  TRP B C   1 
ATOM   638  O O   . TRP B 1 13 ? -30.588 -6.474  -2.978  1.00 26.16 ? 13  TRP B O   1 
ATOM   639  C CB  . TRP B 1 13 ? -33.474 -6.842  -4.589  1.00 27.83 ? 13  TRP B CB  1 
ATOM   640  C CG  . TRP B 1 13 ? -32.492 -7.600  -5.444  1.00 28.33 ? 13  TRP B CG  1 
ATOM   641  C CD1 . TRP B 1 13 ? -32.136 -8.922  -5.331  1.00 31.33 ? 13  TRP B CD1 1 
ATOM   642  C CD2 . TRP B 1 13 ? -31.769 -7.088  -6.569  1.00 28.62 ? 13  TRP B CD2 1 
ATOM   643  N NE1 . TRP B 1 13 ? -31.238 -9.263  -6.327  1.00 30.70 ? 13  TRP B NE1 1 
ATOM   644  C CE2 . TRP B 1 13 ? -30.997 -8.158  -7.099  1.00 29.23 ? 13  TRP B CE2 1 
ATOM   645  C CE3 . TRP B 1 13 ? -31.698 -5.829  -7.185  1.00 27.77 ? 13  TRP B CE3 1 
ATOM   646  C CZ2 . TRP B 1 13 ? -30.167 -8.005  -8.222  1.00 27.79 ? 13  TRP B CZ2 1 
ATOM   647  C CZ3 . TRP B 1 13 ? -30.863 -5.676  -8.313  1.00 28.18 ? 13  TRP B CZ3 1 
ATOM   648  C CH2 . TRP B 1 13 ? -30.116 -6.764  -8.810  1.00 26.08 ? 13  TRP B CH2 1 
ATOM   649  N N   . LEU B 1 14 ? -31.602 -4.544  -3.472  1.00 24.04 ? 14  LEU B N   1 
ATOM   650  C CA  . LEU B 1 14 ? -30.322 -3.831  -3.489  1.00 24.62 ? 14  LEU B CA  1 
ATOM   651  C C   . LEU B 1 14 ? -29.678 -3.980  -2.102  1.00 26.59 ? 14  LEU B C   1 
ATOM   652  O O   . LEU B 1 14 ? -28.474 -4.199  -1.984  1.00 24.07 ? 14  LEU B O   1 
ATOM   653  C CB  . LEU B 1 14 ? -30.521 -2.348  -3.809  1.00 21.83 ? 14  LEU B CB  1 
ATOM   654  C CG  . LEU B 1 14 ? -30.912 -2.074  -5.261  1.00 23.44 ? 14  LEU B CG  1 
ATOM   655  C CD1 . LEU B 1 14 ? -31.328 -0.645  -5.421  1.00 23.06 ? 14  LEU B CD1 1 
ATOM   656  C CD2 . LEU B 1 14 ? -29.699 -2.405  -6.172  1.00 23.50 ? 14  LEU B CD2 1 
ATOM   657  N N   . GLU B 1 15 ? -30.489 -3.868  -1.057  1.00 28.06 ? 15  GLU B N   1 
ATOM   658  C CA  . GLU B 1 15 ? -29.962 -4.031  0.296   1.00 30.70 ? 15  GLU B CA  1 
ATOM   659  C C   . GLU B 1 15 ? -29.403 -5.432  0.496   1.00 30.74 ? 15  GLU B C   1 
ATOM   660  O O   . GLU B 1 15 ? -28.375 -5.604  1.158   1.00 32.08 ? 15  GLU B O   1 
ATOM   661  C CB  . GLU B 1 15 ? -31.048 -3.765  1.344   1.00 33.81 ? 15  GLU B CB  1 
ATOM   662  C CG  . GLU B 1 15 ? -31.146 -2.315  1.774   1.00 38.64 ? 15  GLU B CG  1 
ATOM   663  C CD  . GLU B 1 15 ? -32.042 -2.109  2.997   1.00 41.88 ? 15  GLU B CD  1 
ATOM   664  O OE1 . GLU B 1 15 ? -31.852 -2.812  4.021   1.00 46.10 ? 15  GLU B OE1 1 
ATOM   665  O OE2 . GLU B 1 15 ? -32.928 -1.235  2.940   1.00 40.62 ? 15  GLU B OE2 1 
ATOM   666  N N   . SER B 1 16 ? -30.058 -6.432  -0.083  1.00 31.73 ? 16  SER B N   1 
ATOM   667  C CA  . SER B 1 16 ? -29.595 -7.814  0.059   1.00 32.42 ? 16  SER B CA  1 
ATOM   668  C C   . SER B 1 16 ? -28.254 -8.061  -0.642  1.00 33.62 ? 16  SER B C   1 
ATOM   669  O O   . SER B 1 16 ? -27.538 -8.996  -0.289  1.00 32.64 ? 16  SER B O   1 
ATOM   670  C CB  . SER B 1 16 ? -30.632 -8.808  -0.474  1.00 33.24 ? 16  SER B CB  1 
ATOM   671  O OG  . SER B 1 16 ? -30.639 -8.845  -1.886  1.00 33.79 ? 16  SER B OG  1 
ATOM   672  N N   . ILE B 1 17 ? -27.907 -7.260  -1.645  1.00 31.42 ? 17  ILE B N   1 
ATOM   673  C CA  . ILE B 1 17 ? -26.611 -7.464  -2.266  1.00 32.32 ? 17  ILE B CA  1 
ATOM   674  C C   . ILE B 1 17 ? -25.636 -6.362  -1.833  1.00 32.40 ? 17  ILE B C   1 
ATOM   675  O O   . ILE B 1 17 ? -24.671 -6.069  -2.527  1.00 32.18 ? 17  ILE B O   1 
ATOM   676  C CB  . ILE B 1 17 ? -26.692 -7.551  -3.819  1.00 30.31 ? 17  ILE B CB  1 
ATOM   677  C CG1 . ILE B 1 17 ? -27.385 -6.321  -4.397  1.00 30.20 ? 17  ILE B CG1 1 
ATOM   678  C CG2 . ILE B 1 17 ? -27.474 -8.805  -4.229  1.00 27.32 ? 17  ILE B CG2 1 
ATOM   679  C CD1 . ILE B 1 17 ? -27.376 -6.305  -5.949  1.00 29.68 ? 17  ILE B CD1 1 
ATOM   680  N N   . HIS B 1 18 ? -25.928 -5.756  -0.683  1.00 33.34 ? 18  HIS B N   1 
ATOM   681  C CA  . HIS B 1 18 ? -25.093 -4.708  -0.064  1.00 33.23 ? 18  HIS B CA  1 
ATOM   682  C C   . HIS B 1 18 ? -24.970 -3.398  -0.814  1.00 31.56 ? 18  HIS B C   1 
ATOM   683  O O   . HIS B 1 18 ? -23.961 -2.693  -0.702  1.00 31.21 ? 18  HIS B O   1 
ATOM   684  C CB  . HIS B 1 18 ? -23.697 -5.266  0.212   1.00 38.04 ? 18  HIS B CB  1 
ATOM   685  C CG  . HIS B 1 18 ? -23.715 -6.613  0.862   1.00 40.84 ? 18  HIS B CG  1 
ATOM   686  N ND1 . HIS B 1 18 ? -23.352 -7.764  0.197   1.00 43.05 ? 18  HIS B ND1 1 
ATOM   687  C CD2 . HIS B 1 18 ? -24.128 -7.003  2.092   1.00 43.30 ? 18  HIS B CD2 1 
ATOM   688  C CE1 . HIS B 1 18 ? -23.548 -8.808  0.985   1.00 43.15 ? 18  HIS B CE1 1 
ATOM   689  N NE2 . HIS B 1 18 ? -24.020 -8.373  2.140   1.00 43.94 ? 18  HIS B NE2 1 
ATOM   690  N N   . LEU B 1 19 ? -26.002 -3.049  -1.565  1.00 27.49 ? 19  LEU B N   1 
ATOM   691  C CA  . LEU B 1 19 ? -25.978 -1.813  -2.323  1.00 26.79 ? 19  LEU B CA  1 
ATOM   692  C C   . LEU B 1 19 ? -27.156 -0.957  -1.871  1.00 25.73 ? 19  LEU B C   1 
ATOM   693  O O   . LEU B 1 19 ? -27.793 -0.262  -2.655  1.00 25.35 ? 19  LEU B O   1 
ATOM   694  C CB  . LEU B 1 19 ? -26.048 -2.138  -3.819  1.00 26.43 ? 19  LEU B CB  1 
ATOM   695  C CG  . LEU B 1 19 ? -24.795 -2.885  -4.340  1.00 27.67 ? 19  LEU B CG  1 
ATOM   696  C CD1 . LEU B 1 19 ? -24.991 -3.381  -5.780  1.00 26.70 ? 19  LEU B CD1 1 
ATOM   697  C CD2 . LEU B 1 19 ? -23.598 -1.938  -4.280  1.00 23.92 ? 19  LEU B CD2 1 
ATOM   698  N N   . GLY B 1 20 ? -27.425 -1.018  -0.576  1.00 26.19 ? 20  GLY B N   1 
ATOM   699  C CA  . GLY B 1 20 ? -28.526 -0.267  0.004   1.00 27.00 ? 20  GLY B CA  1 
ATOM   700  C C   . GLY B 1 20 ? -28.383 1.226   -0.181  1.00 26.29 ? 20  GLY B C   1 
ATOM   701  O O   . GLY B 1 20 ? -29.365 1.929   -0.116  1.00 27.65 ? 20  GLY B O   1 
ATOM   702  N N   . GLU B 1 21 ? -27.170 1.720   -0.408  1.00 27.62 ? 21  GLU B N   1 
ATOM   703  C CA  . GLU B 1 21 ? -26.960 3.156   -0.604  1.00 28.85 ? 21  GLU B CA  1 
ATOM   704  C C   . GLU B 1 21 ? -27.673 3.619   -1.876  1.00 27.66 ? 21  GLU B C   1 
ATOM   705  O O   . GLU B 1 21 ? -27.890 4.804   -2.079  1.00 28.19 ? 21  GLU B O   1 
ATOM   706  C CB  . GLU B 1 21 ? -25.469 3.455   -0.748  1.00 33.11 ? 21  GLU B CB  1 
ATOM   707  C CG  . GLU B 1 21 ? -24.857 2.767   -1.978  1.00 38.60 ? 21  GLU B CG  1 
ATOM   708  C CD  . GLU B 1 21 ? -23.340 2.791   -1.987  1.00 42.35 ? 21  GLU B CD  1 
ATOM   709  O OE1 . GLU B 1 21 ? -22.761 3.810   -2.426  1.00 43.99 ? 21  GLU B OE1 1 
ATOM   710  O OE2 . GLU B 1 21 ? -22.733 1.788   -1.537  1.00 43.89 ? 21  GLU B OE2 1 
ATOM   711  N N   . HIS B 1 22 ? -28.057 2.683   -2.727  1.00 27.09 ? 22  HIS B N   1 
ATOM   712  C CA  . HIS B 1 22 ? -28.728 3.061   -3.978  1.00 25.29 ? 22  HIS B CA  1 
ATOM   713  C C   . HIS B 1 22 ? -30.236 2.944   -3.952  1.00 25.15 ? 22  HIS B C   1 
ATOM   714  O O   . HIS B 1 22 ? -30.906 3.363   -4.887  1.00 22.03 ? 22  HIS B O   1 
ATOM   715  C CB  . HIS B 1 22 ? -28.192 2.197   -5.122  1.00 23.61 ? 22  HIS B CB  1 
ATOM   716  C CG  . HIS B 1 22 ? -26.726 2.366   -5.363  1.00 25.42 ? 22  HIS B CG  1 
ATOM   717  N ND1 . HIS B 1 22 ? -26.159 3.589   -5.664  1.00 26.32 ? 22  HIS B ND1 1 
ATOM   718  C CD2 . HIS B 1 22 ? -25.711 1.468   -5.364  1.00 27.55 ? 22  HIS B CD2 1 
ATOM   719  C CE1 . HIS B 1 22 ? -24.856 3.435   -5.842  1.00 28.76 ? 22  HIS B CE1 1 
ATOM   720  N NE2 . HIS B 1 22 ? -24.557 2.159   -5.667  1.00 27.44 ? 22  HIS B NE2 1 
ATOM   721  N N   . ARG B 1 23 ? -30.808 2.399   -2.888  1.00 24.81 ? 23  ARG B N   1 
ATOM   722  C CA  . ARG B 1 23 ? -32.256 2.226   -2.955  1.00 26.30 ? 23  ARG B CA  1 
ATOM   723  C C   . ARG B 1 23 ? -33.129 3.462   -3.096  1.00 26.20 ? 23  ARG B C   1 
ATOM   724  O O   . ARG B 1 23 ? -34.125 3.404   -3.791  1.00 26.86 ? 23  ARG B O   1 
ATOM   725  C CB  . ARG B 1 23 ? -32.768 1.355   -1.800  1.00 26.90 ? 23  ARG B CB  1 
ATOM   726  C CG  . ARG B 1 23 ? -32.747 1.955   -0.429  1.00 29.27 ? 23  ARG B CG  1 
ATOM   727  C CD  . ARG B 1 23 ? -33.439 0.944   0.526   1.00 30.93 ? 23  ARG B CD  1 
ATOM   728  N NE  . ARG B 1 23 ? -34.835 0.728   0.147   1.00 30.23 ? 23  ARG B NE  1 
ATOM   729  C CZ  . ARG B 1 23 ? -35.549 -0.339  0.485   1.00 30.11 ? 23  ARG B CZ  1 
ATOM   730  N NH1 . ARG B 1 23 ? -36.812 -0.447  0.101   1.00 26.72 ? 23  ARG B NH1 1 
ATOM   731  N NH2 . ARG B 1 23 ? -34.996 -1.311  1.200   1.00 29.71 ? 23  ARG B NH2 1 
ATOM   732  N N   . ASP B 1 24 ? -32.762 4.581   -2.480  1.00 27.05 ? 24  ASP B N   1 
ATOM   733  C CA  . ASP B 1 24 ? -33.604 5.770   -2.574  1.00 28.55 ? 24  ASP B CA  1 
ATOM   734  C C   . ASP B 1 24 ? -33.634 6.338   -3.993  1.00 28.30 ? 24  ASP B C   1 
ATOM   735  O O   . ASP B 1 24 ? -34.679 6.744   -4.465  1.00 28.00 ? 24  ASP B O   1 
ATOM   736  C CB  . ASP B 1 24 ? -33.146 6.860   -1.584  1.00 31.17 ? 24  ASP B CB  1 
ATOM   737  C CG  . ASP B 1 24 ? -33.383 6.467   -0.117  1.00 34.36 ? 24  ASP B CG  1 
ATOM   738  O OD1 . ASP B 1 24 ? -34.152 5.508   0.172   1.00 35.13 ? 24  ASP B OD1 1 
ATOM   739  O OD2 . ASP B 1 24 ? -32.803 7.138   0.755   1.00 36.24 ? 24  ASP B OD2 1 
ATOM   740  N N   . ARG B 1 25 ? -32.488 6.377   -4.668  1.00 28.62 ? 25  ARG B N   1 
ATOM   741  C CA  . ARG B 1 25 ? -32.452 6.870   -6.036  1.00 27.32 ? 25  ARG B CA  1 
ATOM   742  C C   . ARG B 1 25 ? -33.256 5.944   -6.949  1.00 25.59 ? 25  ARG B C   1 
ATOM   743  O O   . ARG B 1 25 ? -34.002 6.416   -7.818  1.00 25.35 ? 25  ARG B O   1 
ATOM   744  C CB  . ARG B 1 25 ? -31.000 6.963   -6.511  1.00 32.77 ? 25  ARG B CB  1 
ATOM   745  C CG  . ARG B 1 25 ? -30.462 8.365   -6.661  1.00 39.57 ? 25  ARG B CG  1 
ATOM   746  C CD  . ARG B 1 25 ? -30.718 8.835   -8.096  1.00 44.68 ? 25  ARG B CD  1 
ATOM   747  N NE  . ARG B 1 25 ? -29.774 9.835   -8.595  1.00 47.48 ? 25  ARG B NE  1 
ATOM   748  C CZ  . ARG B 1 25 ? -28.473 9.866   -8.318  1.00 49.98 ? 25  ARG B CZ  1 
ATOM   749  N NH1 . ARG B 1 25 ? -27.935 8.958   -7.520  1.00 53.61 ? 25  ARG B NH1 1 
ATOM   750  N NH2 . ARG B 1 25 ? -27.691 10.774  -8.883  1.00 50.45 ? 25  ARG B NH2 1 
ATOM   751  N N   . PHE B 1 26 ? -33.110 4.630   -6.786  1.00 23.58 ? 26  PHE B N   1 
ATOM   752  C CA  . PHE B 1 26 ? -33.876 3.693   -7.606  1.00 22.77 ? 26  PHE B CA  1 
ATOM   753  C C   . PHE B 1 26 ? -35.364 3.858   -7.353  1.00 23.63 ? 26  PHE B C   1 
ATOM   754  O O   . PHE B 1 26 ? -36.191 3.769   -8.267  1.00 19.14 ? 26  PHE B O   1 
ATOM   755  C CB  . PHE B 1 26 ? -33.502 2.251   -7.299  1.00 23.64 ? 26  PHE B CB  1 
ATOM   756  C CG  . PHE B 1 26 ? -32.325 1.727   -8.105  1.00 23.56 ? 26  PHE B CG  1 
ATOM   757  C CD1 . PHE B 1 26 ? -31.078 2.338   -8.025  1.00 22.62 ? 26  PHE B CD1 1 
ATOM   758  C CD2 . PHE B 1 26 ? -32.454 0.565   -8.862  1.00 23.01 ? 26  PHE B CD2 1 
ATOM   759  C CE1 . PHE B 1 26 ? -29.966 1.785   -8.688  1.00 24.75 ? 26  PHE B CE1 1 
ATOM   760  C CE2 . PHE B 1 26 ? -31.373 0.015   -9.518  1.00 23.36 ? 26  PHE B CE2 1 
ATOM   761  C CZ  . PHE B 1 26 ? -30.117 0.625   -9.433  1.00 22.14 ? 26  PHE B CZ  1 
ATOM   762  N N   . GLU B 1 27 ? -35.711 4.094   -6.095  1.00 23.54 ? 27  GLU B N   1 
ATOM   763  C CA  . GLU B 1 27 ? -37.110 4.271   -5.730  1.00 24.36 ? 27  GLU B CA  1 
ATOM   764  C C   . GLU B 1 27 ? -37.662 5.577   -6.318  1.00 23.86 ? 27  GLU B C   1 
ATOM   765  O O   . GLU B 1 27 ? -38.774 5.607   -6.818  1.00 24.13 ? 27  GLU B O   1 
ATOM   766  C CB  . GLU B 1 27 ? -37.216 4.269   -4.205  1.00 26.51 ? 27  GLU B CB  1 
ATOM   767  C CG  . GLU B 1 27 ? -38.596 4.469   -3.615  1.00 28.90 ? 27  GLU B CG  1 
ATOM   768  C CD  . GLU B 1 27 ? -38.488 4.547   -2.102  1.00 34.15 ? 27  GLU B CD  1 
ATOM   769  O OE1 . GLU B 1 27 ? -38.166 3.507   -1.452  1.00 33.19 ? 27  GLU B OE1 1 
ATOM   770  O OE2 . GLU B 1 27 ? -38.671 5.662   -1.569  1.00 36.31 ? 27  GLU B OE2 1 
ATOM   771  N N   . ASP B 1 28 ? -36.880 6.650   -6.261  1.00 25.44 ? 28  ASP B N   1 
ATOM   772  C CA  . ASP B 1 28 ? -37.311 7.928   -6.797  1.00 28.66 ? 28  ASP B CA  1 
ATOM   773  C C   . ASP B 1 28 ? -37.599 7.808   -8.302  1.00 29.71 ? 28  ASP B C   1 
ATOM   774  O O   . ASP B 1 28 ? -38.536 8.422   -8.822  1.00 29.16 ? 28  ASP B O   1 
ATOM   775  C CB  . ASP B 1 28 ? -36.231 9.000   -6.580  1.00 32.08 ? 28  ASP B CB  1 
ATOM   776  C CG  . ASP B 1 28 ? -36.071 9.394   -5.103  1.00 37.24 ? 28  ASP B CG  1 
ATOM   777  O OD1 . ASP B 1 28 ? -37.034 9.238   -4.318  1.00 37.85 ? 28  ASP B OD1 1 
ATOM   778  O OD2 . ASP B 1 28 ? -34.981 9.879   -4.734  1.00 38.79 ? 28  ASP B OD2 1 
ATOM   779  N N   . HIS B 1 29 ? -36.796 6.996   -8.990  1.00 27.68 ? 29  HIS B N   1 
ATOM   780  C CA  . HIS B 1 29 ? -36.936 6.793   -10.423 1.00 27.45 ? 29  HIS B CA  1 
ATOM   781  C C   . HIS B 1 29 ? -37.939 5.692   -10.752 1.00 27.52 ? 29  HIS B C   1 
ATOM   782  O O   . HIS B 1 29 ? -38.101 5.280   -11.910 1.00 26.00 ? 29  HIS B O   1 
ATOM   783  C CB  . HIS B 1 29 ? -35.552 6.486   -11.009 1.00 26.63 ? 29  HIS B CB  1 
ATOM   784  C CG  . HIS B 1 29 ? -34.720 7.709   -11.231 1.00 27.34 ? 29  HIS B CG  1 
ATOM   785  N ND1 . HIS B 1 29 ? -34.716 8.396   -12.431 1.00 28.64 ? 29  HIS B ND1 1 
ATOM   786  C CD2 . HIS B 1 29 ? -33.903 8.401   -10.400 1.00 27.15 ? 29  HIS B CD2 1 
ATOM   787  C CE1 . HIS B 1 29 ? -33.934 9.457   -12.325 1.00 28.14 ? 29  HIS B CE1 1 
ATOM   788  N NE2 . HIS B 1 29 ? -33.430 9.486   -11.102 1.00 28.39 ? 29  HIS B NE2 1 
ATOM   789  N N   . GLU B 1 30 ? -38.614 5.213   -9.711  1.00 26.63 ? 30  GLU B N   1 
ATOM   790  C CA  . GLU B 1 30 ? -39.608 4.171   -9.866  1.00 24.99 ? 30  GLU B CA  1 
ATOM   791  C C   . GLU B 1 30 ? -39.134 2.943   -10.620 1.00 24.91 ? 30  GLU B C   1 
ATOM   792  O O   . GLU B 1 30 ? -39.834 2.430   -11.481 1.00 23.76 ? 30  GLU B O   1 
ATOM   793  C CB  . GLU B 1 30 ? -40.858 4.783   -10.496 1.00 26.35 ? 30  GLU B CB  1 
ATOM   794  C CG  . GLU B 1 30 ? -41.533 5.678   -9.462  1.00 32.15 ? 30  GLU B CG  1 
ATOM   795  C CD  . GLU B 1 30 ? -42.713 6.484   -9.976  1.00 35.30 ? 30  GLU B CD  1 
ATOM   796  O OE1 . GLU B 1 30 ? -43.502 5.997   -10.814 1.00 37.50 ? 30  GLU B OE1 1 
ATOM   797  O OE2 . GLU B 1 30 ? -42.868 7.619   -9.504  1.00 39.39 ? 30  GLU B OE2 1 
ATOM   798  N N   . ILE B 1 31 ? -37.942 2.456   -10.294 1.00 22.18 ? 31  ILE B N   1 
ATOM   799  C CA  . ILE B 1 31 ? -37.431 1.262   -10.953 1.00 22.41 ? 31  ILE B CA  1 
ATOM   800  C C   . ILE B 1 31 ? -38.078 -0.005  -10.366 1.00 24.71 ? 31  ILE B C   1 
ATOM   801  O O   . ILE B 1 31 ? -37.914 -0.281  -9.178  1.00 24.44 ? 31  ILE B O   1 
ATOM   802  C CB  . ILE B 1 31 ? -35.910 1.135   -10.756 1.00 22.02 ? 31  ILE B CB  1 
ATOM   803  C CG1 . ILE B 1 31 ? -35.179 2.369   -11.298 1.00 21.30 ? 31  ILE B CG1 1 
ATOM   804  C CG2 . ILE B 1 31 ? -35.447 -0.167  -11.374 1.00 22.62 ? 31  ILE B CG2 1 
ATOM   805  C CD1 . ILE B 1 31 ? -35.459 2.659   -12.826 1.00 22.37 ? 31  ILE B CD1 1 
ATOM   806  N N   . GLU B 1 32 ? -38.783 -0.775  -11.200 1.00 25.78 ? 32  GLU B N   1 
ATOM   807  C CA  . GLU B 1 32 ? -39.449 -2.017  -10.791 1.00 28.03 ? 32  GLU B CA  1 
ATOM   808  C C   . GLU B 1 32 ? -38.591 -3.179  -11.242 1.00 26.77 ? 32  GLU B C   1 
ATOM   809  O O   . GLU B 1 32 ? -37.698 -2.993  -12.062 1.00 24.91 ? 32  GLU B O   1 
ATOM   810  C CB  . GLU B 1 32 ? -40.827 -2.165  -11.476 1.00 31.68 ? 32  GLU B CB  1 
ATOM   811  C CG  . GLU B 1 32 ? -41.795 -1.057  -11.145 1.00 38.05 ? 32  GLU B CG  1 
ATOM   812  C CD  . GLU B 1 32 ? -43.003 -1.047  -12.078 1.00 42.15 ? 32  GLU B CD  1 
ATOM   813  O OE1 . GLU B 1 32 ? -43.716 -2.076  -12.150 1.00 43.66 ? 32  GLU B OE1 1 
ATOM   814  O OE2 . GLU B 1 32 ? -43.238 -0.007  -12.738 1.00 43.12 ? 32  GLU B OE2 1 
ATOM   815  N N   . GLY B 1 33 ? -38.901 -4.371  -10.733 1.00 24.40 ? 33  GLY B N   1 
ATOM   816  C CA  . GLY B 1 33 ? -38.161 -5.564  -11.088 1.00 26.76 ? 33  GLY B CA  1 
ATOM   817  C C   . GLY B 1 33 ? -38.027 -5.731  -12.598 1.00 28.83 ? 33  GLY B C   1 
ATOM   818  O O   . GLY B 1 33 ? -36.922 -5.910  -13.117 1.00 27.23 ? 33  GLY B O   1 
ATOM   819  N N   . ALA B 1 34 ? -39.156 -5.642  -13.299 1.00 30.52 ? 34  ALA B N   1 
ATOM   820  C CA  . ALA B 1 34 ? -39.179 -5.803  -14.754 1.00 31.81 ? 34  ALA B CA  1 
ATOM   821  C C   . ALA B 1 34 ? -38.189 -4.916  -15.492 1.00 30.28 ? 34  ALA B C   1 
ATOM   822  O O   . ALA B 1 34 ? -37.775 -5.249  -16.595 1.00 32.37 ? 34  ALA B O   1 
ATOM   823  C CB  . ALA B 1 34 ? -40.602 -5.542  -15.292 1.00 31.47 ? 34  ALA B CB  1 
ATOM   824  N N   . HIS B 1 35 ? -37.814 -3.788  -14.899 1.00 28.78 ? 35  HIS B N   1 
ATOM   825  C CA  . HIS B 1 35 ? -36.870 -2.856  -15.545 1.00 28.43 ? 35  HIS B CA  1 
ATOM   826  C C   . HIS B 1 35 ? -35.407 -3.222  -15.439 1.00 28.63 ? 35  HIS B C   1 
ATOM   827  O O   . HIS B 1 35 ? -34.593 -2.825  -16.280 1.00 29.49 ? 35  HIS B O   1 
ATOM   828  C CB  . HIS B 1 35 ? -36.988 -1.444  -14.947 1.00 27.34 ? 35  HIS B CB  1 
ATOM   829  C CG  . HIS B 1 35 ? -38.361 -0.852  -15.040 1.00 27.59 ? 35  HIS B CG  1 
ATOM   830  N ND1 . HIS B 1 35 ? -38.827 0.078   -14.142 1.00 25.15 ? 35  HIS B ND1 1 
ATOM   831  C CD2 . HIS B 1 35 ? -39.360 -1.046  -15.932 1.00 27.75 ? 35  HIS B CD2 1 
ATOM   832  C CE1 . HIS B 1 35 ? -40.056 0.435   -14.476 1.00 27.88 ? 35  HIS B CE1 1 
ATOM   833  N NE2 . HIS B 1 35 ? -40.402 -0.233  -15.561 1.00 28.08 ? 35  HIS B NE2 1 
ATOM   834  N N   . LEU B 1 36 ? -35.050 -3.955  -14.394 1.00 28.51 ? 36  LEU B N   1 
ATOM   835  C CA  . LEU B 1 36 ? -33.649 -4.265  -14.176 1.00 27.36 ? 36  LEU B CA  1 
ATOM   836  C C   . LEU B 1 36 ? -32.881 -4.886  -15.346 1.00 29.39 ? 36  LEU B C   1 
ATOM   837  O O   . LEU B 1 36 ? -31.821 -4.388  -15.698 1.00 28.86 ? 36  LEU B O   1 
ATOM   838  C CB  . LEU B 1 36 ? -33.505 -5.112  -12.925 1.00 25.39 ? 36  LEU B CB  1 
ATOM   839  C CG  . LEU B 1 36 ? -34.011 -4.427  -11.634 1.00 24.89 ? 36  LEU B CG  1 
ATOM   840  C CD1 . LEU B 1 36 ? -34.006 -5.468  -10.502 1.00 25.86 ? 36  LEU B CD1 1 
ATOM   841  C CD2 . LEU B 1 36 ? -33.127 -3.219  -11.283 1.00 24.20 ? 36  LEU B CD2 1 
ATOM   842  N N   . PRO B 1 37 ? -33.404 -5.955  -15.974 1.00 31.21 ? 37  PRO B N   1 
ATOM   843  C CA  . PRO B 1 37 ? -32.650 -6.540  -17.097 1.00 34.89 ? 37  PRO B CA  1 
ATOM   844  C C   . PRO B 1 37 ? -32.373 -5.561  -18.247 1.00 35.85 ? 37  PRO B C   1 
ATOM   845  O O   . PRO B 1 37 ? -31.360 -5.681  -18.938 1.00 37.70 ? 37  PRO B O   1 
ATOM   846  C CB  . PRO B 1 37 ? -33.536 -7.707  -17.552 1.00 35.50 ? 37  PRO B CB  1 
ATOM   847  C CG  . PRO B 1 37 ? -34.281 -8.091  -16.299 1.00 36.10 ? 37  PRO B CG  1 
ATOM   848  C CD  . PRO B 1 37 ? -34.636 -6.719  -15.719 1.00 33.87 ? 37  PRO B CD  1 
ATOM   849  N N   . ALA B 1 38 ? -33.239 -4.566  -18.418 1.00 36.25 ? 38  ALA B N   1 
ATOM   850  C CA  . ALA B 1 38 ? -33.101 -3.601  -19.515 1.00 35.89 ? 38  ALA B CA  1 
ATOM   851  C C   . ALA B 1 38 ? -32.263 -2.371  -19.231 1.00 35.44 ? 38  ALA B C   1 
ATOM   852  O O   . ALA B 1 38 ? -31.910 -1.638  -20.155 1.00 34.19 ? 38  ALA B O   1 
ATOM   853  C CB  . ALA B 1 38 ? -34.499 -3.164  -20.003 1.00 37.72 ? 38  ALA B CB  1 
ATOM   854  N N   . LEU B 1 39 ? -31.934 -2.123  -17.968 1.00 33.41 ? 39  LEU B N   1 
ATOM   855  C CA  . LEU B 1 39 ? -31.141 -0.948  -17.665 1.00 31.62 ? 39  LEU B CA  1 
ATOM   856  C C   . LEU B 1 39 ? -29.757 -1.071  -18.275 1.00 31.44 ? 39  LEU B C   1 
ATOM   857  O O   . LEU B 1 39 ? -29.129 -2.132  -18.236 1.00 30.34 ? 39  LEU B O   1 
ATOM   858  C CB  . LEU B 1 39 ? -31.024 -0.735  -16.152 1.00 29.68 ? 39  LEU B CB  1 
ATOM   859  C CG  . LEU B 1 39 ? -32.380 -0.544  -15.443 1.00 29.22 ? 39  LEU B CG  1 
ATOM   860  C CD1 . LEU B 1 39 ? -32.167 -0.596  -13.926 1.00 26.43 ? 39  LEU B CD1 1 
ATOM   861  C CD2 . LEU B 1 39 ? -33.020 0.790   -15.865 1.00 28.83 ? 39  LEU B CD2 1 
ATOM   862  N N   . THR B 1 40 ? -29.292 0.032   -18.836 1.00 30.43 ? 40  THR B N   1 
ATOM   863  C CA  . THR B 1 40 ? -27.980 0.074   -19.468 1.00 31.25 ? 40  THR B CA  1 
ATOM   864  C C   . THR B 1 40 ? -27.012 0.766   -18.523 1.00 31.50 ? 40  THR B C   1 
ATOM   865  O O   . THR B 1 40 ? -27.397 1.259   -17.459 1.00 30.57 ? 40  THR B O   1 
ATOM   866  C CB  . THR B 1 40 ? -28.020 0.912   -20.764 1.00 31.01 ? 40  THR B CB  1 
ATOM   867  O OG1 . THR B 1 40 ? -28.216 2.281   -20.406 1.00 29.24 ? 40  THR B OG1 1 
ATOM   868  C CG2 . THR B 1 40 ? -29.195 0.486   -21.671 1.00 29.51 ? 40  THR B CG2 1 
ATOM   869  N N   . LYS B 1 41 ? -25.752 0.835   -18.932 1.00 31.99 ? 41  LYS B N   1 
ATOM   870  C CA  . LYS B 1 41 ? -24.744 1.495   -18.132 1.00 33.88 ? 41  LYS B CA  1 
ATOM   871  C C   . LYS B 1 41 ? -25.146 2.942   -17.864 1.00 32.79 ? 41  LYS B C   1 
ATOM   872  O O   . LYS B 1 41 ? -25.055 3.424   -16.723 1.00 31.14 ? 41  LYS B O   1 
ATOM   873  C CB  . LYS B 1 41 ? -23.389 1.449   -18.858 1.00 36.73 ? 41  LYS B CB  1 
ATOM   874  C CG  . LYS B 1 41 ? -22.283 2.200   -18.143 1.00 40.46 ? 41  LYS B CG  1 
ATOM   875  C CD  . LYS B 1 41 ? -20.959 2.107   -18.921 1.00 44.78 ? 41  LYS B CD  1 
ATOM   876  C CE  . LYS B 1 41 ? -19.846 2.925   -18.249 1.00 47.52 ? 41  LYS B CE  1 
ATOM   877  N NZ  . LYS B 1 41 ? -20.076 4.412   -18.272 1.00 49.36 ? 41  LYS B NZ  1 
ATOM   878  N N   . GLU B 1 42 ? -25.598 3.644   -18.907 1.00 32.86 ? 42  GLU B N   1 
ATOM   879  C CA  . GLU B 1 42 ? -25.999 5.036   -18.738 1.00 32.16 ? 42  GLU B CA  1 
ATOM   880  C C   . GLU B 1 42 ? -27.182 5.182   -17.775 1.00 29.71 ? 42  GLU B C   1 
ATOM   881  O O   . GLU B 1 42 ? -27.263 6.160   -17.049 1.00 28.83 ? 42  GLU B O   1 
ATOM   882  C CB  . GLU B 1 42 ? -26.357 5.696   -20.082 1.00 37.51 ? 42  GLU B CB  1 
ATOM   883  C CG  . GLU B 1 42 ? -26.486 4.746   -21.285 1.00 42.34 ? 42  GLU B CG  1 
ATOM   884  C CD  . GLU B 1 42 ? -25.173 4.075   -21.642 1.00 42.97 ? 42  GLU B CD  1 
ATOM   885  O OE1 . GLU B 1 42 ? -24.150 4.795   -21.756 1.00 46.48 ? 42  GLU B OE1 1 
ATOM   886  O OE2 . GLU B 1 42 ? -25.163 2.831   -21.814 1.00 43.58 ? 42  GLU B OE2 1 
ATOM   887  N N   . ASP B 1 43 ? -28.107 4.232   -17.790 1.00 29.27 ? 43  ASP B N   1 
ATOM   888  C CA  . ASP B 1 43 ? -29.250 4.286   -16.847 1.00 29.00 ? 43  ASP B CA  1 
ATOM   889  C C   . ASP B 1 43 ? -28.703 4.182   -15.398 1.00 28.65 ? 43  ASP B C   1 
ATOM   890  O O   . ASP B 1 43 ? -29.046 4.987   -14.525 1.00 28.77 ? 43  ASP B O   1 
ATOM   891  C CB  . ASP B 1 43 ? -30.236 3.123   -17.087 1.00 27.48 ? 43  ASP B CB  1 
ATOM   892  C CG  . ASP B 1 43 ? -30.964 3.209   -18.447 1.00 30.14 ? 43  ASP B CG  1 
ATOM   893  O OD1 . ASP B 1 43 ? -31.191 4.329   -18.940 1.00 31.56 ? 43  ASP B OD1 1 
ATOM   894  O OD2 . ASP B 1 43 ? -31.327 2.157   -19.013 1.00 30.32 ? 43  ASP B OD2 1 
ATOM   895  N N   . PHE B 1 44 ? -27.845 3.196   -15.150 1.00 26.97 ? 44  PHE B N   1 
ATOM   896  C CA  . PHE B 1 44 ? -27.285 3.029   -13.800 1.00 28.60 ? 44  PHE B CA  1 
ATOM   897  C C   . PHE B 1 44 ? -26.548 4.270   -13.359 1.00 27.80 ? 44  PHE B C   1 
ATOM   898  O O   . PHE B 1 44 ? -26.648 4.684   -12.205 1.00 27.69 ? 44  PHE B O   1 
ATOM   899  C CB  . PHE B 1 44 ? -26.360 1.804   -13.730 1.00 27.48 ? 44  PHE B CB  1 
ATOM   900  C CG  . PHE B 1 44 ? -27.092 0.493   -13.771 1.00 28.30 ? 44  PHE B CG  1 
ATOM   901  C CD1 . PHE B 1 44 ? -28.015 0.165   -12.779 1.00 27.49 ? 44  PHE B CD1 1 
ATOM   902  C CD2 . PHE B 1 44 ? -26.874 -0.412  -14.811 1.00 27.94 ? 44  PHE B CD2 1 
ATOM   903  C CE1 . PHE B 1 44 ? -28.711 -1.043  -12.828 1.00 29.44 ? 44  PHE B CE1 1 
ATOM   904  C CE2 . PHE B 1 44 ? -27.561 -1.614  -14.869 1.00 26.87 ? 44  PHE B CE2 1 
ATOM   905  C CZ  . PHE B 1 44 ? -28.488 -1.939  -13.880 1.00 28.49 ? 44  PHE B CZ  1 
ATOM   906  N N   . VAL B 1 45 ? -25.807 4.885   -14.273 1.00 30.11 ? 45  VAL B N   1 
ATOM   907  C CA  . VAL B 1 45 ? -25.101 6.100   -13.915 1.00 30.53 ? 45  VAL B CA  1 
ATOM   908  C C   . VAL B 1 45 ? -26.107 7.135   -13.460 1.00 31.95 ? 45  VAL B C   1 
ATOM   909  O O   . VAL B 1 45 ? -25.918 7.790   -12.438 1.00 34.09 ? 45  VAL B O   1 
ATOM   910  C CB  . VAL B 1 45 ? -24.277 6.674   -15.108 1.00 31.38 ? 45  VAL B CB  1 
ATOM   911  C CG1 . VAL B 1 45 ? -23.768 8.065   -14.767 1.00 32.05 ? 45  VAL B CG1 1 
ATOM   912  C CG2 . VAL B 1 45 ? -23.076 5.771   -15.406 1.00 32.13 ? 45  VAL B CG2 1 
ATOM   913  N N   . GLU B 1 46 ? -27.194 7.287   -14.209 1.00 33.12 ? 46  GLU B N   1 
ATOM   914  C CA  . GLU B 1 46 ? -28.191 8.277   -13.828 1.00 33.19 ? 46  GLU B CA  1 
ATOM   915  C C   . GLU B 1 46 ? -28.808 7.941   -12.465 1.00 33.35 ? 46  GLU B C   1 
ATOM   916  O O   . GLU B 1 46 ? -29.241 8.836   -11.728 1.00 33.78 ? 46  GLU B O   1 
ATOM   917  C CB  . GLU B 1 46 ? -29.285 8.347   -14.889 1.00 34.06 ? 46  GLU B CB  1 
ATOM   918  C CG  . GLU B 1 46 ? -30.151 9.563   -14.728 1.00 38.46 ? 46  GLU B CG  1 
ATOM   919  C CD  . GLU B 1 46 ? -31.192 9.703   -15.814 1.00 41.00 ? 46  GLU B CD  1 
ATOM   920  O OE1 . GLU B 1 46 ? -31.140 8.953   -16.826 1.00 42.59 ? 46  GLU B OE1 1 
ATOM   921  O OE2 . GLU B 1 46 ? -32.059 10.584  -15.647 1.00 43.49 ? 46  GLU B OE2 1 
ATOM   922  N N   . LEU B 1 47 ? -28.842 6.648   -12.145 1.00 30.64 ? 47  LEU B N   1 
ATOM   923  C CA  . LEU B 1 47 ? -29.408 6.183   -10.887 1.00 30.33 ? 47  LEU B CA  1 
ATOM   924  C C   . LEU B 1 47 ? -28.388 6.319   -9.758  1.00 30.34 ? 47  LEU B C   1 
ATOM   925  O O   . LEU B 1 47 ? -28.659 5.961   -8.622  1.00 30.72 ? 47  LEU B O   1 
ATOM   926  C CB  . LEU B 1 47 ? -29.893 4.729   -11.038 1.00 28.16 ? 47  LEU B CB  1 
ATOM   927  C CG  . LEU B 1 47 ? -31.092 4.537   -11.997 1.00 24.19 ? 47  LEU B CG  1 
ATOM   928  C CD1 . LEU B 1 47 ? -31.405 3.080   -12.149 1.00 24.02 ? 47  LEU B CD1 1 
ATOM   929  C CD2 . LEU B 1 47 ? -32.294 5.278   -11.488 1.00 24.76 ? 47  LEU B CD2 1 
ATOM   930  N N   . GLY B 1 48 ? -27.211 6.844   -10.079 1.00 30.03 ? 48  GLY B N   1 
ATOM   931  C CA  . GLY B 1 48 ? -26.205 7.045   -9.047  1.00 29.05 ? 48  GLY B CA  1 
ATOM   932  C C   . GLY B 1 48 ? -25.205 5.923   -8.872  1.00 28.51 ? 48  GLY B C   1 
ATOM   933  O O   . GLY B 1 48 ? -24.326 6.004   -8.011  1.00 29.14 ? 48  GLY B O   1 
ATOM   934  N N   . VAL B 1 49 ? -25.337 4.861   -9.659  1.00 28.15 ? 49  VAL B N   1 
ATOM   935  C CA  . VAL B 1 49 ? -24.392 3.749   -9.563  1.00 27.65 ? 49  VAL B CA  1 
ATOM   936  C C   . VAL B 1 49 ? -23.186 4.125   -10.417 1.00 28.07 ? 49  VAL B C   1 
ATOM   937  O O   . VAL B 1 49 ? -23.054 3.700   -11.567 1.00 29.81 ? 49  VAL B O   1 
ATOM   938  C CB  . VAL B 1 49 ? -24.997 2.423   -10.077 1.00 25.74 ? 49  VAL B CB  1 
ATOM   939  C CG1 . VAL B 1 49 ? -24.054 1.263   -9.703  1.00 22.86 ? 49  VAL B CG1 1 
ATOM   940  C CG2 . VAL B 1 49 ? -26.399 2.195   -9.452  1.00 24.71 ? 49  VAL B CG2 1 
ATOM   941  N N   . THR B 1 50 ? -22.323 4.949   -9.847  1.00 27.02 ? 50  THR B N   1 
ATOM   942  C CA  . THR B 1 50 ? -21.134 5.434   -10.543 1.00 30.13 ? 50  THR B CA  1 
ATOM   943  C C   . THR B 1 50 ? -19.897 4.561   -10.363 1.00 29.82 ? 50  THR B C   1 
ATOM   944  O O   . THR B 1 50 ? -18.878 4.797   -11.014 1.00 30.27 ? 50  THR B O   1 
ATOM   945  C CB  . THR B 1 50 ? -20.785 6.843   -10.070 1.00 30.28 ? 50  THR B CB  1 
ATOM   946  O OG1 . THR B 1 50 ? -20.735 6.846   -8.643  1.00 32.52 ? 50  THR B OG1 1 
ATOM   947  C CG2 . THR B 1 50 ? -21.842 7.846   -10.532 1.00 31.69 ? 50  THR B CG2 1 
ATOM   948  N N   . ARG B 1 51 ? -19.974 3.563   -9.488  1.00 27.29 ? 51  ARG B N   1 
ATOM   949  C CA  . ARG B 1 51 ? -18.836 2.685   -9.274  1.00 26.81 ? 51  ARG B CA  1 
ATOM   950  C C   . ARG B 1 51 ? -18.971 1.446   -10.149 1.00 26.08 ? 51  ARG B C   1 
ATOM   951  O O   . ARG B 1 51 ? -19.999 0.732   -10.132 1.00 23.73 ? 51  ARG B O   1 
ATOM   952  C CB  . ARG B 1 51 ? -18.727 2.321   -7.789  1.00 28.58 ? 51  ARG B CB  1 
ATOM   953  C CG  . ARG B 1 51 ? -18.425 3.540   -6.920  1.00 32.66 ? 51  ARG B CG  1 
ATOM   954  C CD  . ARG B 1 51 ? -18.417 3.218   -5.435  1.00 38.66 ? 51  ARG B CD  1 
ATOM   955  N NE  . ARG B 1 51 ? -17.632 4.192   -4.677  1.00 44.47 ? 51  ARG B NE  1 
ATOM   956  C CZ  . ARG B 1 51 ? -17.839 5.506   -4.685  1.00 48.15 ? 51  ARG B CZ  1 
ATOM   957  N NH1 . ARG B 1 51 ? -17.060 6.306   -3.967  1.00 51.66 ? 51  ARG B NH1 1 
ATOM   958  N NH2 . ARG B 1 51 ? -18.829 6.030   -5.394  1.00 51.36 ? 51  ARG B NH2 1 
ATOM   959  N N   . VAL B 1 52 ? -17.927 1.191   -10.926 1.00 23.70 ? 52  VAL B N   1 
ATOM   960  C CA  . VAL B 1 52 ? -17.940 0.073   -11.835 1.00 23.05 ? 52  VAL B CA  1 
ATOM   961  C C   . VAL B 1 52 ? -18.236 -1.254  -11.148 1.00 21.84 ? 52  VAL B C   1 
ATOM   962  O O   . VAL B 1 52 ? -19.003 -2.059  -11.680 1.00 20.44 ? 52  VAL B O   1 
ATOM   963  C CB  . VAL B 1 52 ? -16.602 -0.041  -12.626 1.00 22.69 ? 52  VAL B CB  1 
ATOM   964  C CG1 . VAL B 1 52 ? -16.568 -1.355  -13.382 1.00 21.95 ? 52  VAL B CG1 1 
ATOM   965  C CG2 . VAL B 1 52 ? -16.472 1.130   -13.604 1.00 23.60 ? 52  VAL B CG2 1 
ATOM   966  N N   . GLY B 1 53 ? -17.636 -1.464  -9.981  1.00 19.93 ? 53  GLY B N   1 
ATOM   967  C CA  . GLY B 1 53 ? -17.824 -2.706  -9.244  1.00 20.88 ? 53  GLY B CA  1 
ATOM   968  C C   . GLY B 1 53 ? -19.267 -2.917  -8.803  1.00 21.67 ? 53  GLY B C   1 
ATOM   969  O O   . GLY B 1 53 ? -19.748 -4.054  -8.729  1.00 19.07 ? 53  GLY B O   1 
ATOM   970  N N   . HIS B 1 54 ? -19.949 -1.822  -8.487  1.00 22.08 ? 54  HIS B N   1 
ATOM   971  C CA  . HIS B 1 54 ? -21.353 -1.909  -8.072  1.00 24.26 ? 54  HIS B CA  1 
ATOM   972  C C   . HIS B 1 54 ? -22.193 -2.345  -9.258  1.00 24.64 ? 54  HIS B C   1 
ATOM   973  O O   . HIS B 1 54 ? -23.068 -3.214  -9.132  1.00 22.68 ? 54  HIS B O   1 
ATOM   974  C CB  . HIS B 1 54 ? -21.884 -0.554  -7.591  1.00 25.49 ? 54  HIS B CB  1 
ATOM   975  C CG  . HIS B 1 54 ? -21.387 -0.132  -6.244  1.00 25.94 ? 54  HIS B CG  1 
ATOM   976  N ND1 . HIS B 1 54 ? -21.795 1.043   -5.645  1.00 25.71 ? 54  HIS B ND1 1 
ATOM   977  C CD2 . HIS B 1 54 ? -20.510 -0.709  -5.387  1.00 27.35 ? 54  HIS B CD2 1 
ATOM   978  C CE1 . HIS B 1 54 ? -21.191 1.168   -4.475  1.00 29.40 ? 54  HIS B CE1 1 
ATOM   979  N NE2 . HIS B 1 54 ? -20.405 0.121   -4.295  1.00 29.13 ? 54  HIS B NE2 1 
ATOM   980  N N   . ARG B 1 55 ? -21.946 -1.738  -10.424 1.00 23.87 ? 55  ARG B N   1 
ATOM   981  C CA  . ARG B 1 55 ? -22.723 -2.117  -11.595 1.00 25.10 ? 55  ARG B CA  1 
ATOM   982  C C   . ARG B 1 55 ? -22.471 -3.578  -11.942 1.00 25.80 ? 55  ARG B C   1 
ATOM   983  O O   . ARG B 1 55 ? -23.391 -4.322  -12.327 1.00 25.07 ? 55  ARG B O   1 
ATOM   984  C CB  . ARG B 1 55 ? -22.394 -1.219  -12.793 1.00 26.51 ? 55  ARG B CB  1 
ATOM   985  C CG  . ARG B 1 55 ? -22.775 0.231   -12.575 1.00 29.27 ? 55  ARG B CG  1 
ATOM   986  C CD  . ARG B 1 55 ? -22.831 0.996   -13.892 1.00 30.91 ? 55  ARG B CD  1 
ATOM   987  N NE  . ARG B 1 55 ? -21.548 1.039   -14.583 1.00 31.64 ? 55  ARG B NE  1 
ATOM   988  C CZ  . ARG B 1 55 ? -20.674 2.034   -14.467 1.00 32.67 ? 55  ARG B CZ  1 
ATOM   989  N NH1 . ARG B 1 55 ? -20.950 3.066   -13.683 1.00 31.14 ? 55  ARG B NH1 1 
ATOM   990  N NH2 . ARG B 1 55 ? -19.540 2.008   -15.157 1.00 29.98 ? 55  ARG B NH2 1 
ATOM   991  N N   . GLU B 1 56 ? -21.229 -4.013  -11.786 1.00 24.91 ? 56  GLU B N   1 
ATOM   992  C CA  . GLU B 1 56 ? -20.898 -5.398  -12.098 1.00 26.19 ? 56  GLU B CA  1 
ATOM   993  C C   . GLU B 1 56 ? -21.597 -6.380  -11.160 1.00 26.22 ? 56  GLU B C   1 
ATOM   994  O O   . GLU B 1 56 ? -22.059 -7.441  -11.594 1.00 26.25 ? 56  GLU B O   1 
ATOM   995  C CB  . GLU B 1 56 ? -19.377 -5.613  -12.048 1.00 28.19 ? 56  GLU B CB  1 
ATOM   996  C CG  . GLU B 1 56 ? -18.936 -6.923  -12.630 1.00 36.04 ? 56  GLU B CG  1 
ATOM   997  C CD  . GLU B 1 56 ? -19.577 -7.208  -13.999 1.00 40.37 ? 56  GLU B CD  1 
ATOM   998  O OE1 . GLU B 1 56 ? -19.515 -6.331  -14.902 1.00 41.19 ? 56  GLU B OE1 1 
ATOM   999  O OE2 . GLU B 1 56 ? -20.144 -8.317  -14.149 1.00 42.41 ? 56  GLU B OE2 1 
ATOM   1000 N N   . ASN B 1 57 ? -21.669 -6.063  -9.872  1.00 24.12 ? 57  ASN B N   1 
ATOM   1001 C CA  . ASN B 1 57 ? -22.372 -6.989  -8.978  1.00 24.46 ? 57  ASN B CA  1 
ATOM   1002 C C   . ASN B 1 57 ? -23.875 -6.975  -9.260  1.00 23.98 ? 57  ASN B C   1 
ATOM   1003 O O   . ASN B 1 57 ? -24.532 -7.993  -9.085  1.00 24.00 ? 57  ASN B O   1 
ATOM   1004 C CB  . ASN B 1 57 ? -22.113 -6.666  -7.510  1.00 24.07 ? 57  ASN B CB  1 
ATOM   1005 C CG  . ASN B 1 57 ? -20.789 -7.233  -7.025  1.00 25.10 ? 57  ASN B CG  1 
ATOM   1006 O OD1 . ASN B 1 57 ? -20.226 -8.127  -7.650  1.00 27.60 ? 57  ASN B OD1 1 
ATOM   1007 N ND2 . ASN B 1 57 ? -20.298 -6.732  -5.902  1.00 26.35 ? 57  ASN B ND2 1 
ATOM   1008 N N   . ILE B 1 58 ? -24.422 -5.831  -9.678  1.00 22.54 ? 58  ILE B N   1 
ATOM   1009 C CA  . ILE B 1 58 ? -25.840 -5.798  -10.026 1.00 24.33 ? 58  ILE B CA  1 
ATOM   1010 C C   . ILE B 1 58 ? -26.067 -6.725  -11.226 1.00 25.40 ? 58  ILE B C   1 
ATOM   1011 O O   . ILE B 1 58 ? -26.990 -7.546  -11.233 1.00 25.40 ? 58  ILE B O   1 
ATOM   1012 C CB  . ILE B 1 58 ? -26.307 -4.389  -10.406 1.00 24.12 ? 58  ILE B CB  1 
ATOM   1013 C CG1 . ILE B 1 58 ? -26.412 -3.527  -9.143  1.00 23.72 ? 58  ILE B CG1 1 
ATOM   1014 C CG2 . ILE B 1 58 ? -27.632 -4.474  -11.165 1.00 25.81 ? 58  ILE B CG2 1 
ATOM   1015 C CD1 . ILE B 1 58 ? -26.654 -2.069  -9.423  1.00 25.66 ? 58  ILE B CD1 1 
ATOM   1016 N N   . GLU B 1 59 ? -25.231 -6.607  -12.249 1.00 26.00 ? 59  GLU B N   1 
ATOM   1017 C CA  . GLU B 1 59 ? -25.386 -7.474  -13.416 1.00 29.44 ? 59  GLU B CA  1 
ATOM   1018 C C   . GLU B 1 59 ? -25.252 -8.964  -13.018 1.00 29.43 ? 59  GLU B C   1 
ATOM   1019 O O   . GLU B 1 59 ? -26.071 -9.801  -13.419 1.00 28.71 ? 59  GLU B O   1 
ATOM   1020 C CB  . GLU B 1 59 ? -24.348 -7.106  -14.497 1.00 32.00 ? 59  GLU B CB  1 
ATOM   1021 C CG  . GLU B 1 59 ? -24.260 -8.081  -15.693 1.00 36.52 ? 59  GLU B CG  1 
ATOM   1022 C CD  . GLU B 1 59 ? -25.549 -8.193  -16.516 1.00 40.14 ? 59  GLU B CD  1 
ATOM   1023 O OE1 . GLU B 1 59 ? -26.427 -7.307  -16.409 1.00 41.96 ? 59  GLU B OE1 1 
ATOM   1024 O OE2 . GLU B 1 59 ? -25.676 -9.174  -17.293 1.00 42.94 ? 59  GLU B OE2 1 
ATOM   1025 N N   . ARG B 1 60 ? -24.232 -9.288  -12.225 1.00 28.60 ? 60  ARG B N   1 
ATOM   1026 C CA  . ARG B 1 60 ? -24.026 -10.662 -11.781 1.00 29.41 ? 60  ARG B CA  1 
ATOM   1027 C C   . ARG B 1 60 ? -25.251 -11.188 -11.021 1.00 28.85 ? 60  ARG B C   1 
ATOM   1028 O O   . ARG B 1 60 ? -25.684 -12.316 -11.246 1.00 29.33 ? 60  ARG B O   1 
ATOM   1029 C CB  . ARG B 1 60 ? -22.807 -10.749 -10.865 1.00 30.55 ? 60  ARG B CB  1 
ATOM   1030 C CG  . ARG B 1 60 ? -21.470 -10.696 -11.567 1.00 34.10 ? 60  ARG B CG  1 
ATOM   1031 C CD  . ARG B 1 60 ? -20.380 -10.545 -10.529 1.00 37.00 ? 60  ARG B CD  1 
ATOM   1032 N NE  . ARG B 1 60 ? -20.117 -11.789 -9.803  1.00 40.76 ? 60  ARG B NE  1 
ATOM   1033 C CZ  . ARG B 1 60 ? -19.523 -11.848 -8.614  1.00 41.71 ? 60  ARG B CZ  1 
ATOM   1034 N NH1 . ARG B 1 60 ? -19.139 -10.728 -8.008  1.00 41.09 ? 60  ARG B NH1 1 
ATOM   1035 N NH2 . ARG B 1 60 ? -19.306 -13.022 -8.032  1.00 41.78 ? 60  ARG B NH2 1 
ATOM   1036 N N   . ALA B 1 61 ? -25.792 -10.387 -10.106 1.00 26.88 ? 61  ALA B N   1 
ATOM   1037 C CA  . ALA B 1 61 ? -26.955 -10.819 -9.323  1.00 29.47 ? 61  ALA B CA  1 
ATOM   1038 C C   . ALA B 1 61 ? -28.164 -11.023 -10.238 1.00 32.25 ? 61  ALA B C   1 
ATOM   1039 O O   . ALA B 1 61 ? -28.921 -11.971 -10.071 1.00 32.49 ? 61  ALA B O   1 
ATOM   1040 C CB  . ALA B 1 61 ? -27.272 -9.810  -8.235  1.00 27.48 ? 61  ALA B CB  1 
ATOM   1041 N N   . LEU B 1 62 ? -28.343 -10.144 -11.215 1.00 34.65 ? 62  LEU B N   1 
ATOM   1042 C CA  . LEU B 1 62 ? -29.455 -10.290 -12.151 1.00 39.05 ? 62  LEU B CA  1 
ATOM   1043 C C   . LEU B 1 62 ? -29.404 -11.608 -12.903 1.00 42.51 ? 62  LEU B C   1 
ATOM   1044 O O   . LEU B 1 62 ? -30.397 -12.318 -12.974 1.00 42.17 ? 62  LEU B O   1 
ATOM   1045 C CB  . LEU B 1 62 ? -29.449 -9.165  -13.168 1.00 38.35 ? 62  LEU B CB  1 
ATOM   1046 C CG  . LEU B 1 62 ? -30.139 -7.926  -12.648 1.00 38.56 ? 62  LEU B CG  1 
ATOM   1047 C CD1 . LEU B 1 62 ? -30.044 -6.812  -13.702 1.00 37.76 ? 62  LEU B CD1 1 
ATOM   1048 C CD2 . LEU B 1 62 ? -31.590 -8.293  -12.316 1.00 37.92 ? 62  LEU B CD2 1 
ATOM   1049 N N   . ARG B 1 63 ? -28.244 -11.912 -13.477 1.00 45.43 ? 63  ARG B N   1 
ATOM   1050 C CA  . ARG B 1 63 ? -28.057 -13.150 -14.218 1.00 50.30 ? 63  ARG B CA  1 
ATOM   1051 C C   . ARG B 1 63 ? -28.547 -14.349 -13.416 1.00 52.64 ? 63  ARG B C   1 
ATOM   1052 O O   . ARG B 1 63 ? -29.144 -15.273 -13.960 1.00 52.88 ? 63  ARG B O   1 
ATOM   1053 C CB  . ARG B 1 63 ? -26.578 -13.328 -14.563 1.00 50.99 ? 63  ARG B CB  1 
ATOM   1054 C CG  . ARG B 1 63 ? -26.236 -12.978 -15.994 1.00 53.52 ? 63  ARG B CG  1 
ATOM   1055 C CD  . ARG B 1 63 ? -24.821 -12.436 -16.103 1.00 57.47 ? 63  ARG B CD  1 
ATOM   1056 N NE  . ARG B 1 63 ? -23.835 -13.196 -15.331 1.00 59.03 ? 63  ARG B NE  1 
ATOM   1057 C CZ  . ARG B 1 63 ? -22.582 -12.789 -15.128 1.00 59.58 ? 63  ARG B CZ  1 
ATOM   1058 N NH1 . ARG B 1 63 ? -22.177 -11.636 -15.643 1.00 59.83 ? 63  ARG B NH1 1 
ATOM   1059 N NH2 . ARG B 1 63 ? -21.738 -13.520 -14.400 1.00 60.22 ? 63  ARG B NH2 1 
ATOM   1060 N N   . GLN B 1 64 ? -28.299 -14.321 -12.115 1.00 55.57 ? 64  GLN B N   1 
ATOM   1061 C CA  . GLN B 1 64 ? -28.715 -15.404 -11.241 1.00 59.06 ? 64  GLN B CA  1 
ATOM   1062 C C   . GLN B 1 64 ? -30.209 -15.272 -10.908 1.00 60.82 ? 64  GLN B C   1 
ATOM   1063 O O   . GLN B 1 64 ? -30.676 -15.742 -9.869  1.00 62.35 ? 64  GLN B O   1 
ATOM   1064 C CB  . GLN B 1 64 ? -27.889 -15.370 -9.960  1.00 59.91 ? 64  GLN B CB  1 
ATOM   1065 C CG  . GLN B 1 64 ? -28.064 -16.581 -9.083  1.00 62.94 ? 64  GLN B CG  1 
ATOM   1066 C CD  . GLN B 1 64 ? -27.707 -16.306 -7.638  1.00 64.46 ? 64  GLN B CD  1 
ATOM   1067 O OE1 . GLN B 1 64 ? -28.484 -15.691 -6.901  1.00 65.35 ? 64  GLN B OE1 1 
ATOM   1068 N NE2 . GLN B 1 64 ? -26.523 -16.750 -7.226  1.00 64.92 ? 64  GLN B NE2 1 
ATOM   1069 N N   . LEU B 1 65 ? -30.955 -14.620 -11.789 1.00 61.68 ? 65  LEU B N   1 
ATOM   1070 C CA  . LEU B 1 65 ? -32.390 -14.442 -11.585 1.00 62.46 ? 65  LEU B CA  1 
ATOM   1071 C C   . LEU B 1 65 ? -33.100 -14.575 -12.924 1.00 62.77 ? 65  LEU B C   1 
ATOM   1072 O O   . LEU B 1 65 ? -32.406 -14.857 -13.924 1.00 61.88 ? 65  LEU B O   1 
ATOM   1073 C CB  . LEU B 1 65 ? -32.693 -13.062 -10.989 1.00 61.87 ? 65  LEU B CB  1 
ATOM   1074 C CG  . LEU B 1 65 ? -32.089 -12.647 -9.646  1.00 61.99 ? 65  LEU B CG  1 
ATOM   1075 C CD1 . LEU B 1 65 ? -32.532 -11.230 -9.331  1.00 60.78 ? 65  LEU B CD1 1 
ATOM   1076 C CD2 . LEU B 1 65 ? -32.529 -13.595 -8.544  1.00 62.34 ? 65  LEU B CD2 1 
ATOM   1077 N N   . LEU C 1 2  ? 2.422   -22.791 30.921  1.00 45.83 ? 2   LEU C N   1 
ATOM   1078 C CA  . LEU C 1 2  ? 3.100   -21.491 30.611  1.00 46.18 ? 2   LEU C CA  1 
ATOM   1079 C C   . LEU C 1 2  ? 2.109   -20.551 29.932  1.00 45.81 ? 2   LEU C C   1 
ATOM   1080 O O   . LEU C 1 2  ? 1.832   -19.448 30.428  1.00 45.50 ? 2   LEU C O   1 
ATOM   1081 C CB  . LEU C 1 2  ? 4.290   -21.724 29.676  1.00 48.19 ? 2   LEU C CB  1 
ATOM   1082 C CG  . LEU C 1 2  ? 5.576   -20.908 29.850  1.00 48.10 ? 2   LEU C CG  1 
ATOM   1083 C CD1 . LEU C 1 2  ? 6.213   -20.754 28.489  1.00 47.29 ? 2   LEU C CD1 1 
ATOM   1084 C CD2 . LEU C 1 2  ? 5.311   -19.545 30.463  1.00 48.45 ? 2   LEU C CD2 1 
ATOM   1085 N N   . GLN C 1 3  ? 1.568   -21.004 28.799  1.00 44.25 ? 3   GLN C N   1 
ATOM   1086 C CA  . GLN C 1 3  ? 0.592   -20.248 28.011  1.00 43.52 ? 3   GLN C CA  1 
ATOM   1087 C C   . GLN C 1 3  ? -0.595  -19.695 28.807  1.00 41.95 ? 3   GLN C C   1 
ATOM   1088 O O   . GLN C 1 3  ? -1.264  -18.754 28.360  1.00 42.14 ? 3   GLN C O   1 
ATOM   1089 C CB  . GLN C 1 3  ? 0.041   -21.125 26.890  1.00 46.84 ? 3   GLN C CB  1 
ATOM   1090 C CG  . GLN C 1 3  ? 1.061   -21.537 25.836  1.00 50.53 ? 3   GLN C CG  1 
ATOM   1091 C CD  . GLN C 1 3  ? 1.600   -20.353 25.041  1.00 51.90 ? 3   GLN C CD  1 
ATOM   1092 O OE1 . GLN C 1 3  ? 0.833   -19.581 24.454  1.00 52.51 ? 3   GLN C OE1 1 
ATOM   1093 N NE2 . GLN C 1 3  ? 2.925   -20.216 25.008  1.00 51.94 ? 3   GLN C NE2 1 
ATOM   1094 N N   . LEU C 1 4  ? -0.868  -20.288 29.966  1.00 38.49 ? 4   LEU C N   1 
ATOM   1095 C CA  . LEU C 1 4  ? -1.985  -19.846 30.803  1.00 37.68 ? 4   LEU C CA  1 
ATOM   1096 C C   . LEU C 1 4  ? -1.544  -19.071 32.057  1.00 36.23 ? 4   LEU C C   1 
ATOM   1097 O O   . LEU C 1 4  ? -2.374  -18.672 32.874  1.00 35.58 ? 4   LEU C O   1 
ATOM   1098 C CB  . LEU C 1 4  ? -2.852  -21.051 31.212  1.00 37.84 ? 4   LEU C CB  1 
ATOM   1099 C CG  . LEU C 1 4  ? -3.495  -21.849 30.063  1.00 40.38 ? 4   LEU C CG  1 
ATOM   1100 C CD1 . LEU C 1 4  ? -4.306  -23.024 30.611  1.00 40.83 ? 4   LEU C CD1 1 
ATOM   1101 C CD2 . LEU C 1 4  ? -4.395  -20.940 29.234  1.00 41.08 ? 4   LEU C CD2 1 
ATOM   1102 N N   . TRP C 1 5  ? -0.244  -18.848 32.210  1.00 33.62 ? 5   TRP C N   1 
ATOM   1103 C CA  . TRP C 1 5  ? 0.249   -18.099 33.367  1.00 32.27 ? 5   TRP C CA  1 
ATOM   1104 C C   . TRP C 1 5  ? -0.227  -16.651 33.349  1.00 30.76 ? 5   TRP C C   1 
ATOM   1105 O O   . TRP C 1 5  ? -0.119  -15.976 32.333  1.00 30.98 ? 5   TRP C O   1 
ATOM   1106 C CB  . TRP C 1 5  ? 1.763   -18.080 33.363  1.00 34.02 ? 5   TRP C CB  1 
ATOM   1107 C CG  . TRP C 1 5  ? 2.387   -19.339 33.782  1.00 36.46 ? 5   TRP C CG  1 
ATOM   1108 C CD1 . TRP C 1 5  ? 1.771   -20.545 33.990  1.00 38.16 ? 5   TRP C CD1 1 
ATOM   1109 C CD2 . TRP C 1 5  ? 3.768   -19.533 34.066  1.00 36.73 ? 5   TRP C CD2 1 
ATOM   1110 N NE1 . TRP C 1 5  ? 2.702   -21.482 34.392  1.00 40.11 ? 5   TRP C NE1 1 
ATOM   1111 C CE2 . TRP C 1 5  ? 3.934   -20.884 34.448  1.00 37.80 ? 5   TRP C CE2 1 
ATOM   1112 C CE3 . TRP C 1 5  ? 4.887   -18.695 34.040  1.00 35.54 ? 5   TRP C CE3 1 
ATOM   1113 C CZ2 . TRP C 1 5  ? 5.173   -21.413 34.798  1.00 38.06 ? 5   TRP C CZ2 1 
ATOM   1114 C CZ3 . TRP C 1 5  ? 6.121   -19.224 34.390  1.00 35.32 ? 5   TRP C CZ3 1 
ATOM   1115 C CH2 . TRP C 1 5  ? 6.252   -20.569 34.763  1.00 37.22 ? 5   TRP C CH2 1 
ATOM   1116 N N   . SER C 1 6  ? -0.731  -16.167 34.474  1.00 30.67 ? 6   SER C N   1 
ATOM   1117 C CA  . SER C 1 6  ? -1.159  -14.780 34.539  1.00 31.43 ? 6   SER C CA  1 
ATOM   1118 C C   . SER C 1 6  ? 0.108   -14.015 34.874  1.00 30.62 ? 6   SER C C   1 
ATOM   1119 O O   . SER C 1 6  ? 1.171   -14.617 35.024  1.00 31.02 ? 6   SER C O   1 
ATOM   1120 C CB  . SER C 1 6  ? -2.167  -14.586 35.665  1.00 30.70 ? 6   SER C CB  1 
ATOM   1121 O OG  . SER C 1 6  ? -1.499  -14.677 36.911  1.00 32.24 ? 6   SER C OG  1 
ATOM   1122 N N   . LYS C 1 7  ? 0.007   -12.699 35.004  1.00 28.57 ? 7   LYS C N   1 
ATOM   1123 C CA  . LYS C 1 7  ? 1.190   -11.928 35.350  1.00 29.48 ? 7   LYS C CA  1 
ATOM   1124 C C   . LYS C 1 7  ? 1.659   -12.250 36.770  1.00 28.68 ? 7   LYS C C   1 
ATOM   1125 O O   . LYS C 1 7  ? 2.833   -12.059 37.076  1.00 27.17 ? 7   LYS C O   1 
ATOM   1126 C CB  . LYS C 1 7  ? 0.917   -10.426 35.224  1.00 29.66 ? 7   LYS C CB  1 
ATOM   1127 C CG  . LYS C 1 7  ? -0.241  -9.942  36.086  1.00 30.51 ? 7   LYS C CG  1 
ATOM   1128 C CD  . LYS C 1 7  ? -0.498  -8.462  35.891  1.00 32.76 ? 7   LYS C CD  1 
ATOM   1129 C CE  . LYS C 1 7  ? -1.622  -7.980  36.803  1.00 35.23 ? 7   LYS C CE  1 
ATOM   1130 N NZ  . LYS C 1 7  ? -1.962  -6.558  36.499  1.00 33.77 ? 7   LYS C NZ  1 
ATOM   1131 N N   . PHE C 1 8  ? 0.756   -12.724 37.637  1.00 28.01 ? 8   PHE C N   1 
ATOM   1132 C CA  . PHE C 1 8  ? 1.121   -13.051 39.026  1.00 28.33 ? 8   PHE C CA  1 
ATOM   1133 C C   . PHE C 1 8  ? 1.878   -14.355 39.071  1.00 29.12 ? 8   PHE C C   1 
ATOM   1134 O O   . PHE C 1 8  ? 2.748   -14.535 39.916  1.00 31.96 ? 8   PHE C O   1 
ATOM   1135 C CB  . PHE C 1 8  ? -0.133  -13.158 39.922  1.00 31.40 ? 8   PHE C CB  1 
ATOM   1136 C CG  . PHE C 1 8  ? -0.980  -11.924 39.899  1.00 32.20 ? 8   PHE C CG  1 
ATOM   1137 C CD1 . PHE C 1 8  ? -0.535  -10.760 40.513  1.00 33.44 ? 8   PHE C CD1 1 
ATOM   1138 C CD2 . PHE C 1 8  ? -2.165  -11.892 39.173  1.00 32.41 ? 8   PHE C CD2 1 
ATOM   1139 C CE1 . PHE C 1 8  ? -1.249  -9.570  40.401  1.00 33.06 ? 8   PHE C CE1 1 
ATOM   1140 C CE2 . PHE C 1 8  ? -2.891  -10.711 39.050  1.00 35.08 ? 8   PHE C CE2 1 
ATOM   1141 C CZ  . PHE C 1 8  ? -2.421  -9.538  39.670  1.00 34.97 ? 8   PHE C CZ  1 
ATOM   1142 N N   . ASP C 1 9  ? 1.518   -15.276 38.176  1.00 28.78 ? 9   ASP C N   1 
ATOM   1143 C CA  . ASP C 1 9  ? 2.199   -16.560 38.068  1.00 28.57 ? 9   ASP C CA  1 
ATOM   1144 C C   . ASP C 1 9  ? 3.612   -16.261 37.572  1.00 27.88 ? 9   ASP C C   1 
ATOM   1145 O O   . ASP C 1 9  ? 4.578   -16.899 37.993  1.00 26.61 ? 9   ASP C O   1 
ATOM   1146 C CB  . ASP C 1 9  ? 1.509   -17.471 37.046  1.00 29.87 ? 9   ASP C CB  1 
ATOM   1147 C CG  . ASP C 1 9  ? 0.108   -17.916 37.489  1.00 32.33 ? 9   ASP C CG  1 
ATOM   1148 O OD1 . ASP C 1 9  ? -0.079  -18.210 38.683  1.00 33.46 ? 9   ASP C OD1 1 
ATOM   1149 O OD2 . ASP C 1 9  ? -0.795  -17.988 36.629  1.00 34.09 ? 9   ASP C OD2 1 
ATOM   1150 N N   . VAL C 1 10 ? 3.735   -15.313 36.648  1.00 25.64 ? 10  VAL C N   1 
ATOM   1151 C CA  . VAL C 1 10 ? 5.072   -14.957 36.160  1.00 25.82 ? 10  VAL C CA  1 
ATOM   1152 C C   . VAL C 1 10 ? 5.918   -14.446 37.322  1.00 25.79 ? 10  VAL C C   1 
ATOM   1153 O O   . VAL C 1 10 ? 7.068   -14.872 37.487  1.00 27.10 ? 10  VAL C O   1 
ATOM   1154 C CB  . VAL C 1 10 ? 5.006   -13.882 35.060  1.00 24.87 ? 10  VAL C CB  1 
ATOM   1155 C CG1 . VAL C 1 10 ? 6.407   -13.292 34.806  1.00 22.27 ? 10  VAL C CG1 1 
ATOM   1156 C CG2 . VAL C 1 10 ? 4.466   -14.513 33.770  1.00 24.88 ? 10  VAL C CG2 1 
ATOM   1157 N N   . GLY C 1 11 ? 5.346   -13.542 38.127  1.00 25.05 ? 11  GLY C N   1 
ATOM   1158 C CA  . GLY C 1 11 ? 6.053   -13.010 39.277  1.00 26.59 ? 11  GLY C CA  1 
ATOM   1159 C C   . GLY C 1 11 ? 6.502   -14.096 40.248  1.00 27.56 ? 11  GLY C C   1 
ATOM   1160 O O   . GLY C 1 11 ? 7.645   -14.111 40.687  1.00 28.39 ? 11  GLY C O   1 
ATOM   1161 N N   . ASP C 1 12 ? 5.607   -15.014 40.590  1.00 28.49 ? 12  ASP C N   1 
ATOM   1162 C CA  . ASP C 1 12 ? 5.969   -16.084 41.519  1.00 30.34 ? 12  ASP C CA  1 
ATOM   1163 C C   . ASP C 1 12 ? 7.101   -16.933 40.953  1.00 29.82 ? 12  ASP C C   1 
ATOM   1164 O O   . ASP C 1 12 ? 7.972   -17.392 41.694  1.00 28.67 ? 12  ASP C O   1 
ATOM   1165 C CB  . ASP C 1 12 ? 4.762   -16.975 41.825  1.00 32.37 ? 12  ASP C CB  1 
ATOM   1166 C CG  . ASP C 1 12 ? 3.626   -16.217 42.543  1.00 34.53 ? 12  ASP C CG  1 
ATOM   1167 O OD1 . ASP C 1 12 ? 3.898   -15.321 43.373  1.00 34.73 ? 12  ASP C OD1 1 
ATOM   1168 O OD2 . ASP C 1 12 ? 2.449   -16.536 42.280  1.00 39.75 ? 12  ASP C OD2 1 
ATOM   1169 N N   . TRP C 1 13 ? 7.083   -17.141 39.635  1.00 29.08 ? 13  TRP C N   1 
ATOM   1170 C CA  . TRP C 1 13 ? 8.119   -17.917 38.973  1.00 27.65 ? 13  TRP C CA  1 
ATOM   1171 C C   . TRP C 1 13 ? 9.471   -17.169 39.040  1.00 28.06 ? 13  TRP C C   1 
ATOM   1172 O O   . TRP C 1 13 ? 10.514  -17.799 39.271  1.00 28.17 ? 13  TRP C O   1 
ATOM   1173 C CB  . TRP C 1 13 ? 7.712   -18.187 37.532  1.00 26.66 ? 13  TRP C CB  1 
ATOM   1174 C CG  . TRP C 1 13 ? 8.776   -18.792 36.692  1.00 27.69 ? 13  TRP C CG  1 
ATOM   1175 C CD1 . TRP C 1 13 ? 9.224   -20.081 36.713  1.00 29.47 ? 13  TRP C CD1 1 
ATOM   1176 C CD2 . TRP C 1 13 ? 9.511   -18.128 35.675  1.00 28.02 ? 13  TRP C CD2 1 
ATOM   1177 N NE1 . TRP C 1 13 ? 10.198  -20.262 35.752  1.00 29.26 ? 13  TRP C NE1 1 
ATOM   1178 C CE2 . TRP C 1 13 ? 10.393  -19.073 35.102  1.00 28.25 ? 13  TRP C CE2 1 
ATOM   1179 C CE3 . TRP C 1 13 ? 9.512   -16.818 35.187  1.00 27.66 ? 13  TRP C CE3 1 
ATOM   1180 C CZ2 . TRP C 1 13 ? 11.266  -18.747 34.070  1.00 28.66 ? 13  TRP C CZ2 1 
ATOM   1181 C CZ3 . TRP C 1 13 ? 10.380  -16.499 34.156  1.00 29.67 ? 13  TRP C CZ3 1 
ATOM   1182 C CH2 . TRP C 1 13 ? 11.244  -17.458 33.612  1.00 28.74 ? 13  TRP C CH2 1 
ATOM   1183 N N   . LEU C 1 14 ? 9.470   -15.846 38.843  1.00 25.02 ? 14  LEU C N   1 
ATOM   1184 C CA  . LEU C 1 14 ? 10.726  -15.090 38.948  1.00 26.64 ? 14  LEU C CA  1 
ATOM   1185 C C   . LEU C 1 14 ? 11.294  -15.270 40.373  1.00 28.20 ? 14  LEU C C   1 
ATOM   1186 O O   . LEU C 1 14 ? 12.506  -15.407 40.570  1.00 27.96 ? 14  LEU C O   1 
ATOM   1187 C CB  . LEU C 1 14 ? 10.492  -13.600 38.663  1.00 23.38 ? 14  LEU C CB  1 
ATOM   1188 C CG  . LEU C 1 14 ? 10.226  -13.288 37.181  1.00 24.16 ? 14  LEU C CG  1 
ATOM   1189 C CD1 . LEU C 1 14 ? 9.665   -11.899 37.067  1.00 24.39 ? 14  LEU C CD1 1 
ATOM   1190 C CD2 . LEU C 1 14 ? 11.518  -13.404 36.382  1.00 24.28 ? 14  LEU C CD2 1 
ATOM   1191 N N   . GLU C 1 15 ? 10.410  -15.230 41.365  1.00 30.40 ? 15  GLU C N   1 
ATOM   1192 C CA  . GLU C 1 15 ? 10.825  -15.437 42.757  1.00 32.92 ? 15  GLU C CA  1 
ATOM   1193 C C   . GLU C 1 15 ? 11.433  -16.822 42.914  1.00 32.95 ? 15  GLU C C   1 
ATOM   1194 O O   . GLU C 1 15 ? 12.454  -16.983 43.561  1.00 33.48 ? 15  GLU C O   1 
ATOM   1195 C CB  . GLU C 1 15 ? 9.634   -15.367 43.706  1.00 33.99 ? 15  GLU C CB  1 
ATOM   1196 C CG  . GLU C 1 15 ? 9.183   -14.002 44.084  1.00 38.60 ? 15  GLU C CG  1 
ATOM   1197 C CD  . GLU C 1 15 ? 8.244   -14.042 45.280  1.00 40.63 ? 15  GLU C CD  1 
ATOM   1198 O OE1 . GLU C 1 15 ? 8.637   -14.624 46.317  1.00 44.62 ? 15  GLU C OE1 1 
ATOM   1199 O OE2 . GLU C 1 15 ? 7.125   -13.492 45.184  1.00 41.49 ? 15  GLU C OE2 1 
ATOM   1200 N N   . SER C 1 16 ? 10.788  -17.827 42.333  1.00 34.75 ? 16  SER C N   1 
ATOM   1201 C CA  . SER C 1 16 ? 11.279  -19.198 42.433  1.00 35.55 ? 16  SER C CA  1 
ATOM   1202 C C   . SER C 1 16 ? 12.679  -19.351 41.857  1.00 36.05 ? 16  SER C C   1 
ATOM   1203 O O   . SER C 1 16 ? 13.412  -20.234 42.272  1.00 37.41 ? 16  SER C O   1 
ATOM   1204 C CB  . SER C 1 16 ? 10.334  -20.175 41.726  1.00 36.36 ? 16  SER C CB  1 
ATOM   1205 O OG  . SER C 1 16 ? 10.434  -20.060 40.314  1.00 37.07 ? 16  SER C OG  1 
ATOM   1206 N N   . ILE C 1 17 ? 13.065  -18.515 40.897  1.00 34.42 ? 17  ILE C N   1 
ATOM   1207 C CA  . ILE C 1 17 ? 14.412  -18.636 40.364  1.00 33.96 ? 17  ILE C CA  1 
ATOM   1208 C C   . ILE C 1 17 ? 15.298  -17.525 40.901  1.00 33.73 ? 17  ILE C C   1 
ATOM   1209 O O   . ILE C 1 17 ? 16.281  -17.130 40.283  1.00 34.19 ? 17  ILE C O   1 
ATOM   1210 C CB  . ILE C 1 17 ? 14.425  -18.679 38.814  1.00 33.45 ? 17  ILE C CB  1 
ATOM   1211 C CG1 . ILE C 1 17 ? 13.821  -17.412 38.212  1.00 31.30 ? 17  ILE C CG1 1 
ATOM   1212 C CG2 . ILE C 1 17 ? 13.595  -19.873 38.342  1.00 33.59 ? 17  ILE C CG2 1 
ATOM   1213 C CD1 . ILE C 1 17 ? 14.024  -17.349 36.708  1.00 32.22 ? 17  ILE C CD1 1 
ATOM   1214 N N   . HIS C 1 18 ? 14.928  -17.037 42.081  1.00 34.32 ? 18  HIS C N   1 
ATOM   1215 C CA  . HIS C 1 18 ? 15.665  -15.990 42.785  1.00 34.43 ? 18  HIS C CA  1 
ATOM   1216 C C   . HIS C 1 18 ? 15.833  -14.672 42.049  1.00 33.17 ? 18  HIS C C   1 
ATOM   1217 O O   . HIS C 1 18 ? 16.853  -13.991 42.197  1.00 32.04 ? 18  HIS C O   1 
ATOM   1218 C CB  . HIS C 1 18 ? 17.030  -16.527 43.206  1.00 38.97 ? 18  HIS C CB  1 
ATOM   1219 C CG  . HIS C 1 18 ? 16.952  -17.877 43.844  1.00 43.50 ? 18  HIS C CG  1 
ATOM   1220 N ND1 . HIS C 1 18 ? 17.228  -19.042 43.156  1.00 46.90 ? 18  HIS C ND1 1 
ATOM   1221 C CD2 . HIS C 1 18 ? 16.528  -18.259 45.074  1.00 45.03 ? 18  HIS C CD2 1 
ATOM   1222 C CE1 . HIS C 1 18 ? 16.972  -20.081 43.932  1.00 46.89 ? 18  HIS C CE1 1 
ATOM   1223 N NE2 . HIS C 1 18 ? 16.544  -19.634 45.100  1.00 47.13 ? 18  HIS C NE2 1 
ATOM   1224 N N   . LEU C 1 19 ? 14.823  -14.302 41.270  1.00 29.64 ? 19  LEU C N   1 
ATOM   1225 C CA  . LEU C 1 19 ? 14.862  -13.041 40.556  1.00 27.94 ? 19  LEU C CA  1 
ATOM   1226 C C   . LEU C 1 19 ? 13.656  -12.192 40.951  1.00 27.16 ? 19  LEU C C   1 
ATOM   1227 O O   . LEU C 1 19 ? 13.153  -11.362 40.173  1.00 25.03 ? 19  LEU C O   1 
ATOM   1228 C CB  . LEU C 1 19 ? 14.923  -13.274 39.044  1.00 27.04 ? 19  LEU C CB  1 
ATOM   1229 C CG  . LEU C 1 19 ? 16.312  -13.752 38.602  1.00 30.02 ? 19  LEU C CG  1 
ATOM   1230 C CD1 . LEU C 1 19 ? 16.343  -14.062 37.103  1.00 28.95 ? 19  LEU C CD1 1 
ATOM   1231 C CD2 . LEU C 1 19 ? 17.337  -12.660 38.944  1.00 30.62 ? 19  LEU C CD2 1 
ATOM   1232 N N   . GLY C 1 20 ? 13.224  -12.395 42.194  1.00 26.52 ? 20  GLY C N   1 
ATOM   1233 C CA  . GLY C 1 20 ? 12.101  -11.663 42.754  1.00 26.11 ? 20  GLY C CA  1 
ATOM   1234 C C   . GLY C 1 20 ? 12.221  -10.150 42.657  1.00 27.44 ? 20  GLY C C   1 
ATOM   1235 O O   . GLY C 1 20 ? 11.206  -9.450  42.722  1.00 29.69 ? 20  GLY C O   1 
ATOM   1236 N N   . GLU C 1 21 ? 13.437  -9.643  42.506  1.00 26.77 ? 21  GLU C N   1 
ATOM   1237 C CA  . GLU C 1 21 ? 13.684  -8.197  42.390  1.00 28.56 ? 21  GLU C CA  1 
ATOM   1238 C C   . GLU C 1 21 ? 13.095  -7.636  41.082  1.00 28.48 ? 21  GLU C C   1 
ATOM   1239 O O   . GLU C 1 21 ? 12.959  -6.424  40.916  1.00 26.95 ? 21  GLU C O   1 
ATOM   1240 C CB  . GLU C 1 21 ? 15.188  -7.921  42.371  1.00 30.91 ? 21  GLU C CB  1 
ATOM   1241 C CG  . GLU C 1 21 ? 15.874  -8.504  41.145  1.00 35.71 ? 21  GLU C CG  1 
ATOM   1242 C CD  . GLU C 1 21 ? 17.397  -8.464  41.217  1.00 40.20 ? 21  GLU C CD  1 
ATOM   1243 O OE1 . GLU C 1 21 ? 18.002  -7.433  40.852  1.00 42.53 ? 21  GLU C OE1 1 
ATOM   1244 O OE2 . GLU C 1 21 ? 17.994  -9.472  41.647  1.00 42.65 ? 21  GLU C OE2 1 
ATOM   1245 N N   . HIS C 1 22 ? 12.778  -8.516  40.142  1.00 24.65 ? 22  HIS C N   1 
ATOM   1246 C CA  . HIS C 1 22 ? 12.216  -8.061  38.879  1.00 26.34 ? 22  HIS C CA  1 
ATOM   1247 C C   . HIS C 1 22 ? 10.696  -8.258  38.775  1.00 25.14 ? 22  HIS C C   1 
ATOM   1248 O O   . HIS C 1 22 ? 10.093  -7.764  37.835  1.00 24.55 ? 22  HIS C O   1 
ATOM   1249 C CB  . HIS C 1 22 ? 12.875  -8.805  37.706  1.00 24.13 ? 22  HIS C CB  1 
ATOM   1250 C CG  . HIS C 1 22 ? 14.349  -8.592  37.601  1.00 25.43 ? 22  HIS C CG  1 
ATOM   1251 N ND1 . HIS C 1 22 ? 14.907  -7.347  37.403  1.00 25.16 ? 22  HIS C ND1 1 
ATOM   1252 C CD2 . HIS C 1 22 ? 15.382  -9.469  37.627  1.00 24.40 ? 22  HIS C CD2 1 
ATOM   1253 C CE1 . HIS C 1 22 ? 16.219  -7.469  37.311  1.00 26.56 ? 22  HIS C CE1 1 
ATOM   1254 N NE2 . HIS C 1 22 ? 16.532  -8.746  37.442  1.00 25.64 ? 22  HIS C NE2 1 
ATOM   1255 N N   . ARG C 1 23 ? 10.079  -8.946  39.733  1.00 26.55 ? 23  ARG C N   1 
ATOM   1256 C CA  . ARG C 1 23 ? 8.653   -9.221  39.591  1.00 28.07 ? 23  ARG C CA  1 
ATOM   1257 C C   . ARG C 1 23 ? 7.715   -8.034  39.492  1.00 29.88 ? 23  ARG C C   1 
ATOM   1258 O O   . ARG C 1 23 ? 6.775   -8.056  38.701  1.00 29.17 ? 23  ARG C O   1 
ATOM   1259 C CB  . ARG C 1 23 ? 8.158   -10.217 40.676  1.00 30.35 ? 23  ARG C CB  1 
ATOM   1260 C CG  . ARG C 1 23 ? 7.845   -9.680  42.073  1.00 34.69 ? 23  ARG C CG  1 
ATOM   1261 C CD  . ARG C 1 23 ? 7.069   -10.769 42.894  1.00 35.02 ? 23  ARG C CD  1 
ATOM   1262 N NE  . ARG C 1 23 ? 5.701   -10.952 42.401  1.00 34.82 ? 23  ARG C NE  1 
ATOM   1263 C CZ  . ARG C 1 23 ? 4.938   -12.035 42.589  1.00 34.26 ? 23  ARG C CZ  1 
ATOM   1264 N NH1 . ARG C 1 23 ? 3.711   -12.067 42.089  1.00 32.61 ? 23  ARG C NH1 1 
ATOM   1265 N NH2 . ARG C 1 23 ? 5.385   -13.088 43.258  1.00 35.01 ? 23  ARG C NH2 1 
ATOM   1266 N N   . ASP C 1 24 ? 7.977   -6.988  40.260  1.00 30.83 ? 24  ASP C N   1 
ATOM   1267 C CA  . ASP C 1 24 ? 7.123   -5.819  40.248  1.00 33.12 ? 24  ASP C CA  1 
ATOM   1268 C C   . ASP C 1 24 ? 7.127   -5.114  38.899  1.00 31.36 ? 24  ASP C C   1 
ATOM   1269 O O   . ASP C 1 24 ? 6.075   -4.733  38.400  1.00 30.47 ? 24  ASP C O   1 
ATOM   1270 C CB  . ASP C 1 24 ? 7.548   -4.849  41.362  1.00 37.27 ? 24  ASP C CB  1 
ATOM   1271 C CG  . ASP C 1 24 ? 7.182   -5.361  42.765  1.00 41.84 ? 24  ASP C CG  1 
ATOM   1272 O OD1 . ASP C 1 24 ? 7.827   -4.919  43.740  1.00 46.18 ? 24  ASP C OD1 1 
ATOM   1273 O OD2 . ASP C 1 24 ? 6.246   -6.187  42.909  1.00 43.25 ? 24  ASP C OD2 1 
ATOM   1274 N N   . ARG C 1 25 ? 8.303   -4.952  38.306  1.00 29.42 ? 25  ARG C N   1 
ATOM   1275 C CA  . ARG C 1 25 ? 8.393   -4.300  37.015  1.00 29.03 ? 25  ARG C CA  1 
ATOM   1276 C C   . ARG C 1 25 ? 7.752   -5.169  35.928  1.00 27.02 ? 25  ARG C C   1 
ATOM   1277 O O   . ARG C 1 25 ? 7.160   -4.631  34.991  1.00 26.43 ? 25  ARG C O   1 
ATOM   1278 C CB  . ARG C 1 25 ? 9.845   -4.019  36.649  1.00 32.60 ? 25  ARG C CB  1 
ATOM   1279 C CG  . ARG C 1 25 ? 9.967   -3.275  35.342  1.00 38.49 ? 25  ARG C CG  1 
ATOM   1280 C CD  . ARG C 1 25 ? 10.118  -1.788  35.608  1.00 46.21 ? 25  ARG C CD  1 
ATOM   1281 N NE  . ARG C 1 25 ? 11.460  -1.471  36.101  1.00 48.11 ? 25  ARG C NE  1 
ATOM   1282 C CZ  . ARG C 1 25 ? 12.474  -1.135  35.312  1.00 50.03 ? 25  ARG C CZ  1 
ATOM   1283 N NH1 . ARG C 1 25 ? 12.296  -1.068  34.000  1.00 51.37 ? 25  ARG C NH1 1 
ATOM   1284 N NH2 . ARG C 1 25 ? 13.667  -0.869  35.830  1.00 51.07 ? 25  ARG C NH2 1 
ATOM   1285 N N   . PHE C 1 26 ? 7.886   -6.493  36.038  1.00 23.84 ? 26  PHE C N   1 
ATOM   1286 C CA  . PHE C 1 26 ? 7.258   -7.400  35.062  1.00 23.99 ? 26  PHE C CA  1 
ATOM   1287 C C   . PHE C 1 26 ? 5.748   -7.285  35.233  1.00 25.13 ? 26  PHE C C   1 
ATOM   1288 O O   . PHE C 1 26 ? 4.987   -7.288  34.260  1.00 24.23 ? 26  PHE C O   1 
ATOM   1289 C CB  . PHE C 1 26 ? 7.641   -8.863  35.314  1.00 20.81 ? 26  PHE C CB  1 
ATOM   1290 C CG  . PHE C 1 26 ? 8.874   -9.328  34.545  1.00 22.85 ? 26  PHE C CG  1 
ATOM   1291 C CD1 . PHE C 1 26 ? 10.111  -8.690  34.718  1.00 21.40 ? 26  PHE C CD1 1 
ATOM   1292 C CD2 . PHE C 1 26 ? 8.798   -10.436 33.700  1.00 20.99 ? 26  PHE C CD2 1 
ATOM   1293 C CE1 . PHE C 1 26 ? 11.263  -9.149  34.063  1.00 22.62 ? 26  PHE C CE1 1 
ATOM   1294 C CE2 . PHE C 1 26 ? 9.932   -10.911 33.041  1.00 22.71 ? 26  PHE C CE2 1 
ATOM   1295 C CZ  . PHE C 1 26 ? 11.177  -10.261 33.223  1.00 22.92 ? 26  PHE C CZ  1 
ATOM   1296 N N   . GLU C 1 27 ? 5.315   -7.195  36.487  1.00 25.08 ? 27  GLU C N   1 
ATOM   1297 C CA  . GLU C 1 27 ? 3.891   -7.098  36.767  1.00 26.87 ? 27  GLU C CA  1 
ATOM   1298 C C   . GLU C 1 27 ? 3.344   -5.804  36.196  1.00 26.89 ? 27  GLU C C   1 
ATOM   1299 O O   . GLU C 1 27 ? 2.280   -5.778  35.576  1.00 27.89 ? 27  GLU C O   1 
ATOM   1300 C CB  . GLU C 1 27 ? 3.634   -7.138  38.267  1.00 28.13 ? 27  GLU C CB  1 
ATOM   1301 C CG  . GLU C 1 27 ? 2.164   -7.158  38.566  1.00 31.87 ? 27  GLU C CG  1 
ATOM   1302 C CD  . GLU C 1 27 ? 1.879   -7.211  40.046  1.00 35.78 ? 27  GLU C CD  1 
ATOM   1303 O OE1 . GLU C 1 27 ? 2.472   -8.076  40.755  1.00 33.67 ? 27  GLU C OE1 1 
ATOM   1304 O OE2 . GLU C 1 27 ? 1.054   -6.387  40.486  1.00 35.54 ? 27  GLU C OE2 1 
ATOM   1305 N N   . ASP C 1 28 ? 4.089   -4.726  36.384  1.00 27.33 ? 28  ASP C N   1 
ATOM   1306 C CA  . ASP C 1 28 ? 3.668   -3.443  35.868  1.00 29.40 ? 28  ASP C CA  1 
ATOM   1307 C C   . ASP C 1 28 ? 3.531   -3.455  34.335  1.00 29.76 ? 28  ASP C C   1 
ATOM   1308 O O   . ASP C 1 28 ? 2.660   -2.782  33.780  1.00 27.69 ? 28  ASP C O   1 
ATOM   1309 C CB  . ASP C 1 28 ? 4.659   -2.360  36.291  1.00 34.73 ? 28  ASP C CB  1 
ATOM   1310 C CG  . ASP C 1 28 ? 4.196   -0.984  35.897  1.00 41.35 ? 28  ASP C CG  1 
ATOM   1311 O OD1 . ASP C 1 28 ? 2.978   -0.729  36.036  1.00 44.38 ? 28  ASP C OD1 1 
ATOM   1312 O OD2 . ASP C 1 28 ? 5.030   -0.156  35.451  1.00 45.99 ? 28  ASP C OD2 1 
ATOM   1313 N N   . HIS C 1 29 ? 4.393   -4.212  33.655  1.00 26.70 ? 29  HIS C N   1 
ATOM   1314 C CA  . HIS C 1 29 ? 4.351   -4.285  32.191  1.00 26.60 ? 29  HIS C CA  1 
ATOM   1315 C C   . HIS C 1 29 ? 3.388   -5.374  31.726  1.00 26.00 ? 29  HIS C C   1 
ATOM   1316 O O   . HIS C 1 29 ? 3.312   -5.709  30.537  1.00 25.58 ? 29  HIS C O   1 
ATOM   1317 C CB  . HIS C 1 29 ? 5.759   -4.556  31.656  1.00 24.96 ? 29  HIS C CB  1 
ATOM   1318 C CG  . HIS C 1 29 ? 6.589   -3.319  31.532  1.00 25.80 ? 29  HIS C CG  1 
ATOM   1319 N ND1 . HIS C 1 29 ? 6.704   -2.619  30.352  1.00 25.54 ? 29  HIS C ND1 1 
ATOM   1320 C CD2 . HIS C 1 29 ? 7.343   -2.651  32.442  1.00 25.59 ? 29  HIS C CD2 1 
ATOM   1321 C CE1 . HIS C 1 29 ? 7.500   -1.577  30.533  1.00 27.46 ? 29  HIS C CE1 1 
ATOM   1322 N NE2 . HIS C 1 29 ? 7.901   -1.575  31.797  1.00 26.88 ? 29  HIS C NE2 1 
ATOM   1323 N N   . GLU C 1 30 ? 2.677   -5.929  32.696  1.00 25.12 ? 30  GLU C N   1 
ATOM   1324 C CA  . GLU C 1 30 ? 1.703   -6.975  32.472  1.00 25.40 ? 30  GLU C CA  1 
ATOM   1325 C C   . GLU C 1 30 ? 2.258   -8.113  31.639  1.00 25.39 ? 30  GLU C C   1 
ATOM   1326 O O   . GLU C 1 30 ? 1.662   -8.516  30.645  1.00 21.80 ? 30  GLU C O   1 
ATOM   1327 C CB  . GLU C 1 30 ? 0.442   -6.389  31.833  1.00 29.09 ? 30  GLU C CB  1 
ATOM   1328 C CG  . GLU C 1 30 ? -0.205  -5.315  32.718  1.00 36.81 ? 30  GLU C CG  1 
ATOM   1329 C CD  . GLU C 1 30 ? -1.720  -5.284  32.584  1.00 42.79 ? 30  GLU C CD  1 
ATOM   1330 O OE1 . GLU C 1 30 ? -2.384  -6.087  33.275  1.00 47.64 ? 30  GLU C OE1 1 
ATOM   1331 O OE2 . GLU C 1 30 ? -2.249  -4.479  31.774  1.00 44.72 ? 30  GLU C OE2 1 
ATOM   1332 N N   . ILE C 1 31 ? 3.415   -8.619  32.067  1.00 21.91 ? 31  ILE C N   1 
ATOM   1333 C CA  . ILE C 1 31 ? 4.060   -9.731  31.406  1.00 23.73 ? 31  ILE C CA  1 
ATOM   1334 C C   . ILE C 1 31 ? 3.361   -11.016 31.856  1.00 24.90 ? 31  ILE C C   1 
ATOM   1335 O O   . ILE C 1 31 ? 3.310   -11.329 33.054  1.00 23.24 ? 31  ILE C O   1 
ATOM   1336 C CB  . ILE C 1 31 ? 5.573   -9.831  31.785  1.00 22.67 ? 31  ILE C CB  1 
ATOM   1337 C CG1 . ILE C 1 31 ? 6.292   -8.526  31.448  1.00 19.32 ? 31  ILE C CG1 1 
ATOM   1338 C CG2 . ILE C 1 31 ? 6.203   -11.005 31.075  1.00 22.59 ? 31  ILE C CG2 1 
ATOM   1339 C CD1 . ILE C 1 31 ? 6.285   -8.193  29.970  1.00 23.07 ? 31  ILE C CD1 1 
ATOM   1340 N N   . GLU C 1 32 ? 2.857   -11.757 30.873  1.00 24.77 ? 32  GLU C N   1 
ATOM   1341 C CA  . GLU C 1 32 ? 2.164   -13.016 31.085  1.00 27.92 ? 32  GLU C CA  1 
ATOM   1342 C C   . GLU C 1 32 ? 3.088   -14.130 30.608  1.00 26.92 ? 32  GLU C C   1 
ATOM   1343 O O   . GLU C 1 32 ? 4.045   -13.886 29.855  1.00 25.86 ? 32  GLU C O   1 
ATOM   1344 C CB  . GLU C 1 32 ? 0.853   -13.063 30.253  1.00 31.25 ? 32  GLU C CB  1 
ATOM   1345 C CG  . GLU C 1 32 ? -0.188  -11.989 30.556  1.00 33.97 ? 32  GLU C CG  1 
ATOM   1346 C CD  . GLU C 1 32 ? -1.260  -11.872 29.431  1.00 38.00 ? 32  GLU C CD  1 
ATOM   1347 O OE1 . GLU C 1 32 ? -1.513  -12.875 28.737  1.00 40.38 ? 32  GLU C OE1 1 
ATOM   1348 O OE2 . GLU C 1 32 ? -1.848  -10.783 29.242  1.00 38.31 ? 32  GLU C OE2 1 
ATOM   1349 N N   . GLY C 1 33 ? 2.786   -15.352 31.035  1.00 28.36 ? 33  GLY C N   1 
ATOM   1350 C CA  . GLY C 1 33 ? 3.592   -16.502 30.665  1.00 27.80 ? 33  GLY C CA  1 
ATOM   1351 C C   . GLY C 1 33 ? 3.824   -16.640 29.176  1.00 29.05 ? 33  GLY C C   1 
ATOM   1352 O O   . GLY C 1 33 ? 4.945   -16.904 28.735  1.00 27.71 ? 33  GLY C O   1 
ATOM   1353 N N   . ALA C 1 34 ? 2.772   -16.437 28.389  1.00 29.40 ? 34  ALA C N   1 
ATOM   1354 C CA  . ALA C 1 34 ? 2.898   -16.580 26.948  1.00 30.69 ? 34  ALA C CA  1 
ATOM   1355 C C   . ALA C 1 34 ? 3.921   -15.625 26.390  1.00 30.87 ? 34  ALA C C   1 
ATOM   1356 O O   . ALA C 1 34 ? 4.516   -15.894 25.351  1.00 32.17 ? 34  ALA C O   1 
ATOM   1357 C CB  . ALA C 1 34 ? 1.546   -16.354 26.265  1.00 30.51 ? 34  ALA C CB  1 
ATOM   1358 N N   . HIS C 1 35 ? 4.136   -14.507 27.077  1.00 29.58 ? 35  HIS C N   1 
ATOM   1359 C CA  . HIS C 1 35 ? 5.096   -13.515 26.605  1.00 27.73 ? 35  HIS C CA  1 
ATOM   1360 C C   . HIS C 1 35 ? 6.570   -13.889 26.820  1.00 28.65 ? 35  HIS C C   1 
ATOM   1361 O O   . HIS C 1 35 ? 7.424   -13.454 26.049  1.00 30.36 ? 35  HIS C O   1 
ATOM   1362 C CB  . HIS C 1 35 ? 4.841   -12.144 27.290  1.00 27.33 ? 35  HIS C CB  1 
ATOM   1363 C CG  . HIS C 1 35 ? 3.434   -11.627 27.137  1.00 28.30 ? 35  HIS C CG  1 
ATOM   1364 N ND1 . HIS C 1 35 ? 2.935   -10.583 27.889  1.00 27.49 ? 35  HIS C ND1 1 
ATOM   1365 C CD2 . HIS C 1 35 ? 2.428   -12.010 26.314  1.00 26.77 ? 35  HIS C CD2 1 
ATOM   1366 C CE1 . HIS C 1 35 ? 1.683   -10.344 27.534  1.00 26.06 ? 35  HIS C CE1 1 
ATOM   1367 N NE2 . HIS C 1 35 ? 1.353   -11.195 26.580  1.00 27.43 ? 35  HIS C NE2 1 
ATOM   1368 N N   . LEU C 1 36 ? 6.869   -14.677 27.856  1.00 28.68 ? 36  LEU C N   1 
ATOM   1369 C CA  . LEU C 1 36 ? 8.245   -15.018 28.191  1.00 29.34 ? 36  LEU C CA  1 
ATOM   1370 C C   . LEU C 1 36 ? 9.096   -15.516 27.032  1.00 32.11 ? 36  LEU C C   1 
ATOM   1371 O O   . LEU C 1 36 ? 10.135  -14.931 26.757  1.00 33.87 ? 36  LEU C O   1 
ATOM   1372 C CB  . LEU C 1 36 ? 8.273   -16.004 29.375  1.00 27.45 ? 36  LEU C CB  1 
ATOM   1373 C CG  . LEU C 1 36 ? 7.590   -15.398 30.610  1.00 28.46 ? 36  LEU C CG  1 
ATOM   1374 C CD1 . LEU C 1 36 ? 7.482   -16.427 31.717  1.00 28.24 ? 36  LEU C CD1 1 
ATOM   1375 C CD2 . LEU C 1 36 ? 8.382   -14.146 31.083  1.00 27.33 ? 36  LEU C CD2 1 
ATOM   1376 N N   . PRO C 1 37 ? 8.672   -16.577 26.323  1.00 34.97 ? 37  PRO C N   1 
ATOM   1377 C CA  . PRO C 1 37 ? 9.513   -17.041 25.199  1.00 38.00 ? 37  PRO C CA  1 
ATOM   1378 C C   . PRO C 1 37 ? 9.767   -15.966 24.122  1.00 39.74 ? 37  PRO C C   1 
ATOM   1379 O O   . PRO C 1 37 ? 10.775  -16.012 23.432  1.00 41.64 ? 37  PRO C O   1 
ATOM   1380 C CB  . PRO C 1 37 ? 8.734   -18.233 24.623  1.00 37.34 ? 37  PRO C CB  1 
ATOM   1381 C CG  . PRO C 1 37 ? 7.875   -18.710 25.784  1.00 38.05 ? 37  PRO C CG  1 
ATOM   1382 C CD  . PRO C 1 37 ? 7.455   -17.397 26.453  1.00 35.04 ? 37  PRO C CD  1 
ATOM   1383 N N   . ALA C 1 38 ? 8.874   -14.989 23.984  1.00 39.66 ? 38  ALA C N   1 
ATOM   1384 C CA  . ALA C 1 38 ? 9.055   -13.966 22.952  1.00 38.51 ? 38  ALA C CA  1 
ATOM   1385 C C   . ALA C 1 38 ? 9.805   -12.704 23.372  1.00 38.66 ? 38  ALA C C   1 
ATOM   1386 O O   . ALA C 1 38 ? 10.080  -11.840 22.537  1.00 38.02 ? 38  ALA C O   1 
ATOM   1387 C CB  . ALA C 1 38 ? 7.693   -13.579 22.361  1.00 39.57 ? 38  ALA C CB  1 
ATOM   1388 N N   . LEU C 1 39 ? 10.135  -12.576 24.653  1.00 37.67 ? 39  LEU C N   1 
ATOM   1389 C CA  . LEU C 1 39 ? 10.843  -11.391 25.094  1.00 36.01 ? 39  LEU C CA  1 
ATOM   1390 C C   . LEU C 1 39 ? 12.209  -11.316 24.448  1.00 37.77 ? 39  LEU C C   1 
ATOM   1391 O O   . LEU C 1 39 ? 12.902  -12.322 24.353  1.00 40.07 ? 39  LEU C O   1 
ATOM   1392 C CB  . LEU C 1 39 ? 10.991  -11.386 26.612  1.00 34.98 ? 39  LEU C CB  1 
ATOM   1393 C CG  . LEU C 1 39 ? 9.720   -11.189 27.441  1.00 35.98 ? 39  LEU C CG  1 
ATOM   1394 C CD1 . LEU C 1 39 ? 10.100  -11.203 28.908  1.00 36.49 ? 39  LEU C CD1 1 
ATOM   1395 C CD2 . LEU C 1 39 ? 9.048   -9.855  27.096  1.00 36.14 ? 39  LEU C CD2 1 
ATOM   1396 N N   . THR C 1 40 ? 12.590  -10.122 24.003  1.00 37.61 ? 40  THR C N   1 
ATOM   1397 C CA  . THR C 1 40 ? 13.887  -9.899  23.375  1.00 37.70 ? 40  THR C CA  1 
ATOM   1398 C C   . THR C 1 40 ? 14.801  -9.196  24.372  1.00 38.23 ? 40  THR C C   1 
ATOM   1399 O O   . THR C 1 40 ? 14.372  -8.781  25.461  1.00 37.01 ? 40  THR C O   1 
ATOM   1400 C CB  . THR C 1 40 ? 13.788  -8.986  22.124  1.00 36.52 ? 40  THR C CB  1 
ATOM   1401 O OG1 . THR C 1 40 ? 13.379  -7.676  22.526  1.00 36.80 ? 40  THR C OG1 1 
ATOM   1402 C CG2 . THR C 1 40 ? 12.782  -9.542  21.114  1.00 38.57 ? 40  THR C CG2 1 
ATOM   1403 N N   . LYS C 1 41 ? 16.065  -9.046  23.989  1.00 37.39 ? 41  LYS C N   1 
ATOM   1404 C CA  . LYS C 1 41 ? 17.035  -8.388  24.848  1.00 37.54 ? 41  LYS C CA  1 
ATOM   1405 C C   . LYS C 1 41 ? 16.561  -6.977  25.130  1.00 35.76 ? 41  LYS C C   1 
ATOM   1406 O O   . LYS C 1 41 ? 16.637  -6.484  26.260  1.00 34.12 ? 41  LYS C O   1 
ATOM   1407 C CB  . LYS C 1 41 ? 18.408  -8.358  24.165  1.00 41.31 ? 41  LYS C CB  1 
ATOM   1408 C CG  . LYS C 1 41 ? 19.396  -7.415  24.824  1.00 45.14 ? 41  LYS C CG  1 
ATOM   1409 C CD  . LYS C 1 41 ? 20.719  -7.355  24.061  1.00 48.72 ? 41  LYS C CD  1 
ATOM   1410 C CE  . LYS C 1 41 ? 21.621  -6.269  24.642  1.00 50.49 ? 41  LYS C CE  1 
ATOM   1411 N NZ  . LYS C 1 41 ? 20.890  -4.970  24.791  1.00 51.75 ? 41  LYS C NZ  1 
ATOM   1412 N N   . GLU C 1 42 ? 16.058  -6.315  24.098  1.00 33.38 ? 42  GLU C N   1 
ATOM   1413 C CA  . GLU C 1 42 ? 15.578  -4.956  24.289  1.00 34.10 ? 42  GLU C CA  1 
ATOM   1414 C C   . GLU C 1 42 ? 14.401  -4.935  25.277  1.00 30.60 ? 42  GLU C C   1 
ATOM   1415 O O   . GLU C 1 42 ? 14.275  -4.022  26.070  1.00 31.81 ? 42  GLU C O   1 
ATOM   1416 C CB  . GLU C 1 42 ? 15.172  -4.347  22.934  1.00 36.68 ? 42  GLU C CB  1 
ATOM   1417 C CG  . GLU C 1 42 ? 16.366  -4.156  21.966  1.00 42.28 ? 42  GLU C CG  1 
ATOM   1418 C CD  . GLU C 1 42 ? 16.983  -5.475  21.480  1.00 44.82 ? 42  GLU C CD  1 
ATOM   1419 O OE1 . GLU C 1 42 ? 16.237  -6.473  21.338  1.00 44.35 ? 42  GLU C OE1 1 
ATOM   1420 O OE2 . GLU C 1 42 ? 18.218  -5.507  21.217  1.00 48.56 ? 42  GLU C OE2 1 
ATOM   1421 N N   . ASP C 1 43 ? 13.551  -5.948  25.217  1.00 30.89 ? 43  ASP C N   1 
ATOM   1422 C CA  . ASP C 1 43 ? 12.398  -6.042  26.130  1.00 30.74 ? 43  ASP C CA  1 
ATOM   1423 C C   . ASP C 1 43 ? 12.891  -6.243  27.562  1.00 30.16 ? 43  ASP C C   1 
ATOM   1424 O O   . ASP C 1 43 ? 12.428  -5.578  28.481  1.00 32.39 ? 43  ASP C O   1 
ATOM   1425 C CB  . ASP C 1 43 ? 11.493  -7.229  25.760  1.00 29.32 ? 43  ASP C CB  1 
ATOM   1426 C CG  . ASP C 1 43 ? 10.742  -7.025  24.444  1.00 31.90 ? 43  ASP C CG  1 
ATOM   1427 O OD1 . ASP C 1 43 ? 10.533  -5.854  24.061  1.00 30.43 ? 43  ASP C OD1 1 
ATOM   1428 O OD2 . ASP C 1 43 ? 10.346  -8.042  23.818  1.00 30.34 ? 43  ASP C OD2 1 
ATOM   1429 N N   . PHE C 1 44 ? 13.840  -7.155  27.750  1.00 31.01 ? 44  PHE C N   1 
ATOM   1430 C CA  . PHE C 1 44 ? 14.385  -7.421  29.090  1.00 30.16 ? 44  PHE C CA  1 
ATOM   1431 C C   . PHE C 1 44 ? 14.979  -6.164  29.686  1.00 29.40 ? 44  PHE C C   1 
ATOM   1432 O O   . PHE C 1 44 ? 14.828  -5.889  30.879  1.00 29.27 ? 44  PHE C O   1 
ATOM   1433 C CB  . PHE C 1 44 ? 15.451  -8.542  29.025  1.00 32.04 ? 44  PHE C CB  1 
ATOM   1434 C CG  . PHE C 1 44 ? 14.868  -9.924  28.954  1.00 33.03 ? 44  PHE C CG  1 
ATOM   1435 C CD1 . PHE C 1 44 ? 14.081  -10.412 29.992  1.00 33.36 ? 44  PHE C CD1 1 
ATOM   1436 C CD2 . PHE C 1 44 ? 15.106  -10.745 27.858  1.00 34.91 ? 44  PHE C CD2 1 
ATOM   1437 C CE1 . PHE C 1 44 ? 13.539  -11.696 29.945  1.00 35.38 ? 44  PHE C CE1 1 
ATOM   1438 C CE2 . PHE C 1 44 ? 14.573  -12.030 27.794  1.00 34.66 ? 44  PHE C CE2 1 
ATOM   1439 C CZ  . PHE C 1 44 ? 13.785  -12.513 28.839  1.00 35.46 ? 44  PHE C CZ  1 
ATOM   1440 N N   . VAL C 1 45 ? 15.677  -5.393  28.871  1.00 29.31 ? 45  VAL C N   1 
ATOM   1441 C CA  . VAL C 1 45 ? 16.248  -4.166  29.382  1.00 31.70 ? 45  VAL C CA  1 
ATOM   1442 C C   . VAL C 1 45 ? 15.123  -3.229  29.772  1.00 31.06 ? 45  VAL C C   1 
ATOM   1443 O O   . VAL C 1 45 ? 15.199  -2.584  30.792  1.00 31.31 ? 45  VAL C O   1 
ATOM   1444 C CB  . VAL C 1 45 ? 17.153  -3.474  28.349  1.00 33.97 ? 45  VAL C CB  1 
ATOM   1445 C CG1 . VAL C 1 45 ? 17.435  -2.043  28.791  1.00 35.00 ? 45  VAL C CG1 1 
ATOM   1446 C CG2 . VAL C 1 45 ? 18.465  -4.256  28.212  1.00 35.56 ? 45  VAL C CG2 1 
ATOM   1447 N N   . GLU C 1 46 ? 14.058  -3.172  28.972  1.00 32.01 ? 46  GLU C N   1 
ATOM   1448 C CA  . GLU C 1 46 ? 12.944  -2.299  29.317  1.00 31.93 ? 46  GLU C CA  1 
ATOM   1449 C C   . GLU C 1 46 ? 12.357  -2.773  30.637  1.00 31.55 ? 46  GLU C C   1 
ATOM   1450 O O   . GLU C 1 46 ? 11.953  -1.962  31.477  1.00 30.69 ? 46  GLU C O   1 
ATOM   1451 C CB  . GLU C 1 46 ? 11.869  -2.335  28.217  1.00 35.60 ? 46  GLU C CB  1 
ATOM   1452 C CG  . GLU C 1 46 ? 11.305  -0.972  27.913  1.00 39.03 ? 46  GLU C CG  1 
ATOM   1453 C CD  . GLU C 1 46 ? 10.110  -1.006  26.988  1.00 40.97 ? 46  GLU C CD  1 
ATOM   1454 O OE1 . GLU C 1 46 ? 10.216  -1.558  25.868  1.00 42.05 ? 46  GLU C OE1 1 
ATOM   1455 O OE2 . GLU C 1 46 ? 9.055   -0.468  27.388  1.00 44.84 ? 46  GLU C OE2 1 
ATOM   1456 N N   . LEU C 1 47 ? 12.348  -4.096  30.835  1.00 28.52 ? 47  LEU C N   1 
ATOM   1457 C CA  . LEU C 1 47 ? 11.823  -4.669  32.060  1.00 26.67 ? 47  LEU C CA  1 
ATOM   1458 C C   . LEU C 1 47 ? 12.782  -4.534  33.232  1.00 27.16 ? 47  LEU C C   1 
ATOM   1459 O O   . LEU C 1 47 ? 12.470  -4.988  34.336  1.00 28.50 ? 47  LEU C O   1 
ATOM   1460 C CB  . LEU C 1 47 ? 11.478  -6.145  31.842  1.00 25.15 ? 47  LEU C CB  1 
ATOM   1461 C CG  . LEU C 1 47 ? 10.323  -6.352  30.844  1.00 25.87 ? 47  LEU C CG  1 
ATOM   1462 C CD1 . LEU C 1 47 ? 10.102  -7.831  30.543  1.00 23.53 ? 47  LEU C CD1 1 
ATOM   1463 C CD2 . LEU C 1 47 ? 9.063   -5.714  31.433  1.00 23.88 ? 47  LEU C CD2 1 
ATOM   1464 N N   . GLY C 1 48 ? 13.946  -3.934  33.003  1.00 26.20 ? 48  GLY C N   1 
ATOM   1465 C CA  . GLY C 1 48 ? 14.907  -3.763  34.091  1.00 27.74 ? 48  GLY C CA  1 
ATOM   1466 C C   . GLY C 1 48 ? 15.899  -4.906  34.322  1.00 29.13 ? 48  GLY C C   1 
ATOM   1467 O O   . GLY C 1 48 ? 16.633  -4.911  35.319  1.00 30.47 ? 48  GLY C O   1 
ATOM   1468 N N   . VAL C 1 49 ? 15.898  -5.894  33.432  1.00 27.53 ? 49  VAL C N   1 
ATOM   1469 C CA  . VAL C 1 49 ? 16.830  -7.011  33.536  1.00 27.75 ? 49  VAL C CA  1 
ATOM   1470 C C   . VAL C 1 49 ? 18.044  -6.573  32.732  1.00 27.34 ? 49  VAL C C   1 
ATOM   1471 O O   . VAL C 1 49 ? 18.243  -6.986  31.607  1.00 26.76 ? 49  VAL C O   1 
ATOM   1472 C CB  . VAL C 1 49 ? 16.273  -8.303  32.906  1.00 27.02 ? 49  VAL C CB  1 
ATOM   1473 C CG1 . VAL C 1 49 ? 17.264  -9.458  33.141  1.00 29.41 ? 49  VAL C CG1 1 
ATOM   1474 C CG2 . VAL C 1 49 ? 14.898  -8.644  33.533  1.00 27.95 ? 49  VAL C CG2 1 
ATOM   1475 N N   . THR C 1 50 ? 18.861  -5.740  33.344  1.00 28.10 ? 50  THR C N   1 
ATOM   1476 C CA  . THR C 1 50 ? 20.028  -5.192  32.686  1.00 31.68 ? 50  THR C CA  1 
ATOM   1477 C C   . THR C 1 50 ? 21.301  -6.035  32.790  1.00 31.44 ? 50  THR C C   1 
ATOM   1478 O O   . THR C 1 50 ? 22.265  -5.791  32.056  1.00 32.61 ? 50  THR C O   1 
ATOM   1479 C CB  . THR C 1 50 ? 20.298  -3.806  33.240  1.00 31.81 ? 50  THR C CB  1 
ATOM   1480 O OG1 . THR C 1 50 ? 20.382  -3.891  34.665  1.00 35.72 ? 50  THR C OG1 1 
ATOM   1481 C CG2 . THR C 1 50 ? 19.151  -2.853  32.877  1.00 35.40 ? 50  THR C CG2 1 
ATOM   1482 N N   . ARG C 1 51 ? 21.312  -7.017  33.682  1.00 31.13 ? 51  ARG C N   1 
ATOM   1483 C CA  . ARG C 1 51 ? 22.489  -7.875  33.818  1.00 31.69 ? 51  ARG C CA  1 
ATOM   1484 C C   . ARG C 1 51 ? 22.350  -9.111  32.941  1.00 29.92 ? 51  ARG C C   1 
ATOM   1485 O O   . ARG C 1 51 ? 21.361  -9.849  33.026  1.00 29.00 ? 51  ARG C O   1 
ATOM   1486 C CB  . ARG C 1 51 ? 22.686  -8.285  35.280  1.00 32.53 ? 51  ARG C CB  1 
ATOM   1487 C CG  . ARG C 1 51 ? 22.781  -7.099  36.242  1.00 38.47 ? 51  ARG C CG  1 
ATOM   1488 C CD  . ARG C 1 51 ? 23.042  -7.596  37.649  1.00 43.81 ? 51  ARG C CD  1 
ATOM   1489 N NE  . ARG C 1 51 ? 22.866  -6.567  38.669  1.00 49.41 ? 51  ARG C NE  1 
ATOM   1490 C CZ  . ARG C 1 51 ? 23.656  -5.507  38.832  1.00 52.59 ? 51  ARG C CZ  1 
ATOM   1491 N NH1 . ARG C 1 51 ? 23.395  -4.630  39.795  1.00 53.66 ? 51  ARG C NH1 1 
ATOM   1492 N NH2 . ARG C 1 51 ? 24.708  -5.318  38.046  1.00 53.22 ? 51  ARG C NH2 1 
ATOM   1493 N N   . VAL C 1 52 ? 23.349  -9.334  32.096  1.00 28.05 ? 52  VAL C N   1 
ATOM   1494 C CA  . VAL C 1 52 ? 23.366  -10.484 31.193  1.00 25.71 ? 52  VAL C CA  1 
ATOM   1495 C C   . VAL C 1 52 ? 23.101  -11.778 31.943  1.00 24.42 ? 52  VAL C C   1 
ATOM   1496 O O   . VAL C 1 52 ? 22.352  -12.648 31.470  1.00 21.98 ? 52  VAL C O   1 
ATOM   1497 C CB  . VAL C 1 52 ? 24.739  -10.570 30.448  1.00 26.10 ? 52  VAL C CB  1 
ATOM   1498 C CG1 . VAL C 1 52 ? 24.901  -11.898 29.769  1.00 26.16 ? 52  VAL C CG1 1 
ATOM   1499 C CG2 . VAL C 1 52 ? 24.841  -9.432  29.443  1.00 26.33 ? 52  VAL C CG2 1 
ATOM   1500 N N   . GLY C 1 53 ? 23.721  -11.905 33.117  1.00 22.87 ? 53  GLY C N   1 
ATOM   1501 C CA  . GLY C 1 53 ? 23.547  -13.097 33.912  1.00 22.15 ? 53  GLY C CA  1 
ATOM   1502 C C   . GLY C 1 53 ? 22.094  -13.385 34.265  1.00 23.13 ? 53  GLY C C   1 
ATOM   1503 O O   . GLY C 1 53 ? 21.667  -14.531 34.256  1.00 20.98 ? 53  GLY C O   1 
ATOM   1504 N N   . HIS C 1 54 ? 21.338  -12.344 34.596  1.00 23.11 ? 54  HIS C N   1 
ATOM   1505 C CA  . HIS C 1 54 ? 19.935  -12.512 34.950  1.00 23.36 ? 54  HIS C CA  1 
ATOM   1506 C C   . HIS C 1 54 ? 19.156  -12.958 33.725  1.00 24.13 ? 54  HIS C C   1 
ATOM   1507 O O   . HIS C 1 54 ? 18.305  -13.859 33.788  1.00 23.67 ? 54  HIS C O   1 
ATOM   1508 C CB  . HIS C 1 54 ? 19.386  -11.194 35.505  1.00 24.94 ? 54  HIS C CB  1 
ATOM   1509 C CG  . HIS C 1 54 ? 19.901  -10.862 36.868  1.00 27.51 ? 54  HIS C CG  1 
ATOM   1510 N ND1 . HIS C 1 54 ? 19.384  -9.840  37.632  1.00 29.95 ? 54  HIS C ND1 1 
ATOM   1511 C CD2 . HIS C 1 54 ? 20.883  -11.428 37.608  1.00 27.53 ? 54  HIS C CD2 1 
ATOM   1512 C CE1 . HIS C 1 54 ? 20.029  -9.791  38.785  1.00 31.29 ? 54  HIS C CE1 1 
ATOM   1513 N NE2 . HIS C 1 54 ? 20.944  -10.744 38.794  1.00 28.63 ? 54  HIS C NE2 1 
ATOM   1514 N N   . ARG C 1 55 ? 19.437  -12.325 32.594  1.00 25.10 ? 55  ARG C N   1 
ATOM   1515 C CA  . ARG C 1 55 ? 18.757  -12.727 31.389  1.00 26.98 ? 55  ARG C CA  1 
ATOM   1516 C C   . ARG C 1 55 ? 19.040  -14.191 31.108  1.00 26.46 ? 55  ARG C C   1 
ATOM   1517 O O   . ARG C 1 55 ? 18.146  -14.937 30.714  1.00 25.75 ? 55  ARG C O   1 
ATOM   1518 C CB  . ARG C 1 55 ? 19.221  -11.881 30.214  1.00 28.64 ? 55  ARG C CB  1 
ATOM   1519 C CG  . ARG C 1 55 ? 18.839  -10.424 30.378  1.00 32.08 ? 55  ARG C CG  1 
ATOM   1520 C CD  . ARG C 1 55 ? 18.587  -9.812  29.051  1.00 33.94 ? 55  ARG C CD  1 
ATOM   1521 N NE  . ARG C 1 55 ? 19.791  -9.480  28.319  1.00 37.23 ? 55  ARG C NE  1 
ATOM   1522 C CZ  . ARG C 1 55 ? 20.560  -8.428  28.582  1.00 37.66 ? 55  ARG C CZ  1 
ATOM   1523 N NH1 . ARG C 1 55 ? 20.261  -7.603  29.577  1.00 38.40 ? 55  ARG C NH1 1 
ATOM   1524 N NH2 . ARG C 1 55 ? 21.594  -8.174  27.811  1.00 34.93 ? 55  ARG C NH2 1 
ATOM   1525 N N   . GLU C 1 56 ? 20.287  -14.612 31.307  1.00 25.76 ? 56  GLU C N   1 
ATOM   1526 C CA  . GLU C 1 56 ? 20.637  -16.001 31.031  1.00 25.86 ? 56  GLU C CA  1 
ATOM   1527 C C   . GLU C 1 56 ? 19.931  -16.937 31.994  1.00 25.28 ? 56  GLU C C   1 
ATOM   1528 O O   . GLU C 1 56 ? 19.517  -18.027 31.614  1.00 25.65 ? 56  GLU C O   1 
ATOM   1529 C CB  . GLU C 1 56 ? 22.159  -16.195 31.103  1.00 30.13 ? 56  GLU C CB  1 
ATOM   1530 C CG  . GLU C 1 56 ? 22.893  -15.499 29.972  1.00 34.75 ? 56  GLU C CG  1 
ATOM   1531 C CD  . GLU C 1 56 ? 22.397  -15.956 28.610  1.00 39.48 ? 56  GLU C CD  1 
ATOM   1532 O OE1 . GLU C 1 56 ? 22.519  -17.159 28.289  1.00 40.26 ? 56  GLU C OE1 1 
ATOM   1533 O OE2 . GLU C 1 56 ? 21.867  -15.111 27.860  1.00 43.91 ? 56  GLU C OE2 1 
ATOM   1534 N N   . ASN C 1 57 ? 19.794  -16.532 33.252  1.00 24.45 ? 57  ASN C N   1 
ATOM   1535 C CA  . ASN C 1 57 ? 19.073  -17.391 34.182  1.00 25.41 ? 57  ASN C CA  1 
ATOM   1536 C C   . ASN C 1 57 ? 17.588  -17.508 33.790  1.00 26.28 ? 57  ASN C C   1 
ATOM   1537 O O   . ASN C 1 57 ? 16.980  -18.584 33.939  1.00 27.98 ? 57  ASN C O   1 
ATOM   1538 C CB  . ASN C 1 57 ? 19.234  -16.883 35.625  1.00 25.30 ? 57  ASN C CB  1 
ATOM   1539 C CG  . ASN C 1 57 ? 20.602  -17.237 36.201  1.00 28.06 ? 57  ASN C CG  1 
ATOM   1540 O OD1 . ASN C 1 57 ? 21.241  -18.207 35.761  1.00 27.58 ? 57  ASN C OD1 1 
ATOM   1541 N ND2 . ASN C 1 57 ? 21.055  -16.473 37.175  1.00 30.83 ? 57  ASN C ND2 1 
ATOM   1542 N N   . ILE C 1 58 ? 16.999  -16.421 33.280  1.00 25.51 ? 58  ILE C N   1 
ATOM   1543 C CA  . ILE C 1 58 ? 15.607  -16.494 32.856  1.00 26.08 ? 58  ILE C CA  1 
ATOM   1544 C C   . ILE C 1 58 ? 15.514  -17.455 31.655  1.00 28.87 ? 58  ILE C C   1 
ATOM   1545 O O   . ILE C 1 58 ? 14.720  -18.395 31.662  1.00 27.81 ? 58  ILE C O   1 
ATOM   1546 C CB  . ILE C 1 58 ? 15.073  -15.117 32.459  1.00 25.41 ? 58  ILE C CB  1 
ATOM   1547 C CG1 . ILE C 1 58 ? 14.910  -14.271 33.719  1.00 23.88 ? 58  ILE C CG1 1 
ATOM   1548 C CG2 . ILE C 1 58 ? 13.752  -15.260 31.687  1.00 25.21 ? 58  ILE C CG2 1 
ATOM   1549 C CD1 . ILE C 1 58 ? 14.671  -12.824 33.441  1.00 28.07 ? 58  ILE C CD1 1 
ATOM   1550 N N   . GLU C 1 59 ? 16.341  -17.229 30.641  1.00 31.27 ? 59  GLU C N   1 
ATOM   1551 C CA  . GLU C 1 59 ? 16.347  -18.082 29.449  1.00 35.21 ? 59  GLU C CA  1 
ATOM   1552 C C   . GLU C 1 59 ? 16.571  -19.564 29.797  1.00 36.04 ? 59  GLU C C   1 
ATOM   1553 O O   . GLU C 1 59 ? 15.925  -20.449 29.232  1.00 35.83 ? 59  GLU C O   1 
ATOM   1554 C CB  . GLU C 1 59 ? 17.426  -17.593 28.467  1.00 38.37 ? 59  GLU C CB  1 
ATOM   1555 C CG  . GLU C 1 59 ? 17.248  -16.125 27.987  1.00 46.36 ? 59  GLU C CG  1 
ATOM   1556 C CD  . GLU C 1 59 ? 18.414  -15.612 27.116  1.00 50.85 ? 59  GLU C CD  1 
ATOM   1557 O OE1 . GLU C 1 59 ? 18.870  -16.338 26.206  1.00 53.12 ? 59  GLU C OE1 1 
ATOM   1558 O OE2 . GLU C 1 59 ? 18.874  -14.470 27.332  1.00 55.39 ? 59  GLU C OE2 1 
ATOM   1559 N N   . ARG C 1 60 ? 17.491  -19.832 30.722  1.00 36.70 ? 60  ARG C N   1 
ATOM   1560 C CA  . ARG C 1 60 ? 17.788  -21.204 31.154  1.00 37.88 ? 60  ARG C CA  1 
ATOM   1561 C C   . ARG C 1 60 ? 16.565  -21.803 31.864  1.00 37.20 ? 60  ARG C C   1 
ATOM   1562 O O   . ARG C 1 60 ? 16.184  -22.965 31.631  1.00 36.04 ? 60  ARG C O   1 
ATOM   1563 C CB  . ARG C 1 60 ? 18.983  -21.183 32.112  1.00 40.84 ? 60  ARG C CB  1 
ATOM   1564 C CG  . ARG C 1 60 ? 19.521  -22.542 32.514  1.00 47.30 ? 60  ARG C CG  1 
ATOM   1565 C CD  . ARG C 1 60 ? 20.672  -22.378 33.512  1.00 51.69 ? 60  ARG C CD  1 
ATOM   1566 N NE  . ARG C 1 60 ? 20.172  -21.993 34.830  1.00 54.45 ? 60  ARG C NE  1 
ATOM   1567 C CZ  . ARG C 1 60 ? 20.931  -21.538 35.823  1.00 57.12 ? 60  ARG C CZ  1 
ATOM   1568 N NH1 . ARG C 1 60 ? 22.246  -21.395 35.660  1.00 58.14 ? 60  ARG C NH1 1 
ATOM   1569 N NH2 . ARG C 1 60 ? 20.379  -21.235 36.992  1.00 57.92 ? 60  ARG C NH2 1 
ATOM   1570 N N   . ALA C 1 61 ? 15.951  -21.008 32.736  1.00 35.87 ? 61  ALA C N   1 
ATOM   1571 C CA  . ALA C 1 61 ? 14.774  -21.452 33.460  1.00 36.37 ? 61  ALA C CA  1 
ATOM   1572 C C   . ALA C 1 61 ? 13.645  -21.758 32.471  1.00 36.83 ? 61  ALA C C   1 
ATOM   1573 O O   . ALA C 1 61 ? 12.929  -22.747 32.630  1.00 38.88 ? 61  ALA C O   1 
ATOM   1574 C CB  . ALA C 1 61 ? 14.339  -20.393 34.483  1.00 34.12 ? 61  ALA C CB  1 
ATOM   1575 N N   . LEU C 1 62 ? 13.476  -20.935 31.450  1.00 38.72 ? 62  LEU C N   1 
ATOM   1576 C CA  . LEU C 1 62 ? 12.426  -21.205 30.466  1.00 42.98 ? 62  LEU C CA  1 
ATOM   1577 C C   . LEU C 1 62 ? 12.672  -22.610 29.881  1.00 45.60 ? 62  LEU C C   1 
ATOM   1578 O O   . LEU C 1 62 ? 11.755  -23.278 29.399  1.00 43.84 ? 62  LEU C O   1 
ATOM   1579 C CB  . LEU C 1 62 ? 12.470  -20.171 29.338  1.00 44.48 ? 62  LEU C CB  1 
ATOM   1580 C CG  . LEU C 1 62 ? 11.515  -18.980 29.369  1.00 46.55 ? 62  LEU C CG  1 
ATOM   1581 C CD1 . LEU C 1 62 ? 11.850  -18.105 30.534  1.00 48.79 ? 62  LEU C CD1 1 
ATOM   1582 C CD2 . LEU C 1 62 ? 11.637  -18.176 28.072  1.00 47.85 ? 62  LEU C CD2 1 
ATOM   1583 N N   . ARG C 1 63 ? 13.940  -23.016 29.956  1.00 48.66 ? 63  ARG C N   1 
ATOM   1584 C CA  . ARG C 1 63 ? 14.487  -24.296 29.498  1.00 51.28 ? 63  ARG C CA  1 
ATOM   1585 C C   . ARG C 1 63 ? 14.942  -24.197 28.050  1.00 52.78 ? 63  ARG C C   1 
ATOM   1586 O O   . ARG C 1 63 ? 16.141  -23.902 27.839  1.00 53.34 ? 63  ARG C O   1 
ATOM   1587 C CB  . ARG C 1 63 ? 13.484  -25.450 29.664  1.00 50.51 ? 63  ARG C CB  1 
ATOM   1588 C CG  . ARG C 1 63 ? 13.084  -25.731 31.111  1.00 50.44 ? 63  ARG C CG  1 
ATOM   1589 C CD  . ARG C 1 63 ? 14.303  -25.853 32.030  1.00 50.72 ? 63  ARG C CD  1 
ATOM   1590 N NE  . ARG C 1 63 ? 13.901  -26.120 33.413  1.00 51.98 ? 63  ARG C NE  1 
ATOM   1591 C CZ  . ARG C 1 63 ? 14.702  -26.035 34.478  1.00 53.77 ? 63  ARG C CZ  1 
ATOM   1592 N NH1 . ARG C 1 63 ? 15.977  -25.691 34.349  1.00 54.13 ? 63  ARG C NH1 1 
ATOM   1593 N NH2 . ARG C 1 63 ? 14.219  -26.279 35.692  1.00 54.32 ? 63  ARG C NH2 1 
HETATM 1594 O O   . HOH D 2 .  ? 17.672  12.646  -33.214 1.00 19.68 ? 77  HOH A O   1 
HETATM 1595 O O   . HOH D 2 .  ? 22.126  8.013   -19.323 1.00 17.86 ? 78  HOH A O   1 
HETATM 1596 O O   . HOH D 2 .  ? 18.760  4.873   -27.778 1.00 25.71 ? 79  HOH A O   1 
HETATM 1597 O O   . HOH D 2 .  ? 15.926  4.056   -25.831 1.00 23.05 ? 80  HOH A O   1 
HETATM 1598 O O   . HOH D 2 .  ? 18.671  4.821   -18.727 1.00 30.01 ? 81  HOH A O   1 
HETATM 1599 O O   . HOH D 2 .  ? 24.947  6.585   -13.195 1.00 29.26 ? 82  HOH A O   1 
HETATM 1600 O O   . HOH D 2 .  ? 11.328  9.228   -28.019 1.00 30.91 ? 83  HOH A O   1 
HETATM 1601 O O   . HOH D 2 .  ? 19.695  6.832   -20.378 1.00 26.24 ? 84  HOH A O   1 
HETATM 1602 O O   . HOH D 2 .  ? 20.127  7.693   -29.617 1.00 27.84 ? 85  HOH A O   1 
HETATM 1603 O O   . HOH D 2 .  ? 24.852  20.223  -23.816 1.00 30.81 ? 86  HOH A O   1 
HETATM 1604 O O   . HOH D 2 .  ? 21.701  20.738  -27.765 1.00 28.02 ? 87  HOH A O   1 
HETATM 1605 O O   . HOH D 2 .  ? 30.162  12.857  -33.504 1.00 31.18 ? 88  HOH A O   1 
HETATM 1606 O O   . HOH D 2 .  ? 30.828  5.431   -15.658 1.00 37.14 ? 89  HOH A O   1 
HETATM 1607 O O   . HOH D 2 .  ? 22.305  20.998  -25.056 1.00 30.18 ? 90  HOH A O   1 
HETATM 1608 O O   . HOH D 2 .  ? 25.150  13.488  -12.231 1.00 27.93 ? 91  HOH A O   1 
HETATM 1609 O O   . HOH D 2 .  ? 31.963  12.657  -28.903 1.00 41.18 ? 92  HOH A O   1 
HETATM 1610 O O   . HOH D 2 .  ? 25.609  1.604   -18.783 1.00 50.97 ? 93  HOH A O   1 
HETATM 1611 O O   . HOH D 2 .  ? 19.560  8.282   -8.687  1.00 43.44 ? 94  HOH A O   1 
HETATM 1612 O O   . HOH D 2 .  ? 10.002  9.530   -17.132 1.00 38.21 ? 95  HOH A O   1 
HETATM 1613 O O   . HOH D 2 .  ? 15.097  28.098  -24.061 1.00 49.14 ? 96  HOH A O   1 
HETATM 1614 O O   . HOH D 2 .  ? 28.568  21.984  -29.855 1.00 44.58 ? 97  HOH A O   1 
HETATM 1615 O O   . HOH D 2 .  ? 19.443  5.523   -10.429 1.00 34.33 ? 98  HOH A O   1 
HETATM 1616 O O   . HOH D 2 .  ? 19.199  7.645   -33.547 1.00 49.18 ? 99  HOH A O   1 
HETATM 1617 O O   . HOH D 2 .  ? 29.388  7.746   -15.983 1.00 39.80 ? 100 HOH A O   1 
HETATM 1618 O O   . HOH D 2 .  ? 26.784  4.066   -29.736 1.00 44.92 ? 101 HOH A O   1 
HETATM 1619 O O   . HOH D 2 .  ? 12.357  20.607  -24.716 1.00 38.96 ? 102 HOH A O   1 
HETATM 1620 O O   . HOH D 2 .  ? 14.799  3.847   -15.183 1.00 43.56 ? 103 HOH A O   1 
HETATM 1621 O O   . HOH D 2 .  ? 10.680  3.346   -19.334 1.00 36.16 ? 104 HOH A O   1 
HETATM 1622 O O   . HOH D 2 .  ? 32.965  17.007  -28.869 1.00 49.41 ? 105 HOH A O   1 
HETATM 1623 O O   . HOH D 2 .  ? 15.455  16.814  -10.729 1.00 52.60 ? 106 HOH A O   1 
HETATM 1624 O O   . HOH D 2 .  ? 18.168  20.662  -11.847 1.00 51.29 ? 107 HOH A O   1 
HETATM 1625 O O   . HOH D 2 .  ? 22.126  23.311  -29.107 1.00 45.51 ? 108 HOH A O   1 
HETATM 1626 O O   . HOH D 2 .  ? 24.042  20.548  -29.390 1.00 28.96 ? 109 HOH A O   1 
HETATM 1627 O O   . HOH D 2 .  ? 32.294  17.277  -24.473 1.00 46.78 ? 110 HOH A O   1 
HETATM 1628 O O   . HOH D 2 .  ? 15.272  27.009  -28.871 1.00 43.75 ? 111 HOH A O   1 
HETATM 1629 O O   . HOH D 2 .  ? 21.889  21.291  -33.614 1.00 69.92 ? 112 HOH A O   1 
HETATM 1630 O O   . HOH D 2 .  ? 25.524  2.216   -27.904 1.00 52.79 ? 113 HOH A O   1 
HETATM 1631 O O   . HOH D 2 .  ? 19.334  2.256   -28.804 1.00 42.45 ? 114 HOH A O   1 
HETATM 1632 O O   . HOH D 2 .  ? 24.186  22.027  -31.962 1.00 62.54 ? 115 HOH A O   1 
HETATM 1633 O O   . HOH D 2 .  ? 23.850  23.104  -22.794 1.00 43.94 ? 116 HOH A O   1 
HETATM 1634 O O   . HOH D 2 .  ? 22.711  -0.325  -21.311 1.00 59.78 ? 117 HOH A O   1 
HETATM 1635 O O   . HOH D 2 .  ? 16.434  6.402   -32.223 1.00 68.14 ? 118 HOH A O   1 
HETATM 1636 O O   . HOH D 2 .  ? 12.376  9.370   -34.123 1.00 42.67 ? 119 HOH A O   1 
HETATM 1637 O O   . HOH D 2 .  ? 23.147  7.507   -35.059 1.00 53.05 ? 120 HOH A O   1 
HETATM 1638 O O   . HOH D 2 .  ? 16.575  10.177  -34.342 1.00 41.83 ? 121 HOH A O   1 
HETATM 1639 O O   . HOH D 2 .  ? 12.498  27.549  -27.359 1.00 49.05 ? 122 HOH A O   1 
HETATM 1640 O O   . HOH D 2 .  ? 29.631  10.119  -34.249 1.00 47.47 ? 123 HOH A O   1 
HETATM 1641 O O   . HOH D 2 .  ? 27.284  3.091   -14.414 1.00 44.82 ? 124 HOH A O   1 
HETATM 1642 O O   . HOH D 2 .  ? 27.344  6.181   -14.594 1.00 45.84 ? 125 HOH A O   1 
HETATM 1643 O O   . HOH D 2 .  ? 33.041  7.165   -15.712 1.00 45.33 ? 126 HOH A O   1 
HETATM 1644 O O   . HOH D 2 .  ? 17.535  2.842   -21.078 1.00 36.29 ? 127 HOH A O   1 
HETATM 1645 O O   . HOH D 2 .  ? 6.709   10.590  -21.539 1.00 45.88 ? 128 HOH A O   1 
HETATM 1646 O O   . HOH D 2 .  ? 25.439  9.321   -34.983 1.00 47.07 ? 129 HOH A O   1 
HETATM 1647 O O   . HOH D 2 .  ? 23.227  -0.363  -18.408 1.00 50.61 ? 130 HOH A O   1 
HETATM 1648 O O   . HOH D 2 .  ? 20.077  25.809  -28.908 1.00 54.85 ? 131 HOH A O   1 
HETATM 1649 O O   . HOH D 2 .  ? 19.967  27.117  -15.910 1.00 53.08 ? 132 HOH A O   1 
HETATM 1650 O O   . HOH D 2 .  ? 15.082  5.074   -12.638 1.00 60.62 ? 133 HOH A O   1 
HETATM 1651 O O   . HOH D 2 .  ? 13.465  19.860  -18.399 1.00 52.44 ? 134 HOH A O   1 
HETATM 1652 O O   . HOH E 2 .  ? -36.726 0.853   -6.803  1.00 17.98 ? 77  HOH B O   1 
HETATM 1653 O O   . HOH E 2 .  ? -35.416 1.293   -4.287  1.00 24.99 ? 78  HOH B O   1 
HETATM 1654 O O   . HOH E 2 .  ? -37.141 1.188   -2.111  1.00 22.77 ? 79  HOH B O   1 
HETATM 1655 O O   . HOH E 2 .  ? -40.558 6.401   -0.180  1.00 25.71 ? 80  HOH B O   1 
HETATM 1656 O O   . HOH E 2 .  ? -30.553 4.570   -0.221  1.00 33.01 ? 81  HOH B O   1 
HETATM 1657 O O   . HOH E 2 .  ? -21.786 3.219   -7.198  1.00 29.59 ? 82  HOH B O   1 
HETATM 1658 O O   . HOH E 2 .  ? -27.846 5.795   -6.122  1.00 32.27 ? 83  HOH B O   1 
HETATM 1659 O O   . HOH E 2 .  ? -43.539 -0.099  -7.651  1.00 28.96 ? 84  HOH B O   1 
HETATM 1660 O O   . HOH E 2 .  ? -39.687 -2.666  1.318   1.00 39.76 ? 85  HOH B O   1 
HETATM 1661 O O   . HOH E 2 .  ? -29.827 6.296   -3.347  1.00 33.39 ? 86  HOH B O   1 
HETATM 1662 O O   . HOH E 2 .  ? -29.453 -4.519  -16.613 1.00 32.03 ? 87  HOH B O   1 
HETATM 1663 O O   . HOH E 2 .  ? -19.449 -0.361  -16.025 1.00 46.30 ? 88  HOH B O   1 
HETATM 1664 O O   . HOH E 2 .  ? -26.060 8.518   -17.667 1.00 40.70 ? 89  HOH B O   1 
HETATM 1665 O O   . HOH E 2 .  ? -32.773 1.288   -21.135 1.00 37.73 ? 90  HOH B O   1 
HETATM 1666 O O   . HOH E 2 .  ? -24.737 -3.619  -14.624 1.00 40.79 ? 91  HOH B O   1 
HETATM 1667 O O   . HOH E 2 .  ? -27.088 -5.119  -15.070 1.00 35.59 ? 92  HOH B O   1 
HETATM 1668 O O   . HOH E 2 .  ? -41.905 -5.452  -11.795 1.00 40.84 ? 93  HOH B O   1 
HETATM 1669 O O   . HOH E 2 .  ? -31.624 11.627  -10.270 1.00 51.84 ? 94  HOH B O   1 
HETATM 1670 O O   . HOH E 2 .  ? -44.640 4.134   -7.893  1.00 41.08 ? 95  HOH B O   1 
HETATM 1671 O O   . HOH E 2 .  ? -44.193 4.226   -12.229 1.00 39.23 ? 96  HOH B O   1 
HETATM 1672 O O   . HOH E 2 .  ? -24.653 0.361   -0.163  1.00 48.57 ? 97  HOH B O   1 
HETATM 1673 O O   . HOH E 2 .  ? -33.196 -6.789  2.161   1.00 38.88 ? 98  HOH B O   1 
HETATM 1674 O O   . HOH E 2 .  ? -41.203 6.813   -5.990  1.00 38.76 ? 99  HOH B O   1 
HETATM 1675 O O   . HOH E 2 .  ? -21.398 5.439   -5.479  1.00 51.85 ? 100 HOH B O   1 
HETATM 1676 O O   . HOH E 2 .  ? -24.279 -1.541  -16.706 1.00 35.89 ? 101 HOH B O   1 
HETATM 1677 O O   . HOH E 2 .  ? -44.788 0.792   -5.218  1.00 55.50 ? 102 HOH B O   1 
HETATM 1678 O O   . HOH E 2 .  ? -42.258 2.277   -12.384 1.00 43.92 ? 103 HOH B O   1 
HETATM 1679 O O   . HOH E 2 .  ? -31.468 -16.401 -15.815 1.00 51.08 ? 104 HOH B O   1 
HETATM 1680 O O   . HOH E 2 .  ? -39.399 -13.046 -13.431 1.00 69.94 ? 105 HOH B O   1 
HETATM 1681 O O   . HOH E 2 .  ? -22.601 -4.736  -16.445 1.00 54.40 ? 106 HOH B O   1 
HETATM 1682 O O   . HOH E 2 .  ? -26.891 -2.280  1.963   1.00 37.78 ? 107 HOH B O   1 
HETATM 1683 O O   . HOH E 2 .  ? -28.948 7.055   0.229   1.00 63.34 ? 108 HOH B O   1 
HETATM 1684 O O   . HOH E 2 .  ? -21.742 -4.763  -4.269  1.00 54.38 ? 109 HOH B O   1 
HETATM 1685 O O   . HOH E 2 .  ? -33.437 11.085  -7.920  1.00 56.52 ? 110 HOH B O   1 
HETATM 1686 O O   . HOH E 2 .  ? -21.624 -1.485  -17.287 1.00 47.25 ? 111 HOH B O   1 
HETATM 1687 O O   . HOH E 2 .  ? -19.661 -2.662  -14.551 1.00 38.72 ? 112 HOH B O   1 
HETATM 1688 O O   . HOH E 2 .  ? -17.814 -14.079 -6.142  1.00 48.17 ? 113 HOH B O   1 
HETATM 1689 O O   . HOH E 2 .  ? -22.557 6.571   -18.929 1.00 54.87 ? 114 HOH B O   1 
HETATM 1690 O O   . HOH E 2 .  ? -41.851 -4.847  0.343   1.00 71.80 ? 115 HOH B O   1 
HETATM 1691 O O   . HOH E 2 .  ? -29.954 1.584   3.005   1.00 56.73 ? 116 HOH B O   1 
HETATM 1692 O O   . HOH E 2 .  ? -44.191 -3.914  -2.841  1.00 40.15 ? 117 HOH B O   1 
HETATM 1693 O O   . HOH E 2 .  ? -24.718 10.146  -11.575 1.00 52.20 ? 118 HOH B O   1 
HETATM 1694 O O   . HOH E 2 .  ? -24.767 -16.653 -9.421  1.00 56.30 ? 119 HOH B O   1 
HETATM 1695 O O   . HOH E 2 .  ? -25.097 -1.222  -21.235 1.00 42.56 ? 120 HOH B O   1 
HETATM 1696 O O   . HOH E 2 .  ? -29.704 7.389   -19.021 1.00 59.12 ? 121 HOH B O   1 
HETATM 1697 O O   . HOH E 2 .  ? -23.991 -14.454 -11.588 1.00 36.54 ? 122 HOH B O   1 
HETATM 1698 O O   . HOH E 2 .  ? -17.989 -10.578 -13.044 1.00 59.30 ? 123 HOH B O   1 
HETATM 1699 O O   . HOH E 2 .  ? -46.391 -1.271  -3.885  1.00 61.41 ? 124 HOH B O   1 
HETATM 1700 O O   . HOH E 2 .  ? -21.101 -0.871  -0.905  1.00 66.62 ? 125 HOH B O   1 
HETATM 1701 O O   . HOH E 2 .  ? -30.161 -11.535 -2.752  1.00 62.69 ? 126 HOH B O   1 
HETATM 1702 O O   . HOH E 2 .  ? -26.820 6.978   2.264   1.00 57.28 ? 127 HOH B O   1 
HETATM 1703 O O   . HOH E 2 .  ? -43.602 2.093   -9.612  1.00 56.43 ? 128 HOH B O   1 
HETATM 1704 O O   . HOH E 2 .  ? -29.886 -11.699 -6.794  1.00 53.93 ? 129 HOH B O   1 
HETATM 1705 O O   . HOH E 2 .  ? -26.501 8.112   -4.925  1.00 58.78 ? 130 HOH B O   1 
HETATM 1706 O O   . HOH E 2 .  ? -28.103 -10.663 2.030   1.00 59.30 ? 131 HOH B O   1 
HETATM 1707 O O   . HOH E 2 .  ? -39.236 -6.548  2.938   1.00 47.43 ? 132 HOH B O   1 
HETATM 1708 O O   . HOH F 2 .  ? 4.419   -10.359 35.449  1.00 23.10 ? 77  HOH C O   1 
HETATM 1709 O O   . HOH F 2 .  ? 19.380  -7.383  35.763  1.00 28.73 ? 78  HOH C O   1 
HETATM 1710 O O   . HOH F 2 .  ? 10.071  -6.809  42.527  1.00 26.94 ? 79  HOH C O   1 
HETATM 1711 O O   . HOH F 2 .  ? -2.377  -11.476 33.915  1.00 36.65 ? 80  HOH C O   1 
HETATM 1712 O O   . HOH F 2 .  ? 10.881  -4.962  39.660  1.00 35.19 ? 81  HOH C O   1 
HETATM 1713 O O   . HOH F 2 .  ? 3.216   -10.423 39.938  1.00 35.35 ? 82  HOH C O   1 
HETATM 1714 O O   . HOH F 2 .  ? 13.269  -5.304  36.950  1.00 31.31 ? 83  HOH C O   1 
HETATM 1715 O O   . HOH F 2 .  ? 0.008   -4.890  36.518  1.00 37.05 ? 84  HOH C O   1 
HETATM 1716 O O   . HOH F 2 .  ? 17.826  -20.078 36.163  1.00 46.50 ? 85  HOH C O   1 
HETATM 1717 O O   . HOH F 2 .  ? 12.539  -14.886 25.892  1.00 32.72 ? 86  HOH C O   1 
HETATM 1718 O O   . HOH F 2 .  ? 16.168  -10.806 43.084  1.00 44.86 ? 87  HOH C O   1 
HETATM 1719 O O   . HOH F 2 .  ? 20.727  -18.036 26.676  1.00 45.50 ? 88  HOH C O   1 
HETATM 1720 O O   . HOH F 2 .  ? 0.188   -16.439 29.075  1.00 35.89 ? 89  HOH C O   1 
HETATM 1721 O O   . HOH F 2 .  ? 9.058   -5.740  46.156  1.00 48.86 ? 90  HOH C O   1 
HETATM 1722 O O   . HOH F 2 .  ? -2.147  -9.283  32.251  1.00 49.93 ? 91  HOH C O   1 
HETATM 1723 O O   . HOH F 2 .  ? 15.052  -1.346  25.902  1.00 40.31 ? 92  HOH C O   1 
HETATM 1724 O O   . HOH F 2 .  ? 13.888  -13.656 44.515  1.00 42.90 ? 93  HOH C O   1 
HETATM 1725 O O   . HOH F 2 .  ? 13.406  -4.265  42.814  1.00 52.09 ? 94  HOH C O   1 
HETATM 1726 O O   . HOH F 2 .  ? 18.341  -25.760 33.423  1.00 57.73 ? 95  HOH C O   1 
HETATM 1727 O O   . HOH F 2 .  ? 25.702  -3.880  35.424  1.00 53.70 ? 96  HOH C O   1 
HETATM 1728 O O   . HOH F 2 .  ? 16.345  -0.590  32.018  1.00 46.11 ? 97  HOH C O   1 
HETATM 1729 O O   . HOH F 2 .  ? 18.050  -22.990 26.451  1.00 52.04 ? 98  HOH C O   1 
HETATM 1730 O O   . HOH F 2 .  ? 1.980   -8.766  43.227  1.00 41.83 ? 99  HOH C O   1 
HETATM 1731 O O   . HOH F 2 .  ? 9.467   0.358   33.151  1.00 51.94 ? 100 HOH C O   1 
HETATM 1732 O O   . HOH F 2 .  ? 7.865   0.073   35.804  1.00 58.50 ? 101 HOH C O   1 
HETATM 1733 O O   . HOH F 2 .  ? 21.811  -12.767 27.874  1.00 50.03 ? 102 HOH C O   1 
HETATM 1734 O O   . HOH F 2 .  ? 19.992  -11.412 25.944  1.00 52.73 ? 103 HOH C O   1 
HETATM 1735 O O   . HOH F 2 .  ? 18.990  -16.096 39.786  1.00 48.55 ? 104 HOH C O   1 
HETATM 1736 O O   . HOH F 2 .  ? 16.610  -4.702  40.275  1.00 50.66 ? 105 HOH C O   1 
HETATM 1737 O O   . HOH F 2 .  ? 5.049   -21.864 25.858  1.00 57.87 ? 106 HOH C O   1 
HETATM 1738 O O   . HOH F 2 .  ? 5.645   -10.184 37.995  1.00 30.83 ? 107 HOH C O   1 
HETATM 1739 O O   . HOH F 2 .  ? 8.814   -9.026  21.497  1.00 44.74 ? 108 HOH C O   1 
HETATM 1740 O O   . HOH F 2 .  ? 17.300  -12.171 26.249  1.00 36.98 ? 109 HOH C O   1 
HETATM 1741 O O   . HOH F 2 .  ? 22.816  -10.302 26.849  1.00 86.28 ? 110 HOH C O   1 
HETATM 1742 O O   . HOH F 2 .  ? 7.790   1.438   26.216  1.00 51.24 ? 111 HOH C O   1 
HETATM 1743 O O   . HOH F 2 .  ? 4.773   -8.441  41.862  1.00 59.47 ? 112 HOH C O   1 
HETATM 1744 O O   . HOH F 2 .  ? -0.909  -8.380  29.540  1.00 56.15 ? 113 HOH C O   1 
HETATM 1745 O O   . HOH F 2 .  ? 16.945  -10.102 21.522  1.00 50.24 ? 114 HOH C O   1 
HETATM 1746 O O   . HOH F 2 .  ? 0.104   -2.302  34.816  1.00 53.96 ? 115 HOH C O   1 
HETATM 1747 O O   . HOH F 2 .  ? 5.161   0.896   33.204  1.00 54.31 ? 116 HOH C O   1 
HETATM 1748 O O   . HOH F 2 .  ? 7.435   -18.568 44.351  1.00 50.98 ? 117 HOH C O   1 
HETATM 1749 O O   . HOH F 2 .  ? 12.006  -5.511  21.236  1.00 45.94 ? 118 HOH C O   1 
HETATM 1750 O O   . HOH F 2 .  ? 20.043  -21.337 28.095  1.00 60.51 ? 119 HOH C O   1 
HETATM 1751 O O   . HOH F 2 .  ? 0.857   -24.864 31.525  1.00 63.21 ? 120 HOH C O   1 
HETATM 1752 O O   . HOH F 2 .  ? 11.200  -6.161  48.261  1.00 49.04 ? 121 HOH C O   1 
HETATM 1753 O O   . HOH F 2 .  ? 19.358  -2.818  24.643  1.00 49.30 ? 122 HOH C O   1 
HETATM 1754 O O   . HOH F 2 .  ? -2.542  -15.403 30.906  1.00 48.33 ? 123 HOH C O   1 
HETATM 1755 O O   . HOH F 2 .  ? -4.488  -10.810 35.656  1.00 54.01 ? 124 HOH C O   1 
# 
